data_5ML6
# 
_entry.id   5ML6 
# 
_audit_conform.dict_name       mmcif_pdbx.dic 
_audit_conform.dict_version    5.383 
_audit_conform.dict_location   http://mmcif.pdb.org/dictionaries/ascii/mmcif_pdbx.dic 
# 
loop_
_database_2.database_id 
_database_2.database_code 
_database_2.pdbx_database_accession 
_database_2.pdbx_DOI 
PDB   5ML6         pdb_00005ml6 10.2210/pdb5ml6/pdb 
WWPDB D_1200002636 ?            ?                   
# 
loop_
_pdbx_audit_revision_history.ordinal 
_pdbx_audit_revision_history.data_content_type 
_pdbx_audit_revision_history.major_revision 
_pdbx_audit_revision_history.minor_revision 
_pdbx_audit_revision_history.revision_date 
1 'Structure model' 1 0 2017-02-01 
2 'Structure model' 1 1 2017-02-22 
3 'Structure model' 1 2 2024-01-17 
# 
_pdbx_audit_revision_details.ordinal             1 
_pdbx_audit_revision_details.revision_ordinal    1 
_pdbx_audit_revision_details.data_content_type   'Structure model' 
_pdbx_audit_revision_details.provider            repository 
_pdbx_audit_revision_details.type                'Initial release' 
_pdbx_audit_revision_details.description         ? 
_pdbx_audit_revision_details.details             ? 
# 
loop_
_pdbx_audit_revision_group.ordinal 
_pdbx_audit_revision_group.revision_ordinal 
_pdbx_audit_revision_group.data_content_type 
_pdbx_audit_revision_group.group 
1 2 'Structure model' 'Database references'        
2 3 'Structure model' 'Author supporting evidence' 
3 3 'Structure model' 'Data collection'            
4 3 'Structure model' 'Database references'        
5 3 'Structure model' 'Refinement description'     
# 
loop_
_pdbx_audit_revision_category.ordinal 
_pdbx_audit_revision_category.revision_ordinal 
_pdbx_audit_revision_category.data_content_type 
_pdbx_audit_revision_category.category 
1 3 'Structure model' chem_comp_atom                
2 3 'Structure model' chem_comp_bond                
3 3 'Structure model' database_2                    
4 3 'Structure model' pdbx_audit_support            
5 3 'Structure model' pdbx_initial_refinement_model 
# 
loop_
_pdbx_audit_revision_item.ordinal 
_pdbx_audit_revision_item.revision_ordinal 
_pdbx_audit_revision_item.data_content_type 
_pdbx_audit_revision_item.item 
1 3 'Structure model' '_database_2.pdbx_DOI'                     
2 3 'Structure model' '_database_2.pdbx_database_accession'      
3 3 'Structure model' '_pdbx_audit_support.funding_organization' 
# 
_pdbx_database_status.status_code                     REL 
_pdbx_database_status.status_code_sf                  REL 
_pdbx_database_status.status_code_mr                  ? 
_pdbx_database_status.entry_id                        5ML6 
_pdbx_database_status.recvd_initial_deposition_date   2016-12-06 
_pdbx_database_status.SG_entry                        N 
_pdbx_database_status.deposit_site                    PDBE 
_pdbx_database_status.process_site                    PDBE 
_pdbx_database_status.status_code_cs                  ? 
_pdbx_database_status.methods_development_category    ? 
_pdbx_database_status.pdb_format_compatible           Y 
_pdbx_database_status.status_code_nmr_data            ? 
# 
loop_
_audit_author.name 
_audit_author.pdbx_ordinal 
_audit_author.identifier_ORCID 
'Fansa, E.K.'      1 ? 
'Martin-gago, P.'  2 ? 
'Waldmann, H.'     3 ? 
'Wittinghofer, A.' 4 ? 
# 
_citation.abstract                  ? 
_citation.abstract_id_CAS           ? 
_citation.book_id_ISBN              ? 
_citation.book_publisher            ? 
_citation.book_publisher_city       ? 
_citation.book_title                ? 
_citation.coordinate_linkage        ? 
_citation.country                   GE 
_citation.database_id_Medline       ? 
_citation.details                   ? 
_citation.id                        primary 
_citation.journal_abbrev            'Angew. Chem. Int. Ed. Engl.' 
_citation.journal_id_ASTM           ACIEAY 
_citation.journal_id_CSD            0179 
_citation.journal_id_ISSN           1521-3773 
_citation.journal_full              ? 
_citation.journal_issue             ? 
_citation.journal_volume            56 
_citation.language                  ? 
_citation.page_first                2423 
_citation.page_last                 2428 
_citation.title                     
;A PDE6 delta-KRas Inhibitor Chemotype with up to Seven H-Bonds and Picomolar Affinity that Prevents Efficient Inhibitor Release by Arl2.
;
_citation.year                      2017 
_citation.database_id_CSD           ? 
_citation.pdbx_database_id_DOI      10.1002/anie.201610957 
_citation.pdbx_database_id_PubMed   28106325 
_citation.unpublished_flag          ? 
# 
loop_
_citation_author.citation_id 
_citation_author.name 
_citation_author.ordinal 
_citation_author.identifier_ORCID 
primary 'Martin-Gago, P.'        1  ? 
primary 'Fansa, E.K.'            2  ? 
primary 'Klein, C.H.'            3  ? 
primary 'Murarka, S.'            4  ? 
primary 'Janning, P.'            5  ? 
primary 'Schurmann, M.'          6  ? 
primary 'Metz, M.'               7  ? 
primary 'Ismail, S.'             8  ? 
primary 'Schultz-Fademrecht, C.' 9  ? 
primary 'Baumann, M.'            10 ? 
primary 'Bastiaens, P.I.'        11 ? 
primary 'Wittinghofer, A.'       12 ? 
primary 'Waldmann, H.'           13 ? 
# 
loop_
_entity.id 
_entity.type 
_entity.src_method 
_entity.pdbx_description 
_entity.formula_weight 
_entity.pdbx_number_of_molecules 
_entity.pdbx_ec 
_entity.pdbx_mutation 
_entity.pdbx_fragment 
_entity.details 
1 polymer     man 
;Retinal rod rhodopsin-sensitive cGMP 3',5'-cyclic phosphodiesterase subunit delta
;
17309.793 1  ? ? ? ? 
2 non-polymer syn 
'2-azanyl-4-[[[4-[(4-chlorophenyl)methyl-cyclopentyl-sulfamoyl]phenyl]sulfonyl-(piperidin-4-ylmethyl)amino]methyl]benzoic acid' 
675.258   1  ? ? ? ? 
3 water       nat water 18.015    99 ? ? ? ? 
# 
_entity_name_com.entity_id   1 
_entity_name_com.name        'GMP-PDE delta,Protein p17' 
# 
_entity_poly.entity_id                      1 
_entity_poly.type                           'polypeptide(L)' 
_entity_poly.nstd_linkage                   no 
_entity_poly.nstd_monomer                   no 
_entity_poly.pdbx_seq_one_letter_code       
;SAKDERAREILRGFKLNWMNLRDAETGKILWQGTEDLSVPGVEHEARVPKKILKCKAVSRELNFSSTEQMEKFRLEQKVY
FKGQCLEEWFFEFGFVIPNSTNTWQSLIEAAPESQMMPASVLTGNVIIETKFFDDDLLVSTSRVRLFYV
;
_entity_poly.pdbx_seq_one_letter_code_can   
;SAKDERAREILRGFKLNWMNLRDAETGKILWQGTEDLSVPGVEHEARVPKKILKCKAVSRELNFSSTEQMEKFRLEQKVY
FKGQCLEEWFFEFGFVIPNSTNTWQSLIEAAPESQMMPASVLTGNVIIETKFFDDDLLVSTSRVRLFYV
;
_entity_poly.pdbx_strand_id                 B 
_entity_poly.pdbx_target_identifier         ? 
# 
loop_
_pdbx_entity_nonpoly.entity_id 
_pdbx_entity_nonpoly.name 
_pdbx_entity_nonpoly.comp_id 
2 '2-azanyl-4-[[[4-[(4-chlorophenyl)methyl-cyclopentyl-sulfamoyl]phenyl]sulfonyl-(piperidin-4-ylmethyl)amino]methyl]benzoic acid' 
9GD 
3 water                                                                                                                           
HOH 
# 
loop_
_entity_poly_seq.entity_id 
_entity_poly_seq.num 
_entity_poly_seq.mon_id 
_entity_poly_seq.hetero 
1 1   SER n 
1 2   ALA n 
1 3   LYS n 
1 4   ASP n 
1 5   GLU n 
1 6   ARG n 
1 7   ALA n 
1 8   ARG n 
1 9   GLU n 
1 10  ILE n 
1 11  LEU n 
1 12  ARG n 
1 13  GLY n 
1 14  PHE n 
1 15  LYS n 
1 16  LEU n 
1 17  ASN n 
1 18  TRP n 
1 19  MET n 
1 20  ASN n 
1 21  LEU n 
1 22  ARG n 
1 23  ASP n 
1 24  ALA n 
1 25  GLU n 
1 26  THR n 
1 27  GLY n 
1 28  LYS n 
1 29  ILE n 
1 30  LEU n 
1 31  TRP n 
1 32  GLN n 
1 33  GLY n 
1 34  THR n 
1 35  GLU n 
1 36  ASP n 
1 37  LEU n 
1 38  SER n 
1 39  VAL n 
1 40  PRO n 
1 41  GLY n 
1 42  VAL n 
1 43  GLU n 
1 44  HIS n 
1 45  GLU n 
1 46  ALA n 
1 47  ARG n 
1 48  VAL n 
1 49  PRO n 
1 50  LYS n 
1 51  LYS n 
1 52  ILE n 
1 53  LEU n 
1 54  LYS n 
1 55  CYS n 
1 56  LYS n 
1 57  ALA n 
1 58  VAL n 
1 59  SER n 
1 60  ARG n 
1 61  GLU n 
1 62  LEU n 
1 63  ASN n 
1 64  PHE n 
1 65  SER n 
1 66  SER n 
1 67  THR n 
1 68  GLU n 
1 69  GLN n 
1 70  MET n 
1 71  GLU n 
1 72  LYS n 
1 73  PHE n 
1 74  ARG n 
1 75  LEU n 
1 76  GLU n 
1 77  GLN n 
1 78  LYS n 
1 79  VAL n 
1 80  TYR n 
1 81  PHE n 
1 82  LYS n 
1 83  GLY n 
1 84  GLN n 
1 85  CYS n 
1 86  LEU n 
1 87  GLU n 
1 88  GLU n 
1 89  TRP n 
1 90  PHE n 
1 91  PHE n 
1 92  GLU n 
1 93  PHE n 
1 94  GLY n 
1 95  PHE n 
1 96  VAL n 
1 97  ILE n 
1 98  PRO n 
1 99  ASN n 
1 100 SER n 
1 101 THR n 
1 102 ASN n 
1 103 THR n 
1 104 TRP n 
1 105 GLN n 
1 106 SER n 
1 107 LEU n 
1 108 ILE n 
1 109 GLU n 
1 110 ALA n 
1 111 ALA n 
1 112 PRO n 
1 113 GLU n 
1 114 SER n 
1 115 GLN n 
1 116 MET n 
1 117 MET n 
1 118 PRO n 
1 119 ALA n 
1 120 SER n 
1 121 VAL n 
1 122 LEU n 
1 123 THR n 
1 124 GLY n 
1 125 ASN n 
1 126 VAL n 
1 127 ILE n 
1 128 ILE n 
1 129 GLU n 
1 130 THR n 
1 131 LYS n 
1 132 PHE n 
1 133 PHE n 
1 134 ASP n 
1 135 ASP n 
1 136 ASP n 
1 137 LEU n 
1 138 LEU n 
1 139 VAL n 
1 140 SER n 
1 141 THR n 
1 142 SER n 
1 143 ARG n 
1 144 VAL n 
1 145 ARG n 
1 146 LEU n 
1 147 PHE n 
1 148 TYR n 
1 149 VAL n 
# 
_entity_src_gen.entity_id                          1 
_entity_src_gen.pdbx_src_id                        1 
_entity_src_gen.pdbx_alt_source_flag               sample 
_entity_src_gen.pdbx_seq_type                      'Biological sequence' 
_entity_src_gen.pdbx_beg_seq_num                   1 
_entity_src_gen.pdbx_end_seq_num                   149 
_entity_src_gen.gene_src_common_name               Human 
_entity_src_gen.gene_src_genus                     ? 
_entity_src_gen.pdbx_gene_src_gene                 'PDE6D, PDED' 
_entity_src_gen.gene_src_species                   ? 
_entity_src_gen.gene_src_strain                    ? 
_entity_src_gen.gene_src_tissue                    ? 
_entity_src_gen.gene_src_tissue_fraction           ? 
_entity_src_gen.gene_src_details                   ? 
_entity_src_gen.pdbx_gene_src_fragment             ? 
_entity_src_gen.pdbx_gene_src_scientific_name      'Homo sapiens' 
_entity_src_gen.pdbx_gene_src_ncbi_taxonomy_id     9606 
_entity_src_gen.pdbx_gene_src_variant              ? 
_entity_src_gen.pdbx_gene_src_cell_line            ? 
_entity_src_gen.pdbx_gene_src_atcc                 ? 
_entity_src_gen.pdbx_gene_src_organ                ? 
_entity_src_gen.pdbx_gene_src_organelle            ? 
_entity_src_gen.pdbx_gene_src_cell                 ? 
_entity_src_gen.pdbx_gene_src_cellular_location    ? 
_entity_src_gen.host_org_common_name               ? 
_entity_src_gen.pdbx_host_org_scientific_name      'Escherichia coli' 
_entity_src_gen.pdbx_host_org_ncbi_taxonomy_id     562 
_entity_src_gen.host_org_genus                     ? 
_entity_src_gen.pdbx_host_org_gene                 ? 
_entity_src_gen.pdbx_host_org_organ                ? 
_entity_src_gen.host_org_species                   ? 
_entity_src_gen.pdbx_host_org_tissue               ? 
_entity_src_gen.pdbx_host_org_tissue_fraction      ? 
_entity_src_gen.pdbx_host_org_strain               ? 
_entity_src_gen.pdbx_host_org_variant              ? 
_entity_src_gen.pdbx_host_org_cell_line            ? 
_entity_src_gen.pdbx_host_org_atcc                 ? 
_entity_src_gen.pdbx_host_org_culture_collection   ? 
_entity_src_gen.pdbx_host_org_cell                 ? 
_entity_src_gen.pdbx_host_org_organelle            ? 
_entity_src_gen.pdbx_host_org_cellular_location    ? 
_entity_src_gen.pdbx_host_org_vector_type          ? 
_entity_src_gen.pdbx_host_org_vector               ? 
_entity_src_gen.host_org_details                   ? 
_entity_src_gen.expression_system_id               ? 
_entity_src_gen.plasmid_name                       ? 
_entity_src_gen.plasmid_details                    ? 
_entity_src_gen.pdbx_description                   ? 
# 
loop_
_chem_comp.id 
_chem_comp.type 
_chem_comp.mon_nstd_flag 
_chem_comp.name 
_chem_comp.pdbx_synonyms 
_chem_comp.formula 
_chem_comp.formula_weight 
9GD non-polymer         . 
'2-azanyl-4-[[[4-[(4-chlorophenyl)methyl-cyclopentyl-sulfamoyl]phenyl]sulfonyl-(piperidin-4-ylmethyl)amino]methyl]benzoic acid' ? 
'C32 H39 Cl N4 O6 S2' 675.258 
ALA 'L-peptide linking' y ALANINE ? 'C3 H7 N O2'          89.093  
ARG 'L-peptide linking' y ARGININE ? 'C6 H15 N4 O2 1'      175.209 
ASN 'L-peptide linking' y ASPARAGINE ? 'C4 H8 N2 O3'         132.118 
ASP 'L-peptide linking' y 'ASPARTIC ACID' ? 'C4 H7 N O4'          133.103 
CYS 'L-peptide linking' y CYSTEINE ? 'C3 H7 N O2 S'        121.158 
GLN 'L-peptide linking' y GLUTAMINE ? 'C5 H10 N2 O3'        146.144 
GLU 'L-peptide linking' y 'GLUTAMIC ACID' ? 'C5 H9 N O4'          147.129 
GLY 'peptide linking'   y GLYCINE ? 'C2 H5 N O2'          75.067  
HIS 'L-peptide linking' y HISTIDINE ? 'C6 H10 N3 O2 1'      156.162 
HOH non-polymer         . WATER ? 'H2 O'                18.015  
ILE 'L-peptide linking' y ISOLEUCINE ? 'C6 H13 N O2'         131.173 
LEU 'L-peptide linking' y LEUCINE ? 'C6 H13 N O2'         131.173 
LYS 'L-peptide linking' y LYSINE ? 'C6 H15 N2 O2 1'      147.195 
MET 'L-peptide linking' y METHIONINE ? 'C5 H11 N O2 S'       149.211 
PHE 'L-peptide linking' y PHENYLALANINE ? 'C9 H11 N O2'         165.189 
PRO 'L-peptide linking' y PROLINE ? 'C5 H9 N O2'          115.130 
SER 'L-peptide linking' y SERINE ? 'C3 H7 N O3'          105.093 
THR 'L-peptide linking' y THREONINE ? 'C4 H9 N O3'          119.119 
TRP 'L-peptide linking' y TRYPTOPHAN ? 'C11 H12 N2 O2'       204.225 
TYR 'L-peptide linking' y TYROSINE ? 'C9 H11 N O3'         181.189 
VAL 'L-peptide linking' y VALINE ? 'C5 H11 N O2'         117.146 
# 
loop_
_pdbx_poly_seq_scheme.asym_id 
_pdbx_poly_seq_scheme.entity_id 
_pdbx_poly_seq_scheme.seq_id 
_pdbx_poly_seq_scheme.mon_id 
_pdbx_poly_seq_scheme.ndb_seq_num 
_pdbx_poly_seq_scheme.pdb_seq_num 
_pdbx_poly_seq_scheme.auth_seq_num 
_pdbx_poly_seq_scheme.pdb_mon_id 
_pdbx_poly_seq_scheme.auth_mon_id 
_pdbx_poly_seq_scheme.pdb_strand_id 
_pdbx_poly_seq_scheme.pdb_ins_code 
_pdbx_poly_seq_scheme.hetero 
A 1 1   SER 1   2   2   SER SER B . n 
A 1 2   ALA 2   3   3   ALA ALA B . n 
A 1 3   LYS 3   4   4   LYS LYS B . n 
A 1 4   ASP 4   5   5   ASP ASP B . n 
A 1 5   GLU 5   6   6   GLU GLU B . n 
A 1 6   ARG 6   7   7   ARG ARG B . n 
A 1 7   ALA 7   8   8   ALA ALA B . n 
A 1 8   ARG 8   9   9   ARG ARG B . n 
A 1 9   GLU 9   10  10  GLU GLU B . n 
A 1 10  ILE 10  11  11  ILE ILE B . n 
A 1 11  LEU 11  12  12  LEU LEU B . n 
A 1 12  ARG 12  13  13  ARG ARG B . n 
A 1 13  GLY 13  14  14  GLY GLY B . n 
A 1 14  PHE 14  15  15  PHE PHE B . n 
A 1 15  LYS 15  16  16  LYS LYS B . n 
A 1 16  LEU 16  17  17  LEU LEU B . n 
A 1 17  ASN 17  18  18  ASN ASN B . n 
A 1 18  TRP 18  19  19  TRP TRP B . n 
A 1 19  MET 19  20  20  MET MET B . n 
A 1 20  ASN 20  21  21  ASN ASN B . n 
A 1 21  LEU 21  22  22  LEU LEU B . n 
A 1 22  ARG 22  23  23  ARG ARG B . n 
A 1 23  ASP 23  24  24  ASP ASP B . n 
A 1 24  ALA 24  25  25  ALA ALA B . n 
A 1 25  GLU 25  26  26  GLU ALA B . n 
A 1 26  THR 26  27  27  THR THR B . n 
A 1 27  GLY 27  28  28  GLY GLY B . n 
A 1 28  LYS 28  29  29  LYS LYS B . n 
A 1 29  ILE 29  30  30  ILE ILE B . n 
A 1 30  LEU 30  31  31  LEU LEU B . n 
A 1 31  TRP 31  32  32  TRP TRP B . n 
A 1 32  GLN 32  33  33  GLN GLN B . n 
A 1 33  GLY 33  34  34  GLY GLY B . n 
A 1 34  THR 34  35  35  THR THR B . n 
A 1 35  GLU 35  36  36  GLU GLU B . n 
A 1 36  ASP 36  37  37  ASP ASP B . n 
A 1 37  LEU 37  38  38  LEU LEU B . n 
A 1 38  SER 38  39  39  SER SER B . n 
A 1 39  VAL 39  40  40  VAL VAL B . n 
A 1 40  PRO 40  41  41  PRO PRO B . n 
A 1 41  GLY 41  42  42  GLY GLY B . n 
A 1 42  VAL 42  43  43  VAL VAL B . n 
A 1 43  GLU 43  44  44  GLU GLU B . n 
A 1 44  HIS 44  45  45  HIS HIS B . n 
A 1 45  GLU 45  46  46  GLU GLU B . n 
A 1 46  ALA 46  47  47  ALA ALA B . n 
A 1 47  ARG 47  48  48  ARG ARG B . n 
A 1 48  VAL 48  49  49  VAL VAL B . n 
A 1 49  PRO 49  50  50  PRO PRO B . n 
A 1 50  LYS 50  51  51  LYS LYS B . n 
A 1 51  LYS 51  52  52  LYS LYS B . n 
A 1 52  ILE 52  53  53  ILE ILE B . n 
A 1 53  LEU 53  54  54  LEU LEU B . n 
A 1 54  LYS 54  55  55  LYS LYS B . n 
A 1 55  CYS 55  56  56  CYS CYS B . n 
A 1 56  LYS 56  57  57  LYS LYS B . n 
A 1 57  ALA 57  58  58  ALA ALA B . n 
A 1 58  VAL 58  59  59  VAL VAL B . n 
A 1 59  SER 59  60  60  SER SER B . n 
A 1 60  ARG 60  61  61  ARG ARG B . n 
A 1 61  GLU 61  62  62  GLU GLU B . n 
A 1 62  LEU 62  63  63  LEU LEU B . n 
A 1 63  ASN 63  64  64  ASN ASN B . n 
A 1 64  PHE 64  65  65  PHE PHE B . n 
A 1 65  SER 65  66  66  SER SER B . n 
A 1 66  SER 66  67  67  SER SER B . n 
A 1 67  THR 67  68  68  THR THR B . n 
A 1 68  GLU 68  69  69  GLU GLU B . n 
A 1 69  GLN 69  70  70  GLN GLN B . n 
A 1 70  MET 70  71  71  MET MET B . n 
A 1 71  GLU 71  72  72  GLU GLU B . n 
A 1 72  LYS 72  73  73  LYS LYS B . n 
A 1 73  PHE 73  74  74  PHE PHE B . n 
A 1 74  ARG 74  75  75  ARG ARG B . n 
A 1 75  LEU 75  76  76  LEU LEU B . n 
A 1 76  GLU 76  77  77  GLU GLU B . n 
A 1 77  GLN 77  78  78  GLN GLN B . n 
A 1 78  LYS 78  79  79  LYS LYS B . n 
A 1 79  VAL 79  80  80  VAL VAL B . n 
A 1 80  TYR 80  81  81  TYR TYR B . n 
A 1 81  PHE 81  82  82  PHE PHE B . n 
A 1 82  LYS 82  83  83  LYS LYS B . n 
A 1 83  GLY 83  84  84  GLY GLY B . n 
A 1 84  GLN 84  85  85  GLN GLN B . n 
A 1 85  CYS 85  86  86  CYS CYS B . n 
A 1 86  LEU 86  87  87  LEU LEU B . n 
A 1 87  GLU 87  88  88  GLU GLU B . n 
A 1 88  GLU 88  89  89  GLU GLU B . n 
A 1 89  TRP 89  90  90  TRP TRP B . n 
A 1 90  PHE 90  91  91  PHE PHE B . n 
A 1 91  PHE 91  92  92  PHE PHE B . n 
A 1 92  GLU 92  93  93  GLU GLU B . n 
A 1 93  PHE 93  94  94  PHE PHE B . n 
A 1 94  GLY 94  95  95  GLY GLY B . n 
A 1 95  PHE 95  96  96  PHE PHE B . n 
A 1 96  VAL 96  97  97  VAL VAL B . n 
A 1 97  ILE 97  98  98  ILE ILE B . n 
A 1 98  PRO 98  99  99  PRO PRO B . n 
A 1 99  ASN 99  100 100 ASN ASN B . n 
A 1 100 SER 100 101 101 SER SER B . n 
A 1 101 THR 101 102 102 THR THR B . n 
A 1 102 ASN 102 103 103 ASN ASN B . n 
A 1 103 THR 103 104 104 THR THR B . n 
A 1 104 TRP 104 105 105 TRP TRP B . n 
A 1 105 GLN 105 106 106 GLN GLN B . n 
A 1 106 SER 106 107 107 SER SER B . n 
A 1 107 LEU 107 108 108 LEU LEU B . n 
A 1 108 ILE 108 109 109 ILE ILE B . n 
A 1 109 GLU 109 110 110 GLU GLU B . n 
A 1 110 ALA 110 111 ?   ?   ?   B . n 
A 1 111 ALA 111 112 ?   ?   ?   B . n 
A 1 112 PRO 112 113 ?   ?   ?   B . n 
A 1 113 GLU 113 114 ?   ?   ?   B . n 
A 1 114 SER 114 115 115 SER SER B . n 
A 1 115 GLN 115 116 116 GLN GLN B . n 
A 1 116 MET 116 117 117 MET MET B . n 
A 1 117 MET 117 118 118 MET MET B . n 
A 1 118 PRO 118 119 119 PRO PRO B . n 
A 1 119 ALA 119 120 120 ALA ALA B . n 
A 1 120 SER 120 121 121 SER SER B . n 
A 1 121 VAL 121 122 122 VAL VAL B . n 
A 1 122 LEU 122 123 123 LEU LEU B . n 
A 1 123 THR 123 124 124 THR THR B . n 
A 1 124 GLY 124 125 125 GLY GLY B . n 
A 1 125 ASN 125 126 126 ASN ASN B . n 
A 1 126 VAL 126 127 127 VAL VAL B . n 
A 1 127 ILE 127 128 128 ILE ILE B . n 
A 1 128 ILE 128 129 129 ILE ILE B . n 
A 1 129 GLU 129 130 130 GLU GLU B . n 
A 1 130 THR 130 131 131 THR THR B . n 
A 1 131 LYS 131 132 132 LYS LYS B . n 
A 1 132 PHE 132 133 133 PHE PHE B . n 
A 1 133 PHE 133 134 134 PHE PHE B . n 
A 1 134 ASP 134 135 135 ASP ASP B . n 
A 1 135 ASP 135 136 136 ASP ASP B . n 
A 1 136 ASP 136 137 137 ASP ASP B . n 
A 1 137 LEU 137 138 138 LEU LEU B . n 
A 1 138 LEU 138 139 139 LEU LEU B . n 
A 1 139 VAL 139 140 140 VAL VAL B . n 
A 1 140 SER 140 141 141 SER SER B . n 
A 1 141 THR 141 142 142 THR THR B . n 
A 1 142 SER 142 143 143 SER SER B . n 
A 1 143 ARG 143 144 144 ARG ARG B . n 
A 1 144 VAL 144 145 145 VAL VAL B . n 
A 1 145 ARG 145 146 146 ARG ARG B . n 
A 1 146 LEU 146 147 147 LEU LEU B . n 
A 1 147 PHE 147 148 148 PHE PHE B . n 
A 1 148 TYR 148 149 149 TYR TYR B . n 
A 1 149 VAL 149 150 150 VAL VAL B . n 
# 
loop_
_pdbx_nonpoly_scheme.asym_id 
_pdbx_nonpoly_scheme.entity_id 
_pdbx_nonpoly_scheme.mon_id 
_pdbx_nonpoly_scheme.ndb_seq_num 
_pdbx_nonpoly_scheme.pdb_seq_num 
_pdbx_nonpoly_scheme.auth_seq_num 
_pdbx_nonpoly_scheme.pdb_mon_id 
_pdbx_nonpoly_scheme.auth_mon_id 
_pdbx_nonpoly_scheme.pdb_strand_id 
_pdbx_nonpoly_scheme.pdb_ins_code 
B 2 9GD 1  201 1   9GD DRG B . 
C 3 HOH 1  301 115 HOH HOH B . 
C 3 HOH 2  302 117 HOH HOH B . 
C 3 HOH 3  303 134 HOH HOH B . 
C 3 HOH 4  304 127 HOH HOH B . 
C 3 HOH 5  305 85  HOH HOH B . 
C 3 HOH 6  306 50  HOH HOH B . 
C 3 HOH 7  307 64  HOH HOH B . 
C 3 HOH 8  308 121 HOH HOH B . 
C 3 HOH 9  309 92  HOH HOH B . 
C 3 HOH 10 310 80  HOH HOH B . 
C 3 HOH 11 311 74  HOH HOH B . 
C 3 HOH 12 312 132 HOH HOH B . 
C 3 HOH 13 313 1   HOH HOH B . 
C 3 HOH 14 314 104 HOH HOH B . 
C 3 HOH 15 315 90  HOH HOH B . 
C 3 HOH 16 316 68  HOH HOH B . 
C 3 HOH 17 317 110 HOH HOH B . 
C 3 HOH 18 318 88  HOH HOH B . 
C 3 HOH 19 319 129 HOH HOH B . 
C 3 HOH 20 320 46  HOH HOH B . 
C 3 HOH 21 321 65  HOH HOH B . 
C 3 HOH 22 322 93  HOH HOH B . 
C 3 HOH 23 323 76  HOH HOH B . 
C 3 HOH 24 324 72  HOH HOH B . 
C 3 HOH 25 325 49  HOH HOH B . 
C 3 HOH 26 326 67  HOH HOH B . 
C 3 HOH 27 327 123 HOH HOH B . 
C 3 HOH 28 328 135 HOH HOH B . 
C 3 HOH 29 329 78  HOH HOH B . 
C 3 HOH 30 330 7   HOH HOH B . 
C 3 HOH 31 331 82  HOH HOH B . 
C 3 HOH 32 332 124 HOH HOH B . 
C 3 HOH 33 333 94  HOH HOH B . 
C 3 HOH 34 334 63  HOH HOH B . 
C 3 HOH 35 335 139 HOH HOH B . 
C 3 HOH 36 336 58  HOH HOH B . 
C 3 HOH 37 337 100 HOH HOH B . 
C 3 HOH 38 338 29  HOH HOH B . 
C 3 HOH 39 339 61  HOH HOH B . 
C 3 HOH 40 340 77  HOH HOH B . 
C 3 HOH 41 341 79  HOH HOH B . 
C 3 HOH 42 342 44  HOH HOH B . 
C 3 HOH 43 343 136 HOH HOH B . 
C 3 HOH 44 344 86  HOH HOH B . 
C 3 HOH 45 345 81  HOH HOH B . 
C 3 HOH 46 346 98  HOH HOH B . 
C 3 HOH 47 347 57  HOH HOH B . 
C 3 HOH 48 348 137 HOH HOH B . 
C 3 HOH 49 349 47  HOH HOH B . 
C 3 HOH 50 350 119 HOH HOH B . 
C 3 HOH 51 351 143 HOH HOH B . 
C 3 HOH 52 352 125 HOH HOH B . 
C 3 HOH 53 353 103 HOH HOH B . 
C 3 HOH 54 354 147 HOH HOH B . 
C 3 HOH 55 355 96  HOH HOH B . 
C 3 HOH 56 356 55  HOH HOH B . 
C 3 HOH 57 357 45  HOH HOH B . 
C 3 HOH 58 358 122 HOH HOH B . 
C 3 HOH 59 359 101 HOH HOH B . 
C 3 HOH 60 360 30  HOH HOH B . 
C 3 HOH 61 361 60  HOH HOH B . 
C 3 HOH 62 362 75  HOH HOH B . 
C 3 HOH 63 363 52  HOH HOH B . 
C 3 HOH 64 364 69  HOH HOH B . 
C 3 HOH 65 365 89  HOH HOH B . 
C 3 HOH 66 366 73  HOH HOH B . 
C 3 HOH 67 367 111 HOH HOH B . 
C 3 HOH 68 368 62  HOH HOH B . 
C 3 HOH 69 369 149 HOH HOH B . 
C 3 HOH 70 370 133 HOH HOH B . 
C 3 HOH 71 371 53  HOH HOH B . 
C 3 HOH 72 372 51  HOH HOH B . 
C 3 HOH 73 373 145 HOH HOH B . 
C 3 HOH 74 374 54  HOH HOH B . 
C 3 HOH 75 375 118 HOH HOH B . 
C 3 HOH 76 376 141 HOH HOH B . 
C 3 HOH 77 377 120 HOH HOH B . 
C 3 HOH 78 378 107 HOH HOH B . 
C 3 HOH 79 379 43  HOH HOH B . 
C 3 HOH 80 380 108 HOH HOH B . 
C 3 HOH 81 381 83  HOH HOH B . 
C 3 HOH 82 382 95  HOH HOH B . 
C 3 HOH 83 383 150 HOH HOH B . 
C 3 HOH 84 384 130 HOH HOH B . 
C 3 HOH 85 385 87  HOH HOH B . 
C 3 HOH 86 386 146 HOH HOH B . 
C 3 HOH 87 387 66  HOH HOH B . 
C 3 HOH 88 388 56  HOH HOH B . 
C 3 HOH 89 389 131 HOH HOH B . 
C 3 HOH 90 390 126 HOH HOH B . 
C 3 HOH 91 391 116 HOH HOH B . 
C 3 HOH 92 392 112 HOH HOH B . 
C 3 HOH 93 393 144 HOH HOH B . 
C 3 HOH 94 394 140 HOH HOH B . 
C 3 HOH 95 395 109 HOH HOH B . 
C 3 HOH 96 396 102 HOH HOH B . 
C 3 HOH 97 397 148 HOH HOH B . 
C 3 HOH 98 398 138 HOH HOH B . 
C 3 HOH 99 399 128 HOH HOH B . 
# 
loop_
_pdbx_unobs_or_zero_occ_atoms.id 
_pdbx_unobs_or_zero_occ_atoms.PDB_model_num 
_pdbx_unobs_or_zero_occ_atoms.polymer_flag 
_pdbx_unobs_or_zero_occ_atoms.occupancy_flag 
_pdbx_unobs_or_zero_occ_atoms.auth_asym_id 
_pdbx_unobs_or_zero_occ_atoms.auth_comp_id 
_pdbx_unobs_or_zero_occ_atoms.auth_seq_id 
_pdbx_unobs_or_zero_occ_atoms.PDB_ins_code 
_pdbx_unobs_or_zero_occ_atoms.auth_atom_id 
_pdbx_unobs_or_zero_occ_atoms.label_alt_id 
_pdbx_unobs_or_zero_occ_atoms.label_asym_id 
_pdbx_unobs_or_zero_occ_atoms.label_comp_id 
_pdbx_unobs_or_zero_occ_atoms.label_seq_id 
_pdbx_unobs_or_zero_occ_atoms.label_atom_id 
1  1 Y 1 B GLU 10  ? CG  ? A GLU 9   CG  
2  1 Y 1 B GLU 10  ? CD  ? A GLU 9   CD  
3  1 Y 1 B GLU 10  ? OE1 ? A GLU 9   OE1 
4  1 Y 1 B GLU 10  ? OE2 ? A GLU 9   OE2 
5  1 Y 1 B GLU 26  ? CG  ? A GLU 25  CG  
6  1 Y 1 B GLU 26  ? CD  ? A GLU 25  CD  
7  1 Y 1 B GLU 26  ? OE1 ? A GLU 25  OE1 
8  1 Y 1 B GLU 26  ? OE2 ? A GLU 25  OE2 
9  1 Y 1 B SER 115 ? OG  ? A SER 114 OG  
10 1 Y 1 B GLN 116 ? CG  ? A GLN 115 CG  
11 1 Y 1 B GLN 116 ? CD  ? A GLN 115 CD  
12 1 Y 1 B GLN 116 ? OE1 ? A GLN 115 OE1 
13 1 Y 1 B GLN 116 ? NE2 ? A GLN 115 NE2 
# 
loop_
_software.citation_id 
_software.classification 
_software.compiler_name 
_software.compiler_version 
_software.contact_author 
_software.contact_author_email 
_software.date 
_software.description 
_software.dependencies 
_software.hardware 
_software.language 
_software.location 
_software.mods 
_software.name 
_software.os 
_software.os_version 
_software.type 
_software.version 
_software.pdbx_ordinal 
? 'data scaling'    ? ? ? ? ? ? ? ? ? ? ? XSCALE      ? ? ? .        1 
? refinement        ? ? ? ? ? ? ? ? ? ? ? REFMAC      ? ? ? 5.7.0032 2 
? 'data extraction' ? ? ? ? ? ? ? ? ? ? ? PDB_EXTRACT ? ? ? 3.22     3 
? 'data reduction'  ? ? ? ? ? ? ? ? ? ? ? XDS         ? ? ? .        4 
? phasing           ? ? ? ? ? ? ? ? ? ? ? MOLREP      ? ? ? .        5 
# 
_cell.angle_alpha                  90.000 
_cell.angle_alpha_esd              ? 
_cell.angle_beta                   90.000 
_cell.angle_beta_esd               ? 
_cell.angle_gamma                  120.000 
_cell.angle_gamma_esd              ? 
_cell.entry_id                     5ML6 
_cell.details                      ? 
_cell.formula_units_Z              ? 
_cell.length_a                     55.760 
_cell.length_a_esd                 ? 
_cell.length_b                     55.760 
_cell.length_b_esd                 ? 
_cell.length_c                     114.920 
_cell.length_c_esd                 ? 
_cell.volume                       ? 
_cell.volume_esd                   ? 
_cell.Z_PDB                        6 
_cell.reciprocal_angle_alpha       ? 
_cell.reciprocal_angle_beta        ? 
_cell.reciprocal_angle_gamma       ? 
_cell.reciprocal_angle_alpha_esd   ? 
_cell.reciprocal_angle_beta_esd    ? 
_cell.reciprocal_angle_gamma_esd   ? 
_cell.reciprocal_length_a          ? 
_cell.reciprocal_length_b          ? 
_cell.reciprocal_length_c          ? 
_cell.reciprocal_length_a_esd      ? 
_cell.reciprocal_length_b_esd      ? 
_cell.reciprocal_length_c_esd      ? 
_cell.pdbx_unique_axis             ? 
# 
_symmetry.entry_id                         5ML6 
_symmetry.cell_setting                     ? 
_symmetry.Int_Tables_number                154 
_symmetry.space_group_name_Hall            ? 
_symmetry.space_group_name_H-M             'P 32 2 1' 
_symmetry.pdbx_full_space_group_name_H-M   ? 
# 
_exptl.absorpt_coefficient_mu     ? 
_exptl.absorpt_correction_T_max   ? 
_exptl.absorpt_correction_T_min   ? 
_exptl.absorpt_correction_type    ? 
_exptl.absorpt_process_details    ? 
_exptl.entry_id                   5ML6 
_exptl.crystals_number            1 
_exptl.details                    ? 
_exptl.method                     'X-RAY DIFFRACTION' 
_exptl.method_details             ? 
# 
_exptl_crystal.colour                      ? 
_exptl_crystal.density_diffrn              ? 
_exptl_crystal.density_Matthews            3.05 
_exptl_crystal.density_method              ? 
_exptl_crystal.density_percent_sol         59.73 
_exptl_crystal.description                 ? 
_exptl_crystal.F_000                       ? 
_exptl_crystal.id                          1 
_exptl_crystal.preparation                 ? 
_exptl_crystal.size_max                    ? 
_exptl_crystal.size_mid                    ? 
_exptl_crystal.size_min                    ? 
_exptl_crystal.size_rad                    ? 
_exptl_crystal.colour_lustre               ? 
_exptl_crystal.colour_modifier             ? 
_exptl_crystal.colour_primary              ? 
_exptl_crystal.density_meas                ? 
_exptl_crystal.density_meas_esd            ? 
_exptl_crystal.density_meas_gt             ? 
_exptl_crystal.density_meas_lt             ? 
_exptl_crystal.density_meas_temp           ? 
_exptl_crystal.density_meas_temp_esd       ? 
_exptl_crystal.density_meas_temp_gt        ? 
_exptl_crystal.density_meas_temp_lt        ? 
_exptl_crystal.pdbx_crystal_image_url      ? 
_exptl_crystal.pdbx_crystal_image_format   ? 
_exptl_crystal.pdbx_mosaicity              ? 
_exptl_crystal.pdbx_mosaicity_esd          ? 
# 
_exptl_crystal_grow.apparatus       ? 
_exptl_crystal_grow.atmosphere      ? 
_exptl_crystal_grow.crystal_id      1 
_exptl_crystal_grow.details         ? 
_exptl_crystal_grow.method          'VAPOR DIFFUSION' 
_exptl_crystal_grow.method_ref      ? 
_exptl_crystal_grow.pH              ? 
_exptl_crystal_grow.pressure        ? 
_exptl_crystal_grow.pressure_esd    ? 
_exptl_crystal_grow.seeding         ? 
_exptl_crystal_grow.seeding_ref     ? 
_exptl_crystal_grow.temp            293 
_exptl_crystal_grow.temp_details    ? 
_exptl_crystal_grow.temp_esd        ? 
_exptl_crystal_grow.time            ? 
_exptl_crystal_grow.pdbx_details    '0.1 M NaOAc, pH 4.6, 30 % PEG 4000, 0.2 M (NH4)2SO4' 
_exptl_crystal_grow.pdbx_pH_range   ? 
# 
_diffrn.ambient_environment    ? 
_diffrn.ambient_temp           100 
_diffrn.ambient_temp_details   ? 
_diffrn.ambient_temp_esd       ? 
_diffrn.crystal_id             1 
_diffrn.crystal_support        ? 
_diffrn.crystal_treatment      ? 
_diffrn.details                ? 
_diffrn.id                     1 
_diffrn.ambient_pressure       ? 
_diffrn.ambient_pressure_esd   ? 
_diffrn.ambient_pressure_gt    ? 
_diffrn.ambient_pressure_lt    ? 
_diffrn.ambient_temp_gt        ? 
_diffrn.ambient_temp_lt        ? 
# 
_diffrn_detector.details                      ? 
_diffrn_detector.detector                     'IMAGE PLATE' 
_diffrn_detector.diffrn_id                    1 
_diffrn_detector.type                         'MAR scanner 345 mm plate' 
_diffrn_detector.area_resol_mean              ? 
_diffrn_detector.dtime                        ? 
_diffrn_detector.pdbx_frames_total            ? 
_diffrn_detector.pdbx_collection_time_total   ? 
_diffrn_detector.pdbx_collection_date         2015-05-07 
# 
_diffrn_radiation.collimation                      ? 
_diffrn_radiation.diffrn_id                        1 
_diffrn_radiation.filter_edge                      ? 
_diffrn_radiation.inhomogeneity                    ? 
_diffrn_radiation.monochromator                    ? 
_diffrn_radiation.polarisn_norm                    ? 
_diffrn_radiation.polarisn_ratio                   ? 
_diffrn_radiation.probe                            ? 
_diffrn_radiation.type                             ? 
_diffrn_radiation.xray_symbol                      ? 
_diffrn_radiation.wavelength_id                    1 
_diffrn_radiation.pdbx_monochromatic_or_laue_m_l   M 
_diffrn_radiation.pdbx_wavelength_list             ? 
_diffrn_radiation.pdbx_wavelength                  ? 
_diffrn_radiation.pdbx_diffrn_protocol             'SINGLE WAVELENGTH' 
_diffrn_radiation.pdbx_analyzer                    ? 
_diffrn_radiation.pdbx_scattering_type             x-ray 
# 
_diffrn_radiation_wavelength.id           1 
_diffrn_radiation_wavelength.wavelength   1.54179 
_diffrn_radiation_wavelength.wt           1.0 
# 
_diffrn_source.current                     ? 
_diffrn_source.details                     ? 
_diffrn_source.diffrn_id                   1 
_diffrn_source.power                       ? 
_diffrn_source.size                        ? 
_diffrn_source.source                      'ROTATING ANODE' 
_diffrn_source.target                      ? 
_diffrn_source.type                        'ENRAF-NONIUS FR571' 
_diffrn_source.voltage                     ? 
_diffrn_source.take-off_angle              ? 
_diffrn_source.pdbx_wavelength_list        1.54179 
_diffrn_source.pdbx_wavelength             ? 
_diffrn_source.pdbx_synchrotron_beamline   ? 
_diffrn_source.pdbx_synchrotron_site       ? 
# 
_reflns.B_iso_Wilson_estimate            ? 
_reflns.entry_id                         5ML6 
_reflns.data_reduction_details           ? 
_reflns.data_reduction_method            ? 
_reflns.d_resolution_high                1.87 
_reflns.d_resolution_low                 27.880 
_reflns.details                          ? 
_reflns.limit_h_max                      ? 
_reflns.limit_h_min                      ? 
_reflns.limit_k_max                      ? 
_reflns.limit_k_min                      ? 
_reflns.limit_l_max                      ? 
_reflns.limit_l_min                      ? 
_reflns.number_all                       ? 
_reflns.number_obs                       16799 
_reflns.observed_criterion               ? 
_reflns.observed_criterion_F_max         ? 
_reflns.observed_criterion_F_min         ? 
_reflns.observed_criterion_I_max         ? 
_reflns.observed_criterion_I_min         ? 
_reflns.observed_criterion_sigma_F       ? 
_reflns.observed_criterion_sigma_I       ? 
_reflns.percent_possible_obs             99.6 
_reflns.R_free_details                   ? 
_reflns.Rmerge_F_all                     ? 
_reflns.Rmerge_F_obs                     ? 
_reflns.Friedel_coverage                 ? 
_reflns.number_gt                        ? 
_reflns.threshold_expression             ? 
_reflns.pdbx_redundancy                  8.2 
_reflns.pdbx_Rmerge_I_obs                0.091 
_reflns.pdbx_Rmerge_I_all                ? 
_reflns.pdbx_Rsym_value                  ? 
_reflns.pdbx_netI_over_av_sigmaI         ? 
_reflns.pdbx_netI_over_sigmaI            15.6 
_reflns.pdbx_res_netI_over_av_sigmaI_2   ? 
_reflns.pdbx_res_netI_over_sigmaI_2      ? 
_reflns.pdbx_chi_squared                 ? 
_reflns.pdbx_scaling_rejects             ? 
_reflns.pdbx_d_res_high_opt              ? 
_reflns.pdbx_d_res_low_opt               ? 
_reflns.pdbx_d_res_opt_method            ? 
_reflns.phase_calculation_details        ? 
_reflns.pdbx_Rrim_I_all                  ? 
_reflns.pdbx_Rpim_I_all                  ? 
_reflns.pdbx_d_opt                       ? 
_reflns.pdbx_number_measured_all         ? 
_reflns.pdbx_diffrn_id                   1 
_reflns.pdbx_ordinal                     1 
_reflns.pdbx_CC_half                     ? 
_reflns.pdbx_R_split                     ? 
# 
_reflns_shell.d_res_high                  1.87 
_reflns_shell.d_res_low                   1.9 
_reflns_shell.meanI_over_sigI_all         ? 
_reflns_shell.meanI_over_sigI_obs         5.2 
_reflns_shell.number_measured_all         ? 
_reflns_shell.number_measured_obs         ? 
_reflns_shell.number_possible             ? 
_reflns_shell.number_unique_all           ? 
_reflns_shell.number_unique_obs           ? 
_reflns_shell.percent_possible_all        94.5 
_reflns_shell.percent_possible_obs        ? 
_reflns_shell.Rmerge_F_all                ? 
_reflns_shell.Rmerge_F_obs                ? 
_reflns_shell.Rmerge_I_all                ? 
_reflns_shell.Rmerge_I_obs                0.34 
_reflns_shell.meanI_over_sigI_gt          ? 
_reflns_shell.meanI_over_uI_all           ? 
_reflns_shell.meanI_over_uI_gt            ? 
_reflns_shell.number_measured_gt          ? 
_reflns_shell.number_unique_gt            ? 
_reflns_shell.percent_possible_gt         ? 
_reflns_shell.Rmerge_F_gt                 ? 
_reflns_shell.Rmerge_I_gt                 ? 
_reflns_shell.pdbx_redundancy             6.2 
_reflns_shell.pdbx_Rsym_value             ? 
_reflns_shell.pdbx_chi_squared            ? 
_reflns_shell.pdbx_netI_over_sigmaI_all   ? 
_reflns_shell.pdbx_netI_over_sigmaI_obs   ? 
_reflns_shell.pdbx_Rrim_I_all             ? 
_reflns_shell.pdbx_Rpim_I_all             ? 
_reflns_shell.pdbx_rejects                ? 
_reflns_shell.pdbx_ordinal                1 
_reflns_shell.pdbx_diffrn_id              1 
_reflns_shell.pdbx_CC_half                ? 
_reflns_shell.pdbx_R_split                ? 
# 
_refine.aniso_B[1][1]                            0.5300 
_refine.aniso_B[1][2]                            0.5300 
_refine.aniso_B[1][3]                            0.0000 
_refine.aniso_B[2][2]                            0.5300 
_refine.aniso_B[2][3]                            0.0000 
_refine.aniso_B[3][3]                            -1.7200 
_refine.B_iso_max                                60.940 
_refine.B_iso_mean                               26.3840 
_refine.B_iso_min                                12.780 
_refine.correlation_coeff_Fo_to_Fc               0.9460 
_refine.correlation_coeff_Fo_to_Fc_free          0.9250 
_refine.details                                  
'HYDROGENS HAVE BEEN ADDED IN THE RIDING POSITIONS U VALUES      : REFINED INDIVIDUALLY' 
_refine.diff_density_max                         ? 
_refine.diff_density_max_esd                     ? 
_refine.diff_density_min                         ? 
_refine.diff_density_min_esd                     ? 
_refine.diff_density_rms                         ? 
_refine.diff_density_rms_esd                     ? 
_refine.entry_id                                 5ML6 
_refine.pdbx_refine_id                           'X-RAY DIFFRACTION' 
_refine.ls_abs_structure_details                 ? 
_refine.ls_abs_structure_Flack                   ? 
_refine.ls_abs_structure_Flack_esd               ? 
_refine.ls_abs_structure_Rogers                  ? 
_refine.ls_abs_structure_Rogers_esd              ? 
_refine.ls_d_res_high                            1.8700 
_refine.ls_d_res_low                             27.8800 
_refine.ls_extinction_coef                       ? 
_refine.ls_extinction_coef_esd                   ? 
_refine.ls_extinction_expression                 ? 
_refine.ls_extinction_method                     ? 
_refine.ls_goodness_of_fit_all                   ? 
_refine.ls_goodness_of_fit_all_esd               ? 
_refine.ls_goodness_of_fit_obs                   ? 
_refine.ls_goodness_of_fit_obs_esd               ? 
_refine.ls_hydrogen_treatment                    ? 
_refine.ls_matrix_type                           ? 
_refine.ls_number_constraints                    ? 
_refine.ls_number_parameters                     ? 
_refine.ls_number_reflns_all                     ? 
_refine.ls_number_reflns_obs                     16799 
_refine.ls_number_reflns_R_free                  885 
_refine.ls_number_reflns_R_work                  ? 
_refine.ls_number_restraints                     ? 
_refine.ls_percent_reflns_obs                    99.6900 
_refine.ls_percent_reflns_R_free                 5.0000 
_refine.ls_R_factor_all                          ? 
_refine.ls_R_factor_obs                          0.2053 
_refine.ls_R_factor_R_free                       0.2421 
_refine.ls_R_factor_R_free_error                 ? 
_refine.ls_R_factor_R_free_error_details         ? 
_refine.ls_R_factor_R_work                       0.2034 
_refine.ls_R_Fsqd_factor_obs                     ? 
_refine.ls_R_I_factor_obs                        ? 
_refine.ls_redundancy_reflns_all                 ? 
_refine.ls_redundancy_reflns_obs                 ? 
_refine.ls_restrained_S_all                      ? 
_refine.ls_restrained_S_obs                      ? 
_refine.ls_shift_over_esd_max                    ? 
_refine.ls_shift_over_esd_mean                   ? 
_refine.ls_structure_factor_coef                 ? 
_refine.ls_weighting_details                     ? 
_refine.ls_weighting_scheme                      ? 
_refine.ls_wR_factor_all                         ? 
_refine.ls_wR_factor_obs                         ? 
_refine.ls_wR_factor_R_free                      ? 
_refine.ls_wR_factor_R_work                      ? 
_refine.occupancy_max                            ? 
_refine.occupancy_min                            ? 
_refine.solvent_model_details                    ? 
_refine.solvent_model_param_bsol                 ? 
_refine.solvent_model_param_ksol                 ? 
_refine.ls_R_factor_gt                           ? 
_refine.ls_goodness_of_fit_gt                    ? 
_refine.ls_goodness_of_fit_ref                   ? 
_refine.ls_shift_over_su_max                     ? 
_refine.ls_shift_over_su_max_lt                  ? 
_refine.ls_shift_over_su_mean                    ? 
_refine.ls_shift_over_su_mean_lt                 ? 
_refine.pdbx_ls_sigma_I                          ? 
_refine.pdbx_ls_sigma_F                          0.000 
_refine.pdbx_ls_sigma_Fsqd                       ? 
_refine.pdbx_data_cutoff_high_absF               ? 
_refine.pdbx_data_cutoff_high_rms_absF           ? 
_refine.pdbx_data_cutoff_low_absF                ? 
_refine.pdbx_isotropic_thermal_model             ? 
_refine.pdbx_ls_cross_valid_method               THROUGHOUT 
_refine.pdbx_method_to_determine_struct          'MOLECULAR REPLACEMENT' 
_refine.pdbx_starting_model                      3T5G 
_refine.pdbx_stereochemistry_target_values       ? 
_refine.pdbx_R_Free_selection_details            RANDOM 
_refine.pdbx_stereochem_target_val_spec_case     ? 
_refine.pdbx_overall_ESU_R                       0.1310 
_refine.pdbx_overall_ESU_R_Free                  0.1290 
_refine.pdbx_solvent_vdw_probe_radii             1.2000 
_refine.pdbx_solvent_ion_probe_radii             0.8000 
_refine.pdbx_solvent_shrinkage_radii             0.8000 
_refine.pdbx_real_space_R                        ? 
_refine.pdbx_density_correlation                 ? 
_refine.pdbx_pd_number_of_powder_patterns        ? 
_refine.pdbx_pd_number_of_points                 ? 
_refine.pdbx_pd_meas_number_of_points            ? 
_refine.pdbx_pd_proc_ls_prof_R_factor            ? 
_refine.pdbx_pd_proc_ls_prof_wR_factor           ? 
_refine.pdbx_pd_Marquardt_correlation_coeff      ? 
_refine.pdbx_pd_Fsqrd_R_factor                   ? 
_refine.pdbx_pd_ls_matrix_band_width             ? 
_refine.pdbx_overall_phase_error                 ? 
_refine.pdbx_overall_SU_R_free_Cruickshank_DPI   ? 
_refine.pdbx_overall_SU_R_free_Blow_DPI          ? 
_refine.pdbx_overall_SU_R_Blow_DPI               ? 
_refine.pdbx_TLS_residual_ADP_flag               ? 
_refine.pdbx_diffrn_id                           1 
_refine.overall_SU_B                             3.2590 
_refine.overall_SU_ML                            0.0960 
_refine.overall_SU_R_Cruickshank_DPI             ? 
_refine.overall_SU_R_free                        ? 
_refine.overall_FOM_free_R_set                   ? 
_refine.overall_FOM_work_R_set                   ? 
_refine.pdbx_average_fsc_overall                 ? 
_refine.pdbx_average_fsc_work                    ? 
_refine.pdbx_average_fsc_free                    ? 
# 
_refine_hist.cycle_id                         final 
_refine_hist.pdbx_refine_id                   'X-RAY DIFFRACTION' 
_refine_hist.d_res_high                       1.8700 
_refine_hist.d_res_low                        27.8800 
_refine_hist.pdbx_number_atoms_ligand         45 
_refine_hist.number_atoms_solvent             99 
_refine_hist.number_atoms_total               1322 
_refine_hist.pdbx_number_residues_total       145 
_refine_hist.pdbx_B_iso_mean_ligand           35.72 
_refine_hist.pdbx_B_iso_mean_solvent          32.91 
_refine_hist.pdbx_number_atoms_protein        1178 
_refine_hist.pdbx_number_atoms_nucleic_acid   0 
# 
loop_
_refine_ls_restr.pdbx_refine_id 
_refine_ls_restr.criterion 
_refine_ls_restr.dev_ideal 
_refine_ls_restr.dev_ideal_target 
_refine_ls_restr.number 
_refine_ls_restr.rejects 
_refine_ls_restr.type 
_refine_ls_restr.weight 
_refine_ls_restr.pdbx_restraint_function 
'X-RAY DIFFRACTION' ? 0.012  0.020  1251 ? r_bond_refined_d       ? ? 
'X-RAY DIFFRACTION' ? 0.003  0.020  1197 ? r_bond_other_d         ? ? 
'X-RAY DIFFRACTION' ? 1.354  1.991  1689 ? r_angle_refined_deg    ? ? 
'X-RAY DIFFRACTION' ? 1.014  3.014  2749 ? r_angle_other_deg      ? ? 
'X-RAY DIFFRACTION' ? 5.880  5.000  143  ? r_dihedral_angle_1_deg ? ? 
'X-RAY DIFFRACTION' ? 41.127 23.684 57   ? r_dihedral_angle_2_deg ? ? 
'X-RAY DIFFRACTION' ? 12.854 15.000 222  ? r_dihedral_angle_3_deg ? ? 
'X-RAY DIFFRACTION' ? 13.874 15.000 9    ? r_dihedral_angle_4_deg ? ? 
'X-RAY DIFFRACTION' ? 0.077  0.200  184  ? r_chiral_restr         ? ? 
'X-RAY DIFFRACTION' ? 0.004  0.020  1362 ? r_gen_planes_refined   ? ? 
'X-RAY DIFFRACTION' ? 0.001  0.020  301  ? r_gen_planes_other     ? ? 
# 
_refine_ls_shell.pdbx_refine_id                   'X-RAY DIFFRACTION' 
_refine_ls_shell.d_res_high                       1.8700 
_refine_ls_shell.d_res_low                        1.9180 
_refine_ls_shell.number_reflns_all                1243 
_refine_ls_shell.number_reflns_obs                ? 
_refine_ls_shell.number_reflns_R_free             63 
_refine_ls_shell.number_reflns_R_work             1180 
_refine_ls_shell.percent_reflns_obs               97.2600 
_refine_ls_shell.percent_reflns_R_free            ? 
_refine_ls_shell.R_factor_all                     ? 
_refine_ls_shell.R_factor_obs                     ? 
_refine_ls_shell.R_factor_R_free                  0.3330 
_refine_ls_shell.R_factor_R_free_error            0.0000 
_refine_ls_shell.R_factor_R_work                  0.3090 
_refine_ls_shell.redundancy_reflns_all            ? 
_refine_ls_shell.redundancy_reflns_obs            ? 
_refine_ls_shell.wR_factor_all                    ? 
_refine_ls_shell.wR_factor_obs                    ? 
_refine_ls_shell.wR_factor_R_free                 ? 
_refine_ls_shell.wR_factor_R_work                 ? 
_refine_ls_shell.pdbx_total_number_of_bins_used   20 
_refine_ls_shell.pdbx_phase_error                 ? 
_refine_ls_shell.pdbx_fsc_work                    ? 
_refine_ls_shell.pdbx_fsc_free                    ? 
# 
_struct.entry_id                     5ML6 
_struct.title                        'The crystal structure of PDE6D in complex to inhibitor-8' 
_struct.pdbx_model_details           ? 
_struct.pdbx_formula_weight          ? 
_struct.pdbx_formula_weight_method   ? 
_struct.pdbx_model_type_details      ? 
_struct.pdbx_CASP_flag               N 
# 
_struct_keywords.entry_id        5ML6 
_struct_keywords.text            'Prenyl binding protein, farnesylated KRas, Plasma membrane, Arl2, Lipid binding protein' 
_struct_keywords.pdbx_keywords   'LIPID BINDING PROTEIN' 
# 
loop_
_struct_asym.id 
_struct_asym.pdbx_blank_PDB_chainid_flag 
_struct_asym.pdbx_modified 
_struct_asym.entity_id 
_struct_asym.details 
A N N 1 ? 
B N N 2 ? 
C N N 3 ? 
# 
_struct_ref.id                         1 
_struct_ref.db_name                    UNP 
_struct_ref.db_code                    PDE6D_HUMAN 
_struct_ref.pdbx_db_accession          O43924 
_struct_ref.pdbx_db_isoform            ? 
_struct_ref.entity_id                  1 
_struct_ref.pdbx_seq_one_letter_code   
;SAKDERAREILRGFKLNWMNLRDAETGKILWQGTEDLSVPGVEHEARVPKKILKCKAVSRELNFSSTEQMEKFRLEQKVY
FKGQCLEEWFFEFGFVIPNSTNTWQSLIEAAPESQMMPASVLTGNVIIETKFFDDDLLVSTSRVRLFYV
;
_struct_ref.pdbx_align_begin           2 
# 
_struct_ref_seq.align_id                      1 
_struct_ref_seq.ref_id                        1 
_struct_ref_seq.pdbx_PDB_id_code              5ML6 
_struct_ref_seq.pdbx_strand_id                B 
_struct_ref_seq.seq_align_beg                 1 
_struct_ref_seq.pdbx_seq_align_beg_ins_code   ? 
_struct_ref_seq.seq_align_end                 149 
_struct_ref_seq.pdbx_seq_align_end_ins_code   ? 
_struct_ref_seq.pdbx_db_accession             O43924 
_struct_ref_seq.db_align_beg                  2 
_struct_ref_seq.pdbx_db_align_beg_ins_code    ? 
_struct_ref_seq.db_align_end                  150 
_struct_ref_seq.pdbx_db_align_end_ins_code    ? 
_struct_ref_seq.pdbx_auth_seq_align_beg       2 
_struct_ref_seq.pdbx_auth_seq_align_end       150 
# 
_pdbx_struct_assembly.id                   1 
_pdbx_struct_assembly.details              author_and_software_defined_assembly 
_pdbx_struct_assembly.method_details       PISA 
_pdbx_struct_assembly.oligomeric_details   monomeric 
_pdbx_struct_assembly.oligomeric_count     1 
# 
loop_
_pdbx_struct_assembly_prop.biol_id 
_pdbx_struct_assembly_prop.type 
_pdbx_struct_assembly_prop.value 
_pdbx_struct_assembly_prop.details 
1 'ABSA (A^2)' 0    ? 
1 MORE         0    ? 
1 'SSA (A^2)'  8000 ? 
# 
_pdbx_struct_assembly_gen.assembly_id       1 
_pdbx_struct_assembly_gen.oper_expression   1 
_pdbx_struct_assembly_gen.asym_id_list      A,B,C 
# 
_pdbx_struct_oper_list.id                   1 
_pdbx_struct_oper_list.type                 'identity operation' 
_pdbx_struct_oper_list.name                 1_555 
_pdbx_struct_oper_list.symmetry_operation   x,y,z 
_pdbx_struct_oper_list.matrix[1][1]         1.0000000000 
_pdbx_struct_oper_list.matrix[1][2]         0.0000000000 
_pdbx_struct_oper_list.matrix[1][3]         0.0000000000 
_pdbx_struct_oper_list.vector[1]            0.0000000000 
_pdbx_struct_oper_list.matrix[2][1]         0.0000000000 
_pdbx_struct_oper_list.matrix[2][2]         1.0000000000 
_pdbx_struct_oper_list.matrix[2][3]         0.0000000000 
_pdbx_struct_oper_list.vector[2]            0.0000000000 
_pdbx_struct_oper_list.matrix[3][1]         0.0000000000 
_pdbx_struct_oper_list.matrix[3][2]         0.0000000000 
_pdbx_struct_oper_list.matrix[3][3]         1.0000000000 
_pdbx_struct_oper_list.vector[3]            0.0000000000 
# 
loop_
_struct_conf.conf_type_id 
_struct_conf.id 
_struct_conf.pdbx_PDB_helix_id 
_struct_conf.beg_label_comp_id 
_struct_conf.beg_label_asym_id 
_struct_conf.beg_label_seq_id 
_struct_conf.pdbx_beg_PDB_ins_code 
_struct_conf.end_label_comp_id 
_struct_conf.end_label_asym_id 
_struct_conf.end_label_seq_id 
_struct_conf.pdbx_end_PDB_ins_code 
_struct_conf.beg_auth_comp_id 
_struct_conf.beg_auth_asym_id 
_struct_conf.beg_auth_seq_id 
_struct_conf.end_auth_comp_id 
_struct_conf.end_auth_asym_id 
_struct_conf.end_auth_seq_id 
_struct_conf.pdbx_PDB_helix_class 
_struct_conf.details 
_struct_conf.pdbx_PDB_helix_length 
HELX_P HELX_P1 AA1 SER A 1   ? GLY A 13  ? SER B 2   GLY B 14  1 ? 13 
HELX_P HELX_P2 AA2 LYS A 51  ? CYS A 55  ? LYS B 52  CYS B 56  5 ? 5  
HELX_P HELX_P3 AA3 PRO A 118 ? THR A 123 ? PRO B 119 THR B 124 1 ? 6  
# 
_struct_conf_type.id          HELX_P 
_struct_conf_type.criteria    ? 
_struct_conf_type.reference   ? 
# 
loop_
_struct_sheet.id 
_struct_sheet.type 
_struct_sheet.number_strands 
_struct_sheet.details 
AA1 ? 4 ? 
AA2 ? 5 ? 
# 
loop_
_struct_sheet_order.sheet_id 
_struct_sheet_order.range_id_1 
_struct_sheet_order.range_id_2 
_struct_sheet_order.offset 
_struct_sheet_order.sense 
AA1 1 2 ? anti-parallel 
AA1 2 3 ? anti-parallel 
AA1 3 4 ? anti-parallel 
AA2 1 2 ? parallel      
AA2 2 3 ? anti-parallel 
AA2 3 4 ? anti-parallel 
AA2 4 5 ? anti-parallel 
# 
loop_
_struct_sheet_range.sheet_id 
_struct_sheet_range.id 
_struct_sheet_range.beg_label_comp_id 
_struct_sheet_range.beg_label_asym_id 
_struct_sheet_range.beg_label_seq_id 
_struct_sheet_range.pdbx_beg_PDB_ins_code 
_struct_sheet_range.end_label_comp_id 
_struct_sheet_range.end_label_asym_id 
_struct_sheet_range.end_label_seq_id 
_struct_sheet_range.pdbx_end_PDB_ins_code 
_struct_sheet_range.beg_auth_comp_id 
_struct_sheet_range.beg_auth_asym_id 
_struct_sheet_range.beg_auth_seq_id 
_struct_sheet_range.end_auth_comp_id 
_struct_sheet_range.end_auth_asym_id 
_struct_sheet_range.end_auth_seq_id 
AA1 1 ILE A 29  ? GLY A 33  ? ILE B 30  GLY B 34  
AA1 2 PHE A 14  ? ASP A 23  ? PHE B 15  ASP B 24  
AA1 3 VAL A 58  ? SER A 66  ? VAL B 59  SER B 67  
AA1 4 SER A 100 ? ILE A 108 ? SER B 101 ILE B 109 
AA2 1 GLU A 43  ? PRO A 49  ? GLU B 44  PRO B 50  
AA2 2 LEU A 137 ? VAL A 149 ? LEU B 138 VAL B 150 
AA2 3 VAL A 126 ? ASP A 134 ? VAL B 127 ASP B 135 
AA2 4 MET A 70  ? PHE A 81  ? MET B 71  PHE B 82  
AA2 5 GLN A 84  ? VAL A 96  ? GLN B 85  VAL B 97  
# 
loop_
_pdbx_struct_sheet_hbond.sheet_id 
_pdbx_struct_sheet_hbond.range_id_1 
_pdbx_struct_sheet_hbond.range_id_2 
_pdbx_struct_sheet_hbond.range_1_label_atom_id 
_pdbx_struct_sheet_hbond.range_1_label_comp_id 
_pdbx_struct_sheet_hbond.range_1_label_asym_id 
_pdbx_struct_sheet_hbond.range_1_label_seq_id 
_pdbx_struct_sheet_hbond.range_1_PDB_ins_code 
_pdbx_struct_sheet_hbond.range_1_auth_atom_id 
_pdbx_struct_sheet_hbond.range_1_auth_comp_id 
_pdbx_struct_sheet_hbond.range_1_auth_asym_id 
_pdbx_struct_sheet_hbond.range_1_auth_seq_id 
_pdbx_struct_sheet_hbond.range_2_label_atom_id 
_pdbx_struct_sheet_hbond.range_2_label_comp_id 
_pdbx_struct_sheet_hbond.range_2_label_asym_id 
_pdbx_struct_sheet_hbond.range_2_label_seq_id 
_pdbx_struct_sheet_hbond.range_2_PDB_ins_code 
_pdbx_struct_sheet_hbond.range_2_auth_atom_id 
_pdbx_struct_sheet_hbond.range_2_auth_comp_id 
_pdbx_struct_sheet_hbond.range_2_auth_asym_id 
_pdbx_struct_sheet_hbond.range_2_auth_seq_id 
AA1 1 2 O LEU A 30  ? O LEU B 31  N LEU A 21  ? N LEU B 22  
AA1 2 3 N TRP A 18  ? N TRP B 19  O ASN A 63  ? O ASN B 64  
AA1 3 4 N VAL A 58  ? N VAL B 59  O ILE A 108 ? O ILE B 109 
AA2 1 2 N HIS A 44  ? N HIS B 45  O ARG A 145 ? O ARG B 146 
AA2 2 3 O VAL A 144 ? O VAL B 145 N ILE A 128 ? N ILE B 129 
AA2 3 4 O ILE A 127 ? O ILE B 128 N TYR A 80  ? N TYR B 81  
AA2 4 5 N GLN A 77  ? N GLN B 78  O TRP A 89  ? O TRP B 90  
# 
_struct_site.id                   AC1 
_struct_site.pdbx_evidence_code   Software 
_struct_site.pdbx_auth_asym_id    B 
_struct_site.pdbx_auth_comp_id    9GD 
_struct_site.pdbx_auth_seq_id     201 
_struct_site.pdbx_auth_ins_code   ? 
_struct_site.pdbx_num_residues    18 
_struct_site.details              'binding site for residue 9GD B 201' 
# 
loop_
_struct_site_gen.id 
_struct_site_gen.site_id 
_struct_site_gen.pdbx_num_res 
_struct_site_gen.label_comp_id 
_struct_site_gen.label_asym_id 
_struct_site_gen.label_seq_id 
_struct_site_gen.pdbx_auth_ins_code 
_struct_site_gen.auth_comp_id 
_struct_site_gen.auth_asym_id 
_struct_site_gen.auth_seq_id 
_struct_site_gen.label_atom_id 
_struct_site_gen.label_alt_id 
_struct_site_gen.symmetry 
_struct_site_gen.details 
1  AC1 18 MET A 19  ? MET B 20  . ? 1_555 ? 
2  AC1 18 LEU A 21  ? LEU B 22  . ? 1_555 ? 
3  AC1 18 VAL A 48  ? VAL B 49  . ? 1_555 ? 
4  AC1 18 ILE A 52  ? ILE B 53  . ? 1_555 ? 
5  AC1 18 LEU A 53  ? LEU B 54  . ? 1_555 ? 
6  AC1 18 CYS A 55  ? CYS B 56  . ? 1_555 ? 
7  AC1 18 ARG A 60  ? ARG B 61  . ? 1_555 ? 
8  AC1 18 GLN A 77  ? GLN B 78  . ? 1_555 ? 
9  AC1 18 LEU A 86  ? LEU B 87  . ? 1_555 ? 
10 AC1 18 GLU A 87  ? GLU B 88  . ? 1_555 ? 
11 AC1 18 TRP A 89  ? TRP B 90  . ? 1_555 ? 
12 AC1 18 ILE A 108 ? ILE B 109 . ? 1_555 ? 
13 AC1 18 MET A 116 ? MET B 117 . ? 1_555 ? 
14 AC1 18 MET A 117 ? MET B 118 . ? 1_555 ? 
15 AC1 18 THR A 130 ? THR B 131 . ? 1_555 ? 
16 AC1 18 PHE A 132 ? PHE B 133 . ? 1_555 ? 
17 AC1 18 TYR A 148 ? TYR B 149 . ? 1_555 ? 
18 AC1 18 HOH C .   ? HOH B 313 . ? 1_555 ? 
# 
_pdbx_validate_rmsd_bond.id                        1 
_pdbx_validate_rmsd_bond.PDB_model_num             1 
_pdbx_validate_rmsd_bond.auth_atom_id_1            C 
_pdbx_validate_rmsd_bond.auth_asym_id_1            B 
_pdbx_validate_rmsd_bond.auth_comp_id_1            LEU 
_pdbx_validate_rmsd_bond.auth_seq_id_1             63 
_pdbx_validate_rmsd_bond.PDB_ins_code_1            ? 
_pdbx_validate_rmsd_bond.label_alt_id_1            ? 
_pdbx_validate_rmsd_bond.auth_atom_id_2            N 
_pdbx_validate_rmsd_bond.auth_asym_id_2            B 
_pdbx_validate_rmsd_bond.auth_comp_id_2            ASN 
_pdbx_validate_rmsd_bond.auth_seq_id_2             64 
_pdbx_validate_rmsd_bond.PDB_ins_code_2            ? 
_pdbx_validate_rmsd_bond.label_alt_id_2            ? 
_pdbx_validate_rmsd_bond.bond_value                1.169 
_pdbx_validate_rmsd_bond.bond_target_value         1.336 
_pdbx_validate_rmsd_bond.bond_deviation            -0.167 
_pdbx_validate_rmsd_bond.bond_standard_deviation   0.023 
_pdbx_validate_rmsd_bond.linker_flag               Y 
# 
loop_
_pdbx_validate_rmsd_angle.id 
_pdbx_validate_rmsd_angle.PDB_model_num 
_pdbx_validate_rmsd_angle.auth_atom_id_1 
_pdbx_validate_rmsd_angle.auth_asym_id_1 
_pdbx_validate_rmsd_angle.auth_comp_id_1 
_pdbx_validate_rmsd_angle.auth_seq_id_1 
_pdbx_validate_rmsd_angle.PDB_ins_code_1 
_pdbx_validate_rmsd_angle.label_alt_id_1 
_pdbx_validate_rmsd_angle.auth_atom_id_2 
_pdbx_validate_rmsd_angle.auth_asym_id_2 
_pdbx_validate_rmsd_angle.auth_comp_id_2 
_pdbx_validate_rmsd_angle.auth_seq_id_2 
_pdbx_validate_rmsd_angle.PDB_ins_code_2 
_pdbx_validate_rmsd_angle.label_alt_id_2 
_pdbx_validate_rmsd_angle.auth_atom_id_3 
_pdbx_validate_rmsd_angle.auth_asym_id_3 
_pdbx_validate_rmsd_angle.auth_comp_id_3 
_pdbx_validate_rmsd_angle.auth_seq_id_3 
_pdbx_validate_rmsd_angle.PDB_ins_code_3 
_pdbx_validate_rmsd_angle.label_alt_id_3 
_pdbx_validate_rmsd_angle.angle_value 
_pdbx_validate_rmsd_angle.angle_target_value 
_pdbx_validate_rmsd_angle.angle_deviation 
_pdbx_validate_rmsd_angle.angle_standard_deviation 
_pdbx_validate_rmsd_angle.linker_flag 
1 1 CA B LEU 63  ? ? C B LEU 63  ? ? N  B ASN 64  ? ? 140.13 117.20 22.93  2.20 Y 
2 1 O  B LEU 63  ? ? C B LEU 63  ? ? N  B ASN 64  ? ? 101.06 122.70 -21.64 1.60 Y 
3 1 CA B LYS 132 ? ? C B LYS 132 ? ? N  B PHE 133 ? ? 130.84 117.20 13.64  2.20 Y 
4 1 O  B LYS 132 ? ? C B LYS 132 ? ? N  B PHE 133 ? ? 108.28 122.70 -14.42 1.60 Y 
5 1 C  B LYS 132 ? ? N B PHE 133 ? ? CA B PHE 133 ? ? 150.00 121.70 28.30  2.50 Y 
# 
_pdbx_validate_torsion.id              1 
_pdbx_validate_torsion.PDB_model_num   1 
_pdbx_validate_torsion.auth_comp_id    ASP 
_pdbx_validate_torsion.auth_asym_id    B 
_pdbx_validate_torsion.auth_seq_id     136 
_pdbx_validate_torsion.PDB_ins_code    ? 
_pdbx_validate_torsion.label_alt_id    ? 
_pdbx_validate_torsion.phi             61.60 
_pdbx_validate_torsion.psi             -112.19 
# 
_pdbx_validate_polymer_linkage.id               1 
_pdbx_validate_polymer_linkage.PDB_model_num    1 
_pdbx_validate_polymer_linkage.auth_atom_id_1   C 
_pdbx_validate_polymer_linkage.auth_asym_id_1   B 
_pdbx_validate_polymer_linkage.auth_comp_id_1   LEU 
_pdbx_validate_polymer_linkage.auth_seq_id_1    63 
_pdbx_validate_polymer_linkage.PDB_ins_code_1   ? 
_pdbx_validate_polymer_linkage.label_alt_id_1   ? 
_pdbx_validate_polymer_linkage.auth_atom_id_2   N 
_pdbx_validate_polymer_linkage.auth_asym_id_2   B 
_pdbx_validate_polymer_linkage.auth_comp_id_2   ASN 
_pdbx_validate_polymer_linkage.auth_seq_id_2    64 
_pdbx_validate_polymer_linkage.PDB_ins_code_2   ? 
_pdbx_validate_polymer_linkage.label_alt_id_2   ? 
_pdbx_validate_polymer_linkage.dist             1.17 
# 
_pdbx_struct_special_symmetry.id              1 
_pdbx_struct_special_symmetry.PDB_model_num   1 
_pdbx_struct_special_symmetry.auth_asym_id    B 
_pdbx_struct_special_symmetry.auth_comp_id    HOH 
_pdbx_struct_special_symmetry.auth_seq_id     385 
_pdbx_struct_special_symmetry.PDB_ins_code    ? 
_pdbx_struct_special_symmetry.label_asym_id   C 
_pdbx_struct_special_symmetry.label_comp_id   HOH 
_pdbx_struct_special_symmetry.label_seq_id    . 
# 
_pdbx_distant_solvent_atoms.id                                1 
_pdbx_distant_solvent_atoms.PDB_model_num                     1 
_pdbx_distant_solvent_atoms.auth_atom_id                      O 
_pdbx_distant_solvent_atoms.label_alt_id                      ? 
_pdbx_distant_solvent_atoms.auth_asym_id                      B 
_pdbx_distant_solvent_atoms.auth_comp_id                      HOH 
_pdbx_distant_solvent_atoms.auth_seq_id                       399 
_pdbx_distant_solvent_atoms.PDB_ins_code                      ? 
_pdbx_distant_solvent_atoms.neighbor_macromolecule_distance   7.51 
_pdbx_distant_solvent_atoms.neighbor_ligand_distance          . 
# 
loop_
_pdbx_unobs_or_zero_occ_residues.id 
_pdbx_unobs_or_zero_occ_residues.PDB_model_num 
_pdbx_unobs_or_zero_occ_residues.polymer_flag 
_pdbx_unobs_or_zero_occ_residues.occupancy_flag 
_pdbx_unobs_or_zero_occ_residues.auth_asym_id 
_pdbx_unobs_or_zero_occ_residues.auth_comp_id 
_pdbx_unobs_or_zero_occ_residues.auth_seq_id 
_pdbx_unobs_or_zero_occ_residues.PDB_ins_code 
_pdbx_unobs_or_zero_occ_residues.label_asym_id 
_pdbx_unobs_or_zero_occ_residues.label_comp_id 
_pdbx_unobs_or_zero_occ_residues.label_seq_id 
1 1 Y 1 B ALA 111 ? A ALA 110 
2 1 Y 1 B ALA 112 ? A ALA 111 
3 1 Y 1 B PRO 113 ? A PRO 112 
4 1 Y 1 B GLU 114 ? A GLU 113 
# 
loop_
_chem_comp_atom.comp_id 
_chem_comp_atom.atom_id 
_chem_comp_atom.type_symbol 
_chem_comp_atom.pdbx_aromatic_flag 
_chem_comp_atom.pdbx_stereo_config 
_chem_comp_atom.pdbx_ordinal 
9GD CAK  C  N N 1   
9GD CAL  C  N N 2   
9GD NAM  N  N N 3   
9GD CAN  C  N N 4   
9GD CAO  C  N N 5   
9GD CAJ  C  N N 6   
9GD CAI  C  N N 7   
9GD NAH  N  N N 8   
9GD CAA  C  N N 9   
9GD CAB  C  Y N 10  
9GD CAC  C  Y N 11  
9GD CAD  C  Y N 12  
9GD NBP  N  N N 13  
9GD CAE  C  Y N 14  
9GD CBQ  C  N N 15  
9GD OBS  O  N N 16  
9GD OBR  O  N N 17  
9GD CAF  C  Y N 18  
9GD CAG  C  Y N 19  
9GD SAP  S  N N 20  
9GD OAQ  O  N N 21  
9GD OAR  O  N N 22  
9GD CAS  C  Y N 23  
9GD CAX  C  Y N 24  
9GD CAW  C  Y N 25  
9GD CAT  C  Y N 26  
9GD CAU  C  Y N 27  
9GD CAV  C  Y N 28  
9GD SAY  S  N N 29  
9GD OAZ  O  N N 30  
9GD OBA  O  N N 31  
9GD NBB  N  N N 32  
9GD CBE  C  N N 33  
9GD CBF  C  N N 34  
9GD CBG  C  N N 35  
9GD CBH  C  N N 36  
9GD CBI  C  N N 37  
9GD CBC  C  N N 38  
9GD CBD  C  Y N 39  
9GD CBJ  C  Y N 40  
9GD CBK  C  Y N 41  
9GD CBL  C  Y N 42  
9GD CL   CL N N 43  
9GD CBM  C  Y N 44  
9GD CBN  C  Y N 45  
9GD H1   H  N N 46  
9GD H2   H  N N 47  
9GD H3   H  N N 48  
9GD H4   H  N N 49  
9GD H5   H  N N 50  
9GD H7   H  N N 51  
9GD H8   H  N N 52  
9GD H9   H  N N 53  
9GD H10  H  N N 54  
9GD H11  H  N N 55  
9GD H12  H  N N 56  
9GD H13  H  N N 57  
9GD H14  H  N N 58  
9GD H15  H  N N 59  
9GD H16  H  N N 60  
9GD H17  H  N N 61  
9GD H18  H  N N 62  
9GD H19  H  N N 63  
9GD H20  H  N N 64  
9GD H21  H  N N 65  
9GD H22  H  N N 66  
9GD H23  H  N N 67  
9GD H24  H  N N 68  
9GD H25  H  N N 69  
9GD H26  H  N N 70  
9GD H27  H  N N 71  
9GD H28  H  N N 72  
9GD H29  H  N N 73  
9GD H30  H  N N 74  
9GD H31  H  N N 75  
9GD H32  H  N N 76  
9GD H33  H  N N 77  
9GD H34  H  N N 78  
9GD H35  H  N N 79  
9GD H36  H  N N 80  
9GD H37  H  N N 81  
9GD H38  H  N N 82  
9GD H39  H  N N 83  
9GD H40  H  N N 84  
ALA N    N  N N 85  
ALA CA   C  N S 86  
ALA C    C  N N 87  
ALA O    O  N N 88  
ALA CB   C  N N 89  
ALA OXT  O  N N 90  
ALA H    H  N N 91  
ALA H2   H  N N 92  
ALA HA   H  N N 93  
ALA HB1  H  N N 94  
ALA HB2  H  N N 95  
ALA HB3  H  N N 96  
ALA HXT  H  N N 97  
ARG N    N  N N 98  
ARG CA   C  N S 99  
ARG C    C  N N 100 
ARG O    O  N N 101 
ARG CB   C  N N 102 
ARG CG   C  N N 103 
ARG CD   C  N N 104 
ARG NE   N  N N 105 
ARG CZ   C  N N 106 
ARG NH1  N  N N 107 
ARG NH2  N  N N 108 
ARG OXT  O  N N 109 
ARG H    H  N N 110 
ARG H2   H  N N 111 
ARG HA   H  N N 112 
ARG HB2  H  N N 113 
ARG HB3  H  N N 114 
ARG HG2  H  N N 115 
ARG HG3  H  N N 116 
ARG HD2  H  N N 117 
ARG HD3  H  N N 118 
ARG HE   H  N N 119 
ARG HH11 H  N N 120 
ARG HH12 H  N N 121 
ARG HH21 H  N N 122 
ARG HH22 H  N N 123 
ARG HXT  H  N N 124 
ASN N    N  N N 125 
ASN CA   C  N S 126 
ASN C    C  N N 127 
ASN O    O  N N 128 
ASN CB   C  N N 129 
ASN CG   C  N N 130 
ASN OD1  O  N N 131 
ASN ND2  N  N N 132 
ASN OXT  O  N N 133 
ASN H    H  N N 134 
ASN H2   H  N N 135 
ASN HA   H  N N 136 
ASN HB2  H  N N 137 
ASN HB3  H  N N 138 
ASN HD21 H  N N 139 
ASN HD22 H  N N 140 
ASN HXT  H  N N 141 
ASP N    N  N N 142 
ASP CA   C  N S 143 
ASP C    C  N N 144 
ASP O    O  N N 145 
ASP CB   C  N N 146 
ASP CG   C  N N 147 
ASP OD1  O  N N 148 
ASP OD2  O  N N 149 
ASP OXT  O  N N 150 
ASP H    H  N N 151 
ASP H2   H  N N 152 
ASP HA   H  N N 153 
ASP HB2  H  N N 154 
ASP HB3  H  N N 155 
ASP HD2  H  N N 156 
ASP HXT  H  N N 157 
CYS N    N  N N 158 
CYS CA   C  N R 159 
CYS C    C  N N 160 
CYS O    O  N N 161 
CYS CB   C  N N 162 
CYS SG   S  N N 163 
CYS OXT  O  N N 164 
CYS H    H  N N 165 
CYS H2   H  N N 166 
CYS HA   H  N N 167 
CYS HB2  H  N N 168 
CYS HB3  H  N N 169 
CYS HG   H  N N 170 
CYS HXT  H  N N 171 
GLN N    N  N N 172 
GLN CA   C  N S 173 
GLN C    C  N N 174 
GLN O    O  N N 175 
GLN CB   C  N N 176 
GLN CG   C  N N 177 
GLN CD   C  N N 178 
GLN OE1  O  N N 179 
GLN NE2  N  N N 180 
GLN OXT  O  N N 181 
GLN H    H  N N 182 
GLN H2   H  N N 183 
GLN HA   H  N N 184 
GLN HB2  H  N N 185 
GLN HB3  H  N N 186 
GLN HG2  H  N N 187 
GLN HG3  H  N N 188 
GLN HE21 H  N N 189 
GLN HE22 H  N N 190 
GLN HXT  H  N N 191 
GLU N    N  N N 192 
GLU CA   C  N S 193 
GLU C    C  N N 194 
GLU O    O  N N 195 
GLU CB   C  N N 196 
GLU CG   C  N N 197 
GLU CD   C  N N 198 
GLU OE1  O  N N 199 
GLU OE2  O  N N 200 
GLU OXT  O  N N 201 
GLU H    H  N N 202 
GLU H2   H  N N 203 
GLU HA   H  N N 204 
GLU HB2  H  N N 205 
GLU HB3  H  N N 206 
GLU HG2  H  N N 207 
GLU HG3  H  N N 208 
GLU HE2  H  N N 209 
GLU HXT  H  N N 210 
GLY N    N  N N 211 
GLY CA   C  N N 212 
GLY C    C  N N 213 
GLY O    O  N N 214 
GLY OXT  O  N N 215 
GLY H    H  N N 216 
GLY H2   H  N N 217 
GLY HA2  H  N N 218 
GLY HA3  H  N N 219 
GLY HXT  H  N N 220 
HIS N    N  N N 221 
HIS CA   C  N S 222 
HIS C    C  N N 223 
HIS O    O  N N 224 
HIS CB   C  N N 225 
HIS CG   C  Y N 226 
HIS ND1  N  Y N 227 
HIS CD2  C  Y N 228 
HIS CE1  C  Y N 229 
HIS NE2  N  Y N 230 
HIS OXT  O  N N 231 
HIS H    H  N N 232 
HIS H2   H  N N 233 
HIS HA   H  N N 234 
HIS HB2  H  N N 235 
HIS HB3  H  N N 236 
HIS HD1  H  N N 237 
HIS HD2  H  N N 238 
HIS HE1  H  N N 239 
HIS HE2  H  N N 240 
HIS HXT  H  N N 241 
HOH O    O  N N 242 
HOH H1   H  N N 243 
HOH H2   H  N N 244 
ILE N    N  N N 245 
ILE CA   C  N S 246 
ILE C    C  N N 247 
ILE O    O  N N 248 
ILE CB   C  N S 249 
ILE CG1  C  N N 250 
ILE CG2  C  N N 251 
ILE CD1  C  N N 252 
ILE OXT  O  N N 253 
ILE H    H  N N 254 
ILE H2   H  N N 255 
ILE HA   H  N N 256 
ILE HB   H  N N 257 
ILE HG12 H  N N 258 
ILE HG13 H  N N 259 
ILE HG21 H  N N 260 
ILE HG22 H  N N 261 
ILE HG23 H  N N 262 
ILE HD11 H  N N 263 
ILE HD12 H  N N 264 
ILE HD13 H  N N 265 
ILE HXT  H  N N 266 
LEU N    N  N N 267 
LEU CA   C  N S 268 
LEU C    C  N N 269 
LEU O    O  N N 270 
LEU CB   C  N N 271 
LEU CG   C  N N 272 
LEU CD1  C  N N 273 
LEU CD2  C  N N 274 
LEU OXT  O  N N 275 
LEU H    H  N N 276 
LEU H2   H  N N 277 
LEU HA   H  N N 278 
LEU HB2  H  N N 279 
LEU HB3  H  N N 280 
LEU HG   H  N N 281 
LEU HD11 H  N N 282 
LEU HD12 H  N N 283 
LEU HD13 H  N N 284 
LEU HD21 H  N N 285 
LEU HD22 H  N N 286 
LEU HD23 H  N N 287 
LEU HXT  H  N N 288 
LYS N    N  N N 289 
LYS CA   C  N S 290 
LYS C    C  N N 291 
LYS O    O  N N 292 
LYS CB   C  N N 293 
LYS CG   C  N N 294 
LYS CD   C  N N 295 
LYS CE   C  N N 296 
LYS NZ   N  N N 297 
LYS OXT  O  N N 298 
LYS H    H  N N 299 
LYS H2   H  N N 300 
LYS HA   H  N N 301 
LYS HB2  H  N N 302 
LYS HB3  H  N N 303 
LYS HG2  H  N N 304 
LYS HG3  H  N N 305 
LYS HD2  H  N N 306 
LYS HD3  H  N N 307 
LYS HE2  H  N N 308 
LYS HE3  H  N N 309 
LYS HZ1  H  N N 310 
LYS HZ2  H  N N 311 
LYS HZ3  H  N N 312 
LYS HXT  H  N N 313 
MET N    N  N N 314 
MET CA   C  N S 315 
MET C    C  N N 316 
MET O    O  N N 317 
MET CB   C  N N 318 
MET CG   C  N N 319 
MET SD   S  N N 320 
MET CE   C  N N 321 
MET OXT  O  N N 322 
MET H    H  N N 323 
MET H2   H  N N 324 
MET HA   H  N N 325 
MET HB2  H  N N 326 
MET HB3  H  N N 327 
MET HG2  H  N N 328 
MET HG3  H  N N 329 
MET HE1  H  N N 330 
MET HE2  H  N N 331 
MET HE3  H  N N 332 
MET HXT  H  N N 333 
PHE N    N  N N 334 
PHE CA   C  N S 335 
PHE C    C  N N 336 
PHE O    O  N N 337 
PHE CB   C  N N 338 
PHE CG   C  Y N 339 
PHE CD1  C  Y N 340 
PHE CD2  C  Y N 341 
PHE CE1  C  Y N 342 
PHE CE2  C  Y N 343 
PHE CZ   C  Y N 344 
PHE OXT  O  N N 345 
PHE H    H  N N 346 
PHE H2   H  N N 347 
PHE HA   H  N N 348 
PHE HB2  H  N N 349 
PHE HB3  H  N N 350 
PHE HD1  H  N N 351 
PHE HD2  H  N N 352 
PHE HE1  H  N N 353 
PHE HE2  H  N N 354 
PHE HZ   H  N N 355 
PHE HXT  H  N N 356 
PRO N    N  N N 357 
PRO CA   C  N S 358 
PRO C    C  N N 359 
PRO O    O  N N 360 
PRO CB   C  N N 361 
PRO CG   C  N N 362 
PRO CD   C  N N 363 
PRO OXT  O  N N 364 
PRO H    H  N N 365 
PRO HA   H  N N 366 
PRO HB2  H  N N 367 
PRO HB3  H  N N 368 
PRO HG2  H  N N 369 
PRO HG3  H  N N 370 
PRO HD2  H  N N 371 
PRO HD3  H  N N 372 
PRO HXT  H  N N 373 
SER N    N  N N 374 
SER CA   C  N S 375 
SER C    C  N N 376 
SER O    O  N N 377 
SER CB   C  N N 378 
SER OG   O  N N 379 
SER OXT  O  N N 380 
SER H    H  N N 381 
SER H2   H  N N 382 
SER HA   H  N N 383 
SER HB2  H  N N 384 
SER HB3  H  N N 385 
SER HG   H  N N 386 
SER HXT  H  N N 387 
THR N    N  N N 388 
THR CA   C  N S 389 
THR C    C  N N 390 
THR O    O  N N 391 
THR CB   C  N R 392 
THR OG1  O  N N 393 
THR CG2  C  N N 394 
THR OXT  O  N N 395 
THR H    H  N N 396 
THR H2   H  N N 397 
THR HA   H  N N 398 
THR HB   H  N N 399 
THR HG1  H  N N 400 
THR HG21 H  N N 401 
THR HG22 H  N N 402 
THR HG23 H  N N 403 
THR HXT  H  N N 404 
TRP N    N  N N 405 
TRP CA   C  N S 406 
TRP C    C  N N 407 
TRP O    O  N N 408 
TRP CB   C  N N 409 
TRP CG   C  Y N 410 
TRP CD1  C  Y N 411 
TRP CD2  C  Y N 412 
TRP NE1  N  Y N 413 
TRP CE2  C  Y N 414 
TRP CE3  C  Y N 415 
TRP CZ2  C  Y N 416 
TRP CZ3  C  Y N 417 
TRP CH2  C  Y N 418 
TRP OXT  O  N N 419 
TRP H    H  N N 420 
TRP H2   H  N N 421 
TRP HA   H  N N 422 
TRP HB2  H  N N 423 
TRP HB3  H  N N 424 
TRP HD1  H  N N 425 
TRP HE1  H  N N 426 
TRP HE3  H  N N 427 
TRP HZ2  H  N N 428 
TRP HZ3  H  N N 429 
TRP HH2  H  N N 430 
TRP HXT  H  N N 431 
TYR N    N  N N 432 
TYR CA   C  N S 433 
TYR C    C  N N 434 
TYR O    O  N N 435 
TYR CB   C  N N 436 
TYR CG   C  Y N 437 
TYR CD1  C  Y N 438 
TYR CD2  C  Y N 439 
TYR CE1  C  Y N 440 
TYR CE2  C  Y N 441 
TYR CZ   C  Y N 442 
TYR OH   O  N N 443 
TYR OXT  O  N N 444 
TYR H    H  N N 445 
TYR H2   H  N N 446 
TYR HA   H  N N 447 
TYR HB2  H  N N 448 
TYR HB3  H  N N 449 
TYR HD1  H  N N 450 
TYR HD2  H  N N 451 
TYR HE1  H  N N 452 
TYR HE2  H  N N 453 
TYR HH   H  N N 454 
TYR HXT  H  N N 455 
VAL N    N  N N 456 
VAL CA   C  N S 457 
VAL C    C  N N 458 
VAL O    O  N N 459 
VAL CB   C  N N 460 
VAL CG1  C  N N 461 
VAL CG2  C  N N 462 
VAL OXT  O  N N 463 
VAL H    H  N N 464 
VAL H2   H  N N 465 
VAL HA   H  N N 466 
VAL HB   H  N N 467 
VAL HG11 H  N N 468 
VAL HG12 H  N N 469 
VAL HG13 H  N N 470 
VAL HG21 H  N N 471 
VAL HG22 H  N N 472 
VAL HG23 H  N N 473 
VAL HXT  H  N N 474 
# 
loop_
_chem_comp_bond.comp_id 
_chem_comp_bond.atom_id_1 
_chem_comp_bond.atom_id_2 
_chem_comp_bond.value_order 
_chem_comp_bond.pdbx_aromatic_flag 
_chem_comp_bond.pdbx_stereo_config 
_chem_comp_bond.pdbx_ordinal 
9GD OBS CBQ  doub N N 1   
9GD CBQ OBR  sing N N 2   
9GD CBQ CAE  sing N N 3   
9GD CAF CAE  doub Y N 4   
9GD CAF CAG  sing Y N 5   
9GD CAE CAD  sing Y N 6   
9GD CAG CAB  doub Y N 7   
9GD OAQ SAP  doub N N 8   
9GD CAD NBP  sing N N 9   
9GD CAD CAC  doub Y N 10  
9GD CAB CAC  sing Y N 11  
9GD CAB CAA  sing N N 12  
9GD CBG CBH  sing N N 13  
9GD CBG CBF  sing N N 14  
9GD SAP OAR  doub N N 15  
9GD SAP NAH  sing N N 16  
9GD SAP CAS  sing N N 17  
9GD CBH CBI  sing N N 18  
9GD CAA NAH  sing N N 19  
9GD NAH CAI  sing N N 20  
9GD CBF CBE  sing N N 21  
9GD CAX CAS  doub Y N 22  
9GD CAX CAW  sing Y N 23  
9GD CAS CAT  sing Y N 24  
9GD CAK CAL  sing N N 25  
9GD CAK CAJ  sing N N 26  
9GD CBE CBI  sing N N 27  
9GD CBE NBB  sing N N 28  
9GD CAL NAM  sing N N 29  
9GD CAW CAV  doub Y N 30  
9GD CAT CAU  doub Y N 31  
9GD CAI CAJ  sing N N 32  
9GD CAJ CAO  sing N N 33  
9GD CBC NBB  sing N N 34  
9GD CBC CBD  sing N N 35  
9GD NBB SAY  sing N N 36  
9GD CAV CAU  sing Y N 37  
9GD CAV SAY  sing N N 38  
9GD NAM CAN  sing N N 39  
9GD CBJ CBD  doub Y N 40  
9GD CBJ CBK  sing Y N 41  
9GD CBD CBN  sing Y N 42  
9GD SAY OBA  doub N N 43  
9GD SAY OAZ  doub N N 44  
9GD CAO CAN  sing N N 45  
9GD CBK CBL  doub Y N 46  
9GD CBN CBM  doub Y N 47  
9GD CBL CBM  sing Y N 48  
9GD CBL CL   sing N N 49  
9GD CAK H1   sing N N 50  
9GD CAK H2   sing N N 51  
9GD CAL H3   sing N N 52  
9GD CAL H4   sing N N 53  
9GD NAM H5   sing N N 54  
9GD CAN H7   sing N N 55  
9GD CAN H8   sing N N 56  
9GD CAO H9   sing N N 57  
9GD CAO H10  sing N N 58  
9GD CAJ H11  sing N N 59  
9GD CAI H12  sing N N 60  
9GD CAI H13  sing N N 61  
9GD CAA H14  sing N N 62  
9GD CAA H15  sing N N 63  
9GD CAC H16  sing N N 64  
9GD NBP H17  sing N N 65  
9GD NBP H18  sing N N 66  
9GD OBR H19  sing N N 67  
9GD CAF H20  sing N N 68  
9GD CAG H21  sing N N 69  
9GD CAX H22  sing N N 70  
9GD CAW H23  sing N N 71  
9GD CAT H24  sing N N 72  
9GD CAU H25  sing N N 73  
9GD CBE H26  sing N N 74  
9GD CBF H27  sing N N 75  
9GD CBF H28  sing N N 76  
9GD CBG H29  sing N N 77  
9GD CBG H30  sing N N 78  
9GD CBH H31  sing N N 79  
9GD CBH H32  sing N N 80  
9GD CBI H33  sing N N 81  
9GD CBI H34  sing N N 82  
9GD CBC H35  sing N N 83  
9GD CBC H36  sing N N 84  
9GD CBJ H37  sing N N 85  
9GD CBK H38  sing N N 86  
9GD CBM H39  sing N N 87  
9GD CBN H40  sing N N 88  
ALA N   CA   sing N N 89  
ALA N   H    sing N N 90  
ALA N   H2   sing N N 91  
ALA CA  C    sing N N 92  
ALA CA  CB   sing N N 93  
ALA CA  HA   sing N N 94  
ALA C   O    doub N N 95  
ALA C   OXT  sing N N 96  
ALA CB  HB1  sing N N 97  
ALA CB  HB2  sing N N 98  
ALA CB  HB3  sing N N 99  
ALA OXT HXT  sing N N 100 
ARG N   CA   sing N N 101 
ARG N   H    sing N N 102 
ARG N   H2   sing N N 103 
ARG CA  C    sing N N 104 
ARG CA  CB   sing N N 105 
ARG CA  HA   sing N N 106 
ARG C   O    doub N N 107 
ARG C   OXT  sing N N 108 
ARG CB  CG   sing N N 109 
ARG CB  HB2  sing N N 110 
ARG CB  HB3  sing N N 111 
ARG CG  CD   sing N N 112 
ARG CG  HG2  sing N N 113 
ARG CG  HG3  sing N N 114 
ARG CD  NE   sing N N 115 
ARG CD  HD2  sing N N 116 
ARG CD  HD3  sing N N 117 
ARG NE  CZ   sing N N 118 
ARG NE  HE   sing N N 119 
ARG CZ  NH1  sing N N 120 
ARG CZ  NH2  doub N N 121 
ARG NH1 HH11 sing N N 122 
ARG NH1 HH12 sing N N 123 
ARG NH2 HH21 sing N N 124 
ARG NH2 HH22 sing N N 125 
ARG OXT HXT  sing N N 126 
ASN N   CA   sing N N 127 
ASN N   H    sing N N 128 
ASN N   H2   sing N N 129 
ASN CA  C    sing N N 130 
ASN CA  CB   sing N N 131 
ASN CA  HA   sing N N 132 
ASN C   O    doub N N 133 
ASN C   OXT  sing N N 134 
ASN CB  CG   sing N N 135 
ASN CB  HB2  sing N N 136 
ASN CB  HB3  sing N N 137 
ASN CG  OD1  doub N N 138 
ASN CG  ND2  sing N N 139 
ASN ND2 HD21 sing N N 140 
ASN ND2 HD22 sing N N 141 
ASN OXT HXT  sing N N 142 
ASP N   CA   sing N N 143 
ASP N   H    sing N N 144 
ASP N   H2   sing N N 145 
ASP CA  C    sing N N 146 
ASP CA  CB   sing N N 147 
ASP CA  HA   sing N N 148 
ASP C   O    doub N N 149 
ASP C   OXT  sing N N 150 
ASP CB  CG   sing N N 151 
ASP CB  HB2  sing N N 152 
ASP CB  HB3  sing N N 153 
ASP CG  OD1  doub N N 154 
ASP CG  OD2  sing N N 155 
ASP OD2 HD2  sing N N 156 
ASP OXT HXT  sing N N 157 
CYS N   CA   sing N N 158 
CYS N   H    sing N N 159 
CYS N   H2   sing N N 160 
CYS CA  C    sing N N 161 
CYS CA  CB   sing N N 162 
CYS CA  HA   sing N N 163 
CYS C   O    doub N N 164 
CYS C   OXT  sing N N 165 
CYS CB  SG   sing N N 166 
CYS CB  HB2  sing N N 167 
CYS CB  HB3  sing N N 168 
CYS SG  HG   sing N N 169 
CYS OXT HXT  sing N N 170 
GLN N   CA   sing N N 171 
GLN N   H    sing N N 172 
GLN N   H2   sing N N 173 
GLN CA  C    sing N N 174 
GLN CA  CB   sing N N 175 
GLN CA  HA   sing N N 176 
GLN C   O    doub N N 177 
GLN C   OXT  sing N N 178 
GLN CB  CG   sing N N 179 
GLN CB  HB2  sing N N 180 
GLN CB  HB3  sing N N 181 
GLN CG  CD   sing N N 182 
GLN CG  HG2  sing N N 183 
GLN CG  HG3  sing N N 184 
GLN CD  OE1  doub N N 185 
GLN CD  NE2  sing N N 186 
GLN NE2 HE21 sing N N 187 
GLN NE2 HE22 sing N N 188 
GLN OXT HXT  sing N N 189 
GLU N   CA   sing N N 190 
GLU N   H    sing N N 191 
GLU N   H2   sing N N 192 
GLU CA  C    sing N N 193 
GLU CA  CB   sing N N 194 
GLU CA  HA   sing N N 195 
GLU C   O    doub N N 196 
GLU C   OXT  sing N N 197 
GLU CB  CG   sing N N 198 
GLU CB  HB2  sing N N 199 
GLU CB  HB3  sing N N 200 
GLU CG  CD   sing N N 201 
GLU CG  HG2  sing N N 202 
GLU CG  HG3  sing N N 203 
GLU CD  OE1  doub N N 204 
GLU CD  OE2  sing N N 205 
GLU OE2 HE2  sing N N 206 
GLU OXT HXT  sing N N 207 
GLY N   CA   sing N N 208 
GLY N   H    sing N N 209 
GLY N   H2   sing N N 210 
GLY CA  C    sing N N 211 
GLY CA  HA2  sing N N 212 
GLY CA  HA3  sing N N 213 
GLY C   O    doub N N 214 
GLY C   OXT  sing N N 215 
GLY OXT HXT  sing N N 216 
HIS N   CA   sing N N 217 
HIS N   H    sing N N 218 
HIS N   H2   sing N N 219 
HIS CA  C    sing N N 220 
HIS CA  CB   sing N N 221 
HIS CA  HA   sing N N 222 
HIS C   O    doub N N 223 
HIS C   OXT  sing N N 224 
HIS CB  CG   sing N N 225 
HIS CB  HB2  sing N N 226 
HIS CB  HB3  sing N N 227 
HIS CG  ND1  sing Y N 228 
HIS CG  CD2  doub Y N 229 
HIS ND1 CE1  doub Y N 230 
HIS ND1 HD1  sing N N 231 
HIS CD2 NE2  sing Y N 232 
HIS CD2 HD2  sing N N 233 
HIS CE1 NE2  sing Y N 234 
HIS CE1 HE1  sing N N 235 
HIS NE2 HE2  sing N N 236 
HIS OXT HXT  sing N N 237 
HOH O   H1   sing N N 238 
HOH O   H2   sing N N 239 
ILE N   CA   sing N N 240 
ILE N   H    sing N N 241 
ILE N   H2   sing N N 242 
ILE CA  C    sing N N 243 
ILE CA  CB   sing N N 244 
ILE CA  HA   sing N N 245 
ILE C   O    doub N N 246 
ILE C   OXT  sing N N 247 
ILE CB  CG1  sing N N 248 
ILE CB  CG2  sing N N 249 
ILE CB  HB   sing N N 250 
ILE CG1 CD1  sing N N 251 
ILE CG1 HG12 sing N N 252 
ILE CG1 HG13 sing N N 253 
ILE CG2 HG21 sing N N 254 
ILE CG2 HG22 sing N N 255 
ILE CG2 HG23 sing N N 256 
ILE CD1 HD11 sing N N 257 
ILE CD1 HD12 sing N N 258 
ILE CD1 HD13 sing N N 259 
ILE OXT HXT  sing N N 260 
LEU N   CA   sing N N 261 
LEU N   H    sing N N 262 
LEU N   H2   sing N N 263 
LEU CA  C    sing N N 264 
LEU CA  CB   sing N N 265 
LEU CA  HA   sing N N 266 
LEU C   O    doub N N 267 
LEU C   OXT  sing N N 268 
LEU CB  CG   sing N N 269 
LEU CB  HB2  sing N N 270 
LEU CB  HB3  sing N N 271 
LEU CG  CD1  sing N N 272 
LEU CG  CD2  sing N N 273 
LEU CG  HG   sing N N 274 
LEU CD1 HD11 sing N N 275 
LEU CD1 HD12 sing N N 276 
LEU CD1 HD13 sing N N 277 
LEU CD2 HD21 sing N N 278 
LEU CD2 HD22 sing N N 279 
LEU CD2 HD23 sing N N 280 
LEU OXT HXT  sing N N 281 
LYS N   CA   sing N N 282 
LYS N   H    sing N N 283 
LYS N   H2   sing N N 284 
LYS CA  C    sing N N 285 
LYS CA  CB   sing N N 286 
LYS CA  HA   sing N N 287 
LYS C   O    doub N N 288 
LYS C   OXT  sing N N 289 
LYS CB  CG   sing N N 290 
LYS CB  HB2  sing N N 291 
LYS CB  HB3  sing N N 292 
LYS CG  CD   sing N N 293 
LYS CG  HG2  sing N N 294 
LYS CG  HG3  sing N N 295 
LYS CD  CE   sing N N 296 
LYS CD  HD2  sing N N 297 
LYS CD  HD3  sing N N 298 
LYS CE  NZ   sing N N 299 
LYS CE  HE2  sing N N 300 
LYS CE  HE3  sing N N 301 
LYS NZ  HZ1  sing N N 302 
LYS NZ  HZ2  sing N N 303 
LYS NZ  HZ3  sing N N 304 
LYS OXT HXT  sing N N 305 
MET N   CA   sing N N 306 
MET N   H    sing N N 307 
MET N   H2   sing N N 308 
MET CA  C    sing N N 309 
MET CA  CB   sing N N 310 
MET CA  HA   sing N N 311 
MET C   O    doub N N 312 
MET C   OXT  sing N N 313 
MET CB  CG   sing N N 314 
MET CB  HB2  sing N N 315 
MET CB  HB3  sing N N 316 
MET CG  SD   sing N N 317 
MET CG  HG2  sing N N 318 
MET CG  HG3  sing N N 319 
MET SD  CE   sing N N 320 
MET CE  HE1  sing N N 321 
MET CE  HE2  sing N N 322 
MET CE  HE3  sing N N 323 
MET OXT HXT  sing N N 324 
PHE N   CA   sing N N 325 
PHE N   H    sing N N 326 
PHE N   H2   sing N N 327 
PHE CA  C    sing N N 328 
PHE CA  CB   sing N N 329 
PHE CA  HA   sing N N 330 
PHE C   O    doub N N 331 
PHE C   OXT  sing N N 332 
PHE CB  CG   sing N N 333 
PHE CB  HB2  sing N N 334 
PHE CB  HB3  sing N N 335 
PHE CG  CD1  doub Y N 336 
PHE CG  CD2  sing Y N 337 
PHE CD1 CE1  sing Y N 338 
PHE CD1 HD1  sing N N 339 
PHE CD2 CE2  doub Y N 340 
PHE CD2 HD2  sing N N 341 
PHE CE1 CZ   doub Y N 342 
PHE CE1 HE1  sing N N 343 
PHE CE2 CZ   sing Y N 344 
PHE CE2 HE2  sing N N 345 
PHE CZ  HZ   sing N N 346 
PHE OXT HXT  sing N N 347 
PRO N   CA   sing N N 348 
PRO N   CD   sing N N 349 
PRO N   H    sing N N 350 
PRO CA  C    sing N N 351 
PRO CA  CB   sing N N 352 
PRO CA  HA   sing N N 353 
PRO C   O    doub N N 354 
PRO C   OXT  sing N N 355 
PRO CB  CG   sing N N 356 
PRO CB  HB2  sing N N 357 
PRO CB  HB3  sing N N 358 
PRO CG  CD   sing N N 359 
PRO CG  HG2  sing N N 360 
PRO CG  HG3  sing N N 361 
PRO CD  HD2  sing N N 362 
PRO CD  HD3  sing N N 363 
PRO OXT HXT  sing N N 364 
SER N   CA   sing N N 365 
SER N   H    sing N N 366 
SER N   H2   sing N N 367 
SER CA  C    sing N N 368 
SER CA  CB   sing N N 369 
SER CA  HA   sing N N 370 
SER C   O    doub N N 371 
SER C   OXT  sing N N 372 
SER CB  OG   sing N N 373 
SER CB  HB2  sing N N 374 
SER CB  HB3  sing N N 375 
SER OG  HG   sing N N 376 
SER OXT HXT  sing N N 377 
THR N   CA   sing N N 378 
THR N   H    sing N N 379 
THR N   H2   sing N N 380 
THR CA  C    sing N N 381 
THR CA  CB   sing N N 382 
THR CA  HA   sing N N 383 
THR C   O    doub N N 384 
THR C   OXT  sing N N 385 
THR CB  OG1  sing N N 386 
THR CB  CG2  sing N N 387 
THR CB  HB   sing N N 388 
THR OG1 HG1  sing N N 389 
THR CG2 HG21 sing N N 390 
THR CG2 HG22 sing N N 391 
THR CG2 HG23 sing N N 392 
THR OXT HXT  sing N N 393 
TRP N   CA   sing N N 394 
TRP N   H    sing N N 395 
TRP N   H2   sing N N 396 
TRP CA  C    sing N N 397 
TRP CA  CB   sing N N 398 
TRP CA  HA   sing N N 399 
TRP C   O    doub N N 400 
TRP C   OXT  sing N N 401 
TRP CB  CG   sing N N 402 
TRP CB  HB2  sing N N 403 
TRP CB  HB3  sing N N 404 
TRP CG  CD1  doub Y N 405 
TRP CG  CD2  sing Y N 406 
TRP CD1 NE1  sing Y N 407 
TRP CD1 HD1  sing N N 408 
TRP CD2 CE2  doub Y N 409 
TRP CD2 CE3  sing Y N 410 
TRP NE1 CE2  sing Y N 411 
TRP NE1 HE1  sing N N 412 
TRP CE2 CZ2  sing Y N 413 
TRP CE3 CZ3  doub Y N 414 
TRP CE3 HE3  sing N N 415 
TRP CZ2 CH2  doub Y N 416 
TRP CZ2 HZ2  sing N N 417 
TRP CZ3 CH2  sing Y N 418 
TRP CZ3 HZ3  sing N N 419 
TRP CH2 HH2  sing N N 420 
TRP OXT HXT  sing N N 421 
TYR N   CA   sing N N 422 
TYR N   H    sing N N 423 
TYR N   H2   sing N N 424 
TYR CA  C    sing N N 425 
TYR CA  CB   sing N N 426 
TYR CA  HA   sing N N 427 
TYR C   O    doub N N 428 
TYR C   OXT  sing N N 429 
TYR CB  CG   sing N N 430 
TYR CB  HB2  sing N N 431 
TYR CB  HB3  sing N N 432 
TYR CG  CD1  doub Y N 433 
TYR CG  CD2  sing Y N 434 
TYR CD1 CE1  sing Y N 435 
TYR CD1 HD1  sing N N 436 
TYR CD2 CE2  doub Y N 437 
TYR CD2 HD2  sing N N 438 
TYR CE1 CZ   doub Y N 439 
TYR CE1 HE1  sing N N 440 
TYR CE2 CZ   sing Y N 441 
TYR CE2 HE2  sing N N 442 
TYR CZ  OH   sing N N 443 
TYR OH  HH   sing N N 444 
TYR OXT HXT  sing N N 445 
VAL N   CA   sing N N 446 
VAL N   H    sing N N 447 
VAL N   H2   sing N N 448 
VAL CA  C    sing N N 449 
VAL CA  CB   sing N N 450 
VAL CA  HA   sing N N 451 
VAL C   O    doub N N 452 
VAL C   OXT  sing N N 453 
VAL CB  CG1  sing N N 454 
VAL CB  CG2  sing N N 455 
VAL CB  HB   sing N N 456 
VAL CG1 HG11 sing N N 457 
VAL CG1 HG12 sing N N 458 
VAL CG1 HG13 sing N N 459 
VAL CG2 HG21 sing N N 460 
VAL CG2 HG22 sing N N 461 
VAL CG2 HG23 sing N N 462 
VAL OXT HXT  sing N N 463 
# 
loop_
_pdbx_audit_support.funding_organization 
_pdbx_audit_support.country 
_pdbx_audit_support.grant_number 
_pdbx_audit_support.ordinal 
SFB                         Germany 'SFB 642'          1 
'European Research Council' Germany 'ERC Grant 268782' 2 
# 
_pdbx_initial_refinement_model.id               1 
_pdbx_initial_refinement_model.entity_id_list   ? 
_pdbx_initial_refinement_model.type             'experimental model' 
_pdbx_initial_refinement_model.source_name      PDB 
_pdbx_initial_refinement_model.accession_code   3T5G 
_pdbx_initial_refinement_model.details          ? 
# 
_atom_sites.entry_id                    5ML6 
_atom_sites.fract_transf_matrix[1][1]   -0.01663886 
_atom_sites.fract_transf_matrix[1][2]   0.00860568 
_atom_sites.fract_transf_matrix[1][3]   0.00882746 
_atom_sites.fract_transf_matrix[2][1]   -0.00168108 
_atom_sites.fract_transf_matrix[2][2]   0.02061423 
_atom_sites.fract_transf_matrix[2][3]   0.00102407 
_atom_sites.fract_transf_matrix[3][1]   -0.00405740 
_atom_sites.fract_transf_matrix[3][2]   0.00005154 
_atom_sites.fract_transf_matrix[3][3]   -0.00769803 
_atom_sites.fract_transf_vector[1]      -0.158691 
_atom_sites.fract_transf_vector[2]      0.430804 
_atom_sites.fract_transf_vector[3]      0.076299 
# 
loop_
_atom_type.symbol 
C  
CL 
N  
O  
S  
# 
loop_
_atom_site.group_PDB 
_atom_site.id 
_atom_site.type_symbol 
_atom_site.label_atom_id 
_atom_site.label_alt_id 
_atom_site.label_comp_id 
_atom_site.label_asym_id 
_atom_site.label_entity_id 
_atom_site.label_seq_id 
_atom_site.pdbx_PDB_ins_code 
_atom_site.Cartn_x 
_atom_site.Cartn_y 
_atom_site.Cartn_z 
_atom_site.occupancy 
_atom_site.B_iso_or_equiv 
_atom_site.pdbx_formal_charge 
_atom_site.auth_seq_id 
_atom_site.auth_comp_id 
_atom_site.auth_asym_id 
_atom_site.auth_atom_id 
_atom_site.pdbx_PDB_model_num 
ATOM   1    N  N   . SER A 1 1   ? -16.821 -21.094 0.761   1.00 39.08 ? 2   SER B N   1 
ATOM   2    C  CA  . SER A 1 1   ? -17.517 -20.628 -0.484  1.00 38.63 ? 2   SER B CA  1 
ATOM   3    C  C   . SER A 1 1   ? -16.539 -20.480 -1.642  1.00 36.86 ? 2   SER B C   1 
ATOM   4    O  O   . SER A 1 1   ? -15.324 -20.459 -1.434  1.00 36.74 ? 2   SER B O   1 
ATOM   5    C  CB  . SER A 1 1   ? -18.228 -19.292 -0.253  1.00 40.59 ? 2   SER B CB  1 
ATOM   6    O  OG  . SER A 1 1   ? -17.298 -18.218 -0.187  1.00 42.81 ? 2   SER B OG  1 
ATOM   7    N  N   . ALA A 1 2   ? -17.078 -20.365 -2.854  1.00 35.33 ? 3   ALA B N   1 
ATOM   8    C  CA  . ALA A 1 2   ? -16.261 -20.241 -4.055  1.00 36.11 ? 3   ALA B CA  1 
ATOM   9    C  C   . ALA A 1 2   ? -15.468 -18.927 -4.038  1.00 36.10 ? 3   ALA B C   1 
ATOM   10   O  O   . ALA A 1 2   ? -14.322 -18.883 -4.469  1.00 34.06 ? 3   ALA B O   1 
ATOM   11   C  CB  . ALA A 1 2   ? -17.129 -20.320 -5.306  1.00 36.16 ? 3   ALA B CB  1 
ATOM   12   N  N   . LYS A 1 3   ? -16.101 -17.872 -3.531  1.00 36.22 ? 4   LYS B N   1 
ATOM   13   C  CA  . LYS A 1 3   ? -15.455 -16.572 -3.364  1.00 36.09 ? 4   LYS B CA  1 
ATOM   14   C  C   . LYS A 1 3   ? -14.264 -16.607 -2.388  1.00 32.82 ? 4   LYS B C   1 
ATOM   15   O  O   . LYS A 1 3   ? -13.202 -16.055 -2.698  1.00 32.26 ? 4   LYS B O   1 
ATOM   16   C  CB  . LYS A 1 3   ? -16.496 -15.510 -2.956  1.00 38.76 ? 4   LYS B CB  1 
ATOM   17   C  CG  . LYS A 1 3   ? -17.335 -15.057 -4.142  1.00 41.62 ? 4   LYS B CG  1 
ATOM   18   C  CD  . LYS A 1 3   ? -18.524 -14.200 -3.745  1.00 46.09 ? 4   LYS B CD  1 
ATOM   19   C  CE  . LYS A 1 3   ? -19.330 -13.808 -4.979  1.00 48.98 ? 4   LYS B CE  1 
ATOM   20   N  NZ  . LYS A 1 3   ? -20.692 -13.309 -4.627  1.00 51.43 ? 4   LYS B NZ  1 
ATOM   21   N  N   . ASP A 1 4   ? -14.430 -17.259 -1.238  1.00 30.48 ? 5   ASP B N   1 
ATOM   22   C  CA  . ASP A 1 4   ? -13.317 -17.489 -0.300  1.00 29.91 ? 5   ASP B CA  1 
ATOM   23   C  C   . ASP A 1 4   ? -12.168 -18.276 -0.971  1.00 26.10 ? 5   ASP B C   1 
ATOM   24   O  O   . ASP A 1 4   ? -10.997 -18.009 -0.748  1.00 22.66 ? 5   ASP B O   1 
ATOM   25   C  CB  . ASP A 1 4   ? -13.776 -18.288 0.926   1.00 33.69 ? 5   ASP B CB  1 
ATOM   26   C  CG  . ASP A 1 4   ? -14.837 -17.561 1.761   1.00 38.11 ? 5   ASP B CG  1 
ATOM   27   O  OD1 . ASP A 1 4   ? -14.571 -16.440 2.235   1.00 41.45 ? 5   ASP B OD1 1 
ATOM   28   O  OD2 . ASP A 1 4   ? -15.929 -18.136 1.968   1.00 41.70 ? 5   ASP B OD2 1 
ATOM   29   N  N   . GLU A 1 5   ? -12.522 -19.270 -1.773  1.00 24.42 ? 6   GLU B N   1 
ATOM   30   C  CA  . GLU A 1 5   ? -11.524 -20.072 -2.473  1.00 23.74 ? 6   GLU B CA  1 
ATOM   31   C  C   . GLU A 1 5   ? -10.818 -19.202 -3.521  1.00 21.78 ? 6   GLU B C   1 
ATOM   32   O  O   . GLU A 1 5   ? -9.591  -19.281 -3.698  1.00 18.77 ? 6   GLU B O   1 
ATOM   33   C  CB  . GLU A 1 5   ? -12.202 -21.283 -3.120  1.00 25.61 ? 6   GLU B CB  1 
ATOM   34   C  CG  . GLU A 1 5   ? -11.303 -22.139 -3.980  1.00 26.99 ? 6   GLU B CG  1 
ATOM   35   C  CD  . GLU A 1 5   ? -10.141 -22.740 -3.215  1.00 30.85 ? 6   GLU B CD  1 
ATOM   36   O  OE1 . GLU A 1 5   ? -10.267 -22.964 -1.988  1.00 32.00 ? 6   GLU B OE1 1 
ATOM   37   O  OE2 . GLU A 1 5   ? -9.097  -22.987 -3.854  1.00 33.62 ? 6   GLU B OE2 1 
ATOM   38   N  N   . ARG A 1 6   ? -11.604 -18.375 -4.206  1.00 21.13 ? 7   ARG B N   1 
ATOM   39   C  CA  . ARG A 1 6   ? -11.073 -17.497 -5.241  1.00 20.23 ? 7   ARG B CA  1 
ATOM   40   C  C   . ARG A 1 6   ? -10.126 -16.471 -4.647  1.00 18.56 ? 7   ARG B C   1 
ATOM   41   O  O   . ARG A 1 6   ? -9.089  -16.200 -5.236  1.00 17.33 ? 7   ARG B O   1 
ATOM   42   C  CB  . ARG A 1 6   ? -12.192 -16.796 -6.009  1.00 21.38 ? 7   ARG B CB  1 
ATOM   43   C  CG  . ARG A 1 6   ? -11.712 -15.864 -7.096  1.00 23.14 ? 7   ARG B CG  1 
ATOM   44   C  CD  . ARG A 1 6   ? -10.930 -16.623 -8.146  1.00 25.07 ? 7   ARG B CD  1 
ATOM   45   N  NE  . ARG A 1 6   ? -10.464 -15.750 -9.209  1.00 27.34 ? 7   ARG B NE  1 
ATOM   46   C  CZ  . ARG A 1 6   ? -9.393  -15.975 -9.969  1.00 26.69 ? 7   ARG B CZ  1 
ATOM   47   N  NH1 . ARG A 1 6   ? -8.621  -17.056 -9.790  1.00 25.52 ? 7   ARG B NH1 1 
ATOM   48   N  NH2 . ARG A 1 6   ? -9.083  -15.084 -10.900 1.00 26.36 ? 7   ARG B NH2 1 
ATOM   49   N  N   . ALA A 1 7   ? -10.493 -15.887 -3.504  1.00 18.28 ? 8   ALA B N   1 
ATOM   50   C  CA  . ALA A 1 7   ? -9.623  -14.930 -2.814  1.00 18.70 ? 8   ALA B CA  1 
ATOM   51   C  C   . ALA A 1 7   ? -8.250  -15.533 -2.507  1.00 18.25 ? 8   ALA B C   1 
ATOM   52   O  O   . ALA A 1 7   ? -7.206  -14.898 -2.725  1.00 18.12 ? 8   ALA B O   1 
ATOM   53   C  CB  . ALA A 1 7   ? -10.280 -14.411 -1.541  1.00 18.61 ? 8   ALA B CB  1 
ATOM   54   N  N   . ARG A 1 8   ? -8.254  -16.770 -2.022  1.00 17.96 ? 9   ARG B N   1 
ATOM   55   C  CA  . ARG A 1 8   ? -7.016  -17.484 -1.702  1.00 18.78 ? 9   ARG B CA  1 
ATOM   56   C  C   . ARG A 1 8   ? -6.151  -17.790 -2.929  1.00 16.87 ? 9   ARG B C   1 
ATOM   57   O  O   . ARG A 1 8   ? -4.916  -17.790 -2.852  1.00 15.79 ? 9   ARG B O   1 
ATOM   58   C  CB  . ARG A 1 8   ? -7.332  -18.775 -0.948  1.00 20.50 ? 9   ARG B CB  1 
ATOM   59   C  CG  . ARG A 1 8   ? -7.843  -18.532 0.458   1.00 23.84 ? 9   ARG B CG  1 
ATOM   60   C  CD  . ARG A 1 8   ? -8.144  -19.848 1.132   1.00 27.26 ? 9   ARG B CD  1 
ATOM   61   N  NE  . ARG A 1 8   ? -8.559  -19.684 2.514   1.00 32.63 ? 9   ARG B NE  1 
ATOM   62   C  CZ  . ARG A 1 8   ? -8.684  -20.681 3.392   1.00 36.11 ? 9   ARG B CZ  1 
ATOM   63   N  NH1 . ARG A 1 8   ? -8.411  -21.940 3.042   1.00 37.82 ? 9   ARG B NH1 1 
ATOM   64   N  NH2 . ARG A 1 8   ? -9.076  -20.418 4.631   1.00 37.37 ? 9   ARG B NH2 1 
ATOM   65   N  N   . GLU A 1 9   ? -6.791  -18.065 -4.059  1.00 16.39 ? 10  GLU B N   1 
ATOM   66   C  CA  . GLU A 1 9   ? -6.058  -18.319 -5.304  1.00 15.63 ? 10  GLU B CA  1 
ATOM   67   C  C   . GLU A 1 9   ? -5.364  -17.071 -5.768  1.00 15.40 ? 10  GLU B C   1 
ATOM   68   O  O   . GLU A 1 9   ? -4.216  -17.112 -6.208  1.00 15.20 ? 10  GLU B O   1 
ATOM   69   C  CB  . GLU A 1 9   ? -7.009  -18.796 -6.421  1.00 16.70 ? 10  GLU B CB  1 
ATOM   70   N  N   . ILE A 1 10  ? -6.075  -15.947 -5.690  1.00 15.16 ? 11  ILE B N   1 
ATOM   71   C  CA  . ILE A 1 10  ? -5.499  -14.688 -6.093  1.00 15.21 ? 11  ILE B CA  1 
ATOM   72   C  C   . ILE A 1 10  ? -4.309  -14.346 -5.190  1.00 15.06 ? 11  ILE B C   1 
ATOM   73   O  O   . ILE A 1 10  ? -3.259  -13.982 -5.679  1.00 14.23 ? 11  ILE B O   1 
ATOM   74   C  CB  . ILE A 1 10  ? -6.519  -13.538 -6.077  1.00 15.32 ? 11  ILE B CB  1 
ATOM   75   C  CG1 . ILE A 1 10  ? -7.657  -13.790 -7.093  1.00 16.12 ? 11  ILE B CG1 1 
ATOM   76   C  CG2 . ILE A 1 10  ? -5.805  -12.229 -6.418  1.00 15.57 ? 11  ILE B CG2 1 
ATOM   77   C  CD1 . ILE A 1 10  ? -8.931  -12.994 -6.862  1.00 16.66 ? 11  ILE B CD1 1 
ATOM   78   N  N   . LEU A 1 11  ? -4.477  -14.457 -3.872  1.00 14.48 ? 12  LEU B N   1 
ATOM   79   C  CA  . LEU A 1 11  ? -3.357  -14.227 -2.951  1.00 14.35 ? 12  LEU B CA  1 
ATOM   80   C  C   . LEU A 1 11  ? -2.149  -15.113 -3.248  1.00 14.74 ? 12  LEU B C   1 
ATOM   81   O  O   . LEU A 1 11  ? -1.014  -14.645 -3.364  1.00 14.57 ? 12  LEU B O   1 
ATOM   82   C  CB  . LEU A 1 11  ? -3.811  -14.455 -1.519  1.00 14.83 ? 12  LEU B CB  1 
ATOM   83   C  CG  . LEU A 1 11  ? -2.738  -14.298 -0.429  1.00 14.88 ? 12  LEU B CG  1 
ATOM   84   C  CD1 . LEU A 1 11  ? -2.065  -12.940 -0.542  1.00 15.31 ? 12  LEU B CD1 1 
ATOM   85   C  CD2 . LEU A 1 11  ? -3.390  -14.484 0.937   1.00 15.45 ? 12  LEU B CD2 1 
ATOM   86   N  N   . ARG A 1 12  ? -2.411  -16.404 -3.379  1.00 14.13 ? 13  ARG B N   1 
ATOM   87   C  CA  . ARG A 1 12  ? -1.386  -17.374 -3.744  1.00 14.56 ? 13  ARG B CA  1 
ATOM   88   C  C   . ARG A 1 12  ? -0.568  -16.934 -4.961  1.00 14.58 ? 13  ARG B C   1 
ATOM   89   O  O   . ARG A 1 12  ? 0.647   -17.092 -4.970  1.00 16.43 ? 13  ARG B O   1 
ATOM   90   C  CB  . ARG A 1 12  ? -2.007  -18.755 -3.985  1.00 14.18 ? 13  ARG B CB  1 
ATOM   91   C  CG  . ARG A 1 12  ? -0.987  -19.802 -4.421  1.00 14.18 ? 13  ARG B CG  1 
ATOM   92   C  CD  . ARG A 1 12  ? -1.547  -21.218 -4.564  1.00 14.33 ? 13  ARG B CD  1 
ATOM   93   N  NE  . ARG A 1 12  ? -0.492  -22.050 -5.124  1.00 14.69 ? 13  ARG B NE  1 
ATOM   94   C  CZ  . ARG A 1 12  ? 0.532   -22.547 -4.442  1.00 14.74 ? 13  ARG B CZ  1 
ATOM   95   N  NH1 . ARG A 1 12  ? 0.644   -22.344 -3.133  1.00 14.51 ? 13  ARG B NH1 1 
ATOM   96   N  NH2 . ARG A 1 12  ? 1.470   -23.240 -5.081  1.00 16.60 ? 13  ARG B NH2 1 
ATOM   97   N  N   . GLY A 1 13  ? -1.219  -16.392 -5.986  1.00 15.21 ? 14  GLY B N   1 
ATOM   98   C  CA  . GLY A 1 13  ? -0.533  -15.997 -7.205  1.00 15.05 ? 14  GLY B CA  1 
ATOM   99   C  C   . GLY A 1 13  ? 0.001   -14.570 -7.215  1.00 15.57 ? 14  GLY B C   1 
ATOM   100  O  O   . GLY A 1 13  ? 0.551   -14.138 -8.222  1.00 16.00 ? 14  GLY B O   1 
ATOM   101  N  N   . PHE A 1 14  ? -0.146  -13.839 -6.106  1.00 16.41 ? 15  PHE B N   1 
ATOM   102  C  CA  . PHE A 1 14  ? 0.227   -12.414 -6.065  1.00 16.61 ? 15  PHE B CA  1 
ATOM   103  C  C   . PHE A 1 14  ? 1.571   -12.165 -5.378  1.00 17.09 ? 15  PHE B C   1 
ATOM   104  O  O   . PHE A 1 14  ? 1.860   -12.762 -4.356  1.00 15.28 ? 15  PHE B O   1 
ATOM   105  C  CB  . PHE A 1 14  ? -0.851  -11.631 -5.322  1.00 17.57 ? 15  PHE B CB  1 
ATOM   106  C  CG  . PHE A 1 14  ? -0.616  -10.155 -5.316  1.00 18.73 ? 15  PHE B CG  1 
ATOM   107  C  CD1 . PHE A 1 14  ? -1.071  -9.374  -6.360  1.00 19.55 ? 15  PHE B CD1 1 
ATOM   108  C  CD2 . PHE A 1 14  ? 0.083   -9.549  -4.279  1.00 20.06 ? 15  PHE B CD2 1 
ATOM   109  C  CE1 . PHE A 1 14  ? -0.832  -8.018  -6.380  1.00 19.76 ? 15  PHE B CE1 1 
ATOM   110  C  CE2 . PHE A 1 14  ? 0.302   -8.187  -4.273  1.00 19.68 ? 15  PHE B CE2 1 
ATOM   111  C  CZ  . PHE A 1 14  ? -0.141  -7.423  -5.337  1.00 20.09 ? 15  PHE B CZ  1 
ATOM   112  N  N   . LYS A 1 15  ? 2.354   -11.243 -5.927  1.00 18.11 ? 16  LYS B N   1 
ATOM   113  C  CA  . LYS A 1 15  ? 3.633   -10.848 -5.361  1.00 21.05 ? 16  LYS B CA  1 
ATOM   114  C  C   . LYS A 1 15  ? 3.807   -9.345  -5.583  1.00 21.30 ? 16  LYS B C   1 
ATOM   115  O  O   . LYS A 1 15  ? 3.633   -8.867  -6.708  1.00 21.50 ? 16  LYS B O   1 
ATOM   116  C  CB  . LYS A 1 15  ? 4.762   -11.611 -6.070  1.00 23.32 ? 16  LYS B CB  1 
ATOM   117  C  CG  . LYS A 1 15  ? 6.161   -11.382 -5.522  1.00 27.72 ? 16  LYS B CG  1 
ATOM   118  C  CD  . LYS A 1 15  ? 6.333   -11.974 -4.140  1.00 31.38 ? 16  LYS B CD  1 
ATOM   119  C  CE  . LYS A 1 15  ? 7.677   -11.614 -3.517  1.00 34.03 ? 16  LYS B CE  1 
ATOM   120  N  NZ  . LYS A 1 15  ? 8.817   -12.183 -4.290  1.00 35.05 ? 16  LYS B NZ  1 
ATOM   121  N  N   . LEU A 1 16  ? 4.180   -8.648  -4.599  1.00 21.03 ? 17  LEU B N   1 
ATOM   122  C  CA  . LEU A 1 16  ? 4.598   -7.253  -4.787  1.00 21.42 ? 17  LEU B CA  1 
ATOM   123  C  C   . LEU A 1 16  ? 6.121   -7.271  -4.866  1.00 22.02 ? 17  LEU B C   1 
ATOM   124  O  O   . LEU A 1 16  ? 6.788   -7.721  -3.931  1.00 20.66 ? 17  LEU B O   1 
ATOM   125  C  CB  . LEU A 1 16  ? 4.096   -6.382  -3.638  1.00 24.15 ? 17  LEU B CB  1 
ATOM   126  C  CG  . LEU A 1 16  ? 4.452   -4.889  -3.553  1.00 26.61 ? 17  LEU B CG  1 
ATOM   127  C  CD1 . LEU A 1 16  ? 3.916   -4.054  -4.706  1.00 28.36 ? 17  LEU B CD1 1 
ATOM   128  C  CD2 . LEU A 1 16  ? 3.927   -4.325  -2.242  1.00 28.26 ? 17  LEU B CD2 1 
ATOM   129  N  N   . ASN A 1 17  ? 6.634   -6.825  -5.964  1.00 21.50 ? 18  ASN B N   1 
ATOM   130  C  CA  . ASN A 1 17  ? 8.057   -6.946  -6.275  1.00 22.57 ? 18  ASN B CA  1 
ATOM   131  C  C   . ASN A 1 17  ? 8.904   -5.781  -5.770  1.00 23.16 ? 18  ASN B C   1 
ATOM   132  O  O   . ASN A 1 17  ? 9.979   -5.988  -5.214  1.00 24.26 ? 18  ASN B O   1 
ATOM   133  C  CB  . ASN A 1 17  ? 8.249   -7.096  -7.777  1.00 22.95 ? 18  ASN B CB  1 
ATOM   134  C  CG  . ASN A 1 17  ? 7.517   -8.300  -8.334  1.00 22.22 ? 18  ASN B CG  1 
ATOM   135  O  OD1 . ASN A 1 17  ? 7.672   -9.417  -7.843  1.00 22.85 ? 18  ASN B OD1 1 
ATOM   136  N  ND2 . ASN A 1 17  ? 6.699   -8.075  -9.349  1.00 21.70 ? 18  ASN B ND2 1 
ATOM   137  N  N   . TRP A 1 18  ? 8.429   -4.565  -5.988  1.00 23.00 ? 19  TRP B N   1 
ATOM   138  C  CA  . TRP A 1 18  ? 9.134   -3.373  -5.526  1.00 24.08 ? 19  TRP B CA  1 
ATOM   139  C  C   . TRP A 1 18  ? 8.188   -2.201  -5.457  1.00 23.86 ? 19  TRP B C   1 
ATOM   140  O  O   . TRP A 1 18  ? 7.079   -2.217  -6.008  1.00 22.20 ? 19  TRP B O   1 
ATOM   141  C  CB  . TRP A 1 18  ? 10.387  -3.042  -6.382  1.00 24.99 ? 19  TRP B CB  1 
ATOM   142  C  CG  . TRP A 1 18  ? 10.159  -2.851  -7.878  1.00 25.33 ? 19  TRP B CG  1 
ATOM   143  C  CD1 . TRP A 1 18  ? 10.372  -3.784  -8.866  1.00 25.62 ? 19  TRP B CD1 1 
ATOM   144  C  CD2 . TRP A 1 18  ? 9.711   -1.663  -8.546  1.00 25.76 ? 19  TRP B CD2 1 
ATOM   145  N  NE1 . TRP A 1 18  ? 10.065  -3.253  -10.098 1.00 25.07 ? 19  TRP B NE1 1 
ATOM   146  C  CE2 . TRP A 1 18  ? 9.661   -1.954  -9.934  1.00 26.26 ? 19  TRP B CE2 1 
ATOM   147  C  CE3 . TRP A 1 18  ? 9.332   -0.389  -8.111  1.00 25.84 ? 19  TRP B CE3 1 
ATOM   148  C  CZ2 . TRP A 1 18  ? 9.248   -1.012  -10.884 1.00 25.69 ? 19  TRP B CZ2 1 
ATOM   149  C  CZ3 . TRP A 1 18  ? 8.928   0.548   -9.054  1.00 25.92 ? 19  TRP B CZ3 1 
ATOM   150  C  CH2 . TRP A 1 18  ? 8.890   0.232   -10.428 1.00 26.15 ? 19  TRP B CH2 1 
ATOM   151  N  N   . MET A 1 19  ? 8.709   -1.108  -4.859  1.00 24.47 ? 20  MET B N   1 
ATOM   152  C  CA  . MET A 1 19  ? 7.863   0.022   -4.675  1.00 24.43 ? 20  MET B CA  1 
ATOM   153  C  C   . MET A 1 19  ? 8.717   1.204   -4.258  1.00 24.17 ? 20  MET B C   1 
ATOM   154  O  O   . MET A 1 19  ? 9.756   1.035   -3.607  1.00 23.07 ? 20  MET B O   1 
ATOM   155  C  CB  . MET A 1 19  ? 6.808   -0.317  -3.620  1.00 26.72 ? 20  MET B CB  1 
ATOM   156  C  CG  . MET A 1 19  ? 5.881   0.819   -3.238  1.00 29.81 ? 20  MET B CG  1 
ATOM   157  S  SD  . MET A 1 19  ? 4.618   0.349   -2.028  1.00 34.83 ? 20  MET B SD  1 
ATOM   158  C  CE  . MET A 1 19  ? 5.555   0.192   -0.508  1.00 33.89 ? 20  MET B CE  1 
ATOM   159  N  N   . ASN A 1 20  ? 8.326   2.336   -4.645  1.00 24.52 ? 21  ASN B N   1 
ATOM   160  C  CA  . ASN A 1 20  ? 8.996   3.558   -4.216  1.00 26.05 ? 21  ASN B CA  1 
ATOM   161  C  C   . ASN A 1 20  ? 8.009   4.685   -3.972  1.00 25.69 ? 21  ASN B C   1 
ATOM   162  O  O   . ASN A 1 20  ? 6.839   4.591   -4.354  1.00 26.29 ? 21  ASN B O   1 
ATOM   163  C  CB  . ASN A 1 20  ? 10.114  3.943   -5.193  1.00 27.93 ? 21  ASN B CB  1 
ATOM   164  C  CG  . ASN A 1 20  ? 9.603   4.317   -6.566  1.00 29.49 ? 21  ASN B CG  1 
ATOM   165  O  OD1 . ASN A 1 20  ? 8.724   5.162   -6.703  1.00 32.85 ? 21  ASN B OD1 1 
ATOM   166  N  ND2 . ASN A 1 20  ? 10.181  3.717   -7.594  1.00 31.43 ? 21  ASN B ND2 1 
ATOM   167  N  N   . LEU A 1 21  ? 8.476   5.726   -3.275  1.00 26.45 ? 22  LEU B N   1 
ATOM   168  C  CA  . LEU A 1 21  ? 7.722   6.963   -3.056  1.00 24.95 ? 22  LEU B CA  1 
ATOM   169  C  C   . LEU A 1 21  ? 8.566   8.151   -3.494  1.00 26.66 ? 22  LEU B C   1 
ATOM   170  O  O   . LEU A 1 21  ? 9.769   8.161   -3.244  1.00 25.95 ? 22  LEU B O   1 
ATOM   171  C  CB  . LEU A 1 21  ? 7.404   7.157   -1.580  1.00 24.26 ? 22  LEU B CB  1 
ATOM   172  C  CG  . LEU A 1 21  ? 6.587   6.065   -0.892  1.00 24.19 ? 22  LEU B CG  1 
ATOM   173  C  CD1 . LEU A 1 21  ? 6.482   6.368   0.599   1.00 24.34 ? 22  LEU B CD1 1 
ATOM   174  C  CD2 . LEU A 1 21  ? 5.214   5.932   -1.510  1.00 24.15 ? 22  LEU B CD2 1 
ATOM   175  N  N   . ARG A 1 22  ? 7.915   9.145   -4.104  1.00 29.49 ? 23  ARG B N   1 
ATOM   176  C  CA  . ARG A 1 22  ? 8.558   10.390  -4.549  1.00 32.36 ? 23  ARG B CA  1 
ATOM   177  C  C   . ARG A 1 22  ? 7.752   11.616  -4.117  1.00 32.52 ? 23  ARG B C   1 
ATOM   178  O  O   . ARG A 1 22  ? 6.527   11.569  -4.010  1.00 31.35 ? 23  ARG B O   1 
ATOM   179  C  CB  . ARG A 1 22  ? 8.675   10.433  -6.078  1.00 35.39 ? 23  ARG B CB  1 
ATOM   180  C  CG  . ARG A 1 22  ? 9.558   9.365   -6.704  1.00 40.38 ? 23  ARG B CG  1 
ATOM   181  C  CD  . ARG A 1 22  ? 9.394   9.353   -8.224  1.00 43.79 ? 23  ARG B CD  1 
ATOM   182  N  NE  . ARG A 1 22  ? 10.400  8.522   -8.886  1.00 47.13 ? 23  ARG B NE  1 
ATOM   183  C  CZ  . ARG A 1 22  ? 10.251  7.232   -9.203  1.00 51.48 ? 23  ARG B CZ  1 
ATOM   184  N  NH1 . ARG A 1 22  ? 9.122   6.578   -8.935  1.00 53.98 ? 23  ARG B NH1 1 
ATOM   185  N  NH2 . ARG A 1 22  ? 11.244  6.583   -9.804  1.00 52.62 ? 23  ARG B NH2 1 
ATOM   186  N  N   . ASP A 1 23  ? 8.449   12.724  -3.880  1.00 34.70 ? 24  ASP B N   1 
ATOM   187  C  CA  . ASP A 1 23  ? 7.808   14.028  -3.785  1.00 35.29 ? 24  ASP B CA  1 
ATOM   188  C  C   . ASP A 1 23  ? 7.158   14.252  -5.138  1.00 35.95 ? 24  ASP B C   1 
ATOM   189  O  O   . ASP A 1 23  ? 7.825   14.154  -6.167  1.00 36.35 ? 24  ASP B O   1 
ATOM   190  C  CB  . ASP A 1 23  ? 8.864   15.111  -3.510  1.00 37.27 ? 24  ASP B CB  1 
ATOM   191  C  CG  . ASP A 1 23  ? 8.264   16.463  -3.108  1.00 38.12 ? 24  ASP B CG  1 
ATOM   192  O  OD1 . ASP A 1 23  ? 7.133   16.811  -3.511  1.00 40.31 ? 24  ASP B OD1 1 
ATOM   193  O  OD2 . ASP A 1 23  ? 8.964   17.200  -2.385  1.00 40.83 ? 24  ASP B OD2 1 
ATOM   194  N  N   . ALA A 1 24  ? 5.857   14.519  -5.143  1.00 37.49 ? 25  ALA B N   1 
ATOM   195  C  CA  . ALA A 1 24  ? 5.133   14.711  -6.396  1.00 40.16 ? 25  ALA B CA  1 
ATOM   196  C  C   . ALA A 1 24  ? 5.540   16.026  -7.081  1.00 44.67 ? 25  ALA B C   1 
ATOM   197  O  O   . ALA A 1 24  ? 5.626   16.085  -8.311  1.00 48.29 ? 25  ALA B O   1 
ATOM   198  C  CB  . ALA A 1 24  ? 3.631   14.659  -6.163  1.00 39.90 ? 25  ALA B CB  1 
ATOM   199  N  N   . GLU A 1 25  ? 5.815   17.062  -6.287  1.00 45.29 ? 26  GLU B N   1 
ATOM   200  C  CA  . GLU A 1 25  ? 6.220   18.365  -6.832  1.00 44.93 ? 26  GLU B CA  1 
ATOM   201  C  C   . GLU A 1 25  ? 7.602   18.315  -7.504  1.00 44.26 ? 26  GLU B C   1 
ATOM   202  O  O   . GLU A 1 25  ? 7.778   18.827  -8.609  1.00 45.53 ? 26  GLU B O   1 
ATOM   203  C  CB  . GLU A 1 25  ? 6.199   19.429  -5.738  1.00 43.95 ? 26  GLU B CB  1 
ATOM   204  N  N   . THR A 1 26  ? 8.566   17.682  -6.838  1.00 42.68 ? 27  THR B N   1 
ATOM   205  C  CA  . THR A 1 26  ? 9.963   17.671  -7.282  1.00 41.41 ? 27  THR B CA  1 
ATOM   206  C  C   . THR A 1 26  ? 10.406  16.372  -7.968  1.00 41.53 ? 27  THR B C   1 
ATOM   207  O  O   . THR A 1 26  ? 11.431  16.352  -8.664  1.00 41.72 ? 27  THR B O   1 
ATOM   208  C  CB  . THR A 1 26  ? 10.906  17.912  -6.087  1.00 41.81 ? 27  THR B CB  1 
ATOM   209  O  OG1 . THR A 1 26  ? 10.909  16.757  -5.235  1.00 40.35 ? 27  THR B OG1 1 
ATOM   210  C  CG2 . THR A 1 26  ? 10.466  19.146  -5.291  1.00 40.88 ? 27  THR B CG2 1 
ATOM   211  N  N   . GLY A 1 27  ? 9.664   15.285  -7.754  1.00 38.60 ? 28  GLY B N   1 
ATOM   212  C  CA  . GLY A 1 27  ? 10.040  13.976  -8.307  1.00 37.63 ? 28  GLY B CA  1 
ATOM   213  C  C   . GLY A 1 27  ? 11.154  13.267  -7.557  1.00 36.50 ? 28  GLY B C   1 
ATOM   214  O  O   . GLY A 1 27  ? 11.574  12.178  -7.955  1.00 39.57 ? 28  GLY B O   1 
ATOM   215  N  N   . LYS A 1 28  ? 11.627  13.853  -6.459  1.00 36.34 ? 29  LYS B N   1 
ATOM   216  C  CA  . LYS A 1 28  ? 12.738  13.286  -5.699  1.00 37.18 ? 29  LYS B CA  1 
ATOM   217  C  C   . LYS A 1 28  ? 12.262  12.030  -4.948  1.00 35.90 ? 29  LYS B C   1 
ATOM   218  O  O   . LYS A 1 28  ? 11.201  12.051  -4.317  1.00 33.79 ? 29  LYS B O   1 
ATOM   219  C  CB  . LYS A 1 28  ? 13.297  14.322  -4.706  1.00 41.22 ? 29  LYS B CB  1 
ATOM   220  C  CG  . LYS A 1 28  ? 14.784  14.634  -4.868  1.00 45.48 ? 29  LYS B CG  1 
ATOM   221  C  CD  . LYS A 1 28  ? 15.031  15.654  -5.976  1.00 48.43 ? 29  LYS B CD  1 
ATOM   222  C  CE  . LYS A 1 28  ? 16.508  16.013  -6.109  1.00 52.00 ? 29  LYS B CE  1 
ATOM   223  N  NZ  . LYS A 1 28  ? 17.001  16.925  -5.031  1.00 53.68 ? 29  LYS B NZ  1 
ATOM   224  N  N   . ILE A 1 29  ? 13.044  10.954  -5.035  1.00 34.19 ? 30  ILE B N   1 
ATOM   225  C  CA  . ILE A 1 29  ? 12.747  9.688   -4.355  1.00 36.98 ? 30  ILE B CA  1 
ATOM   226  C  C   . ILE A 1 29  ? 12.950  9.821   -2.842  1.00 34.89 ? 30  ILE B C   1 
ATOM   227  O  O   . ILE A 1 29  ? 14.024  10.206  -2.384  1.00 35.25 ? 30  ILE B O   1 
ATOM   228  C  CB  . ILE A 1 29  ? 13.633  8.534   -4.890  1.00 38.37 ? 30  ILE B CB  1 
ATOM   229  C  CG1 . ILE A 1 29  ? 13.225  8.185   -6.328  1.00 40.89 ? 30  ILE B CG1 1 
ATOM   230  C  CG2 . ILE A 1 29  ? 13.530  7.305   -3.991  1.00 40.42 ? 30  ILE B CG2 1 
ATOM   231  C  CD1 . ILE A 1 29  ? 14.085  7.129   -6.994  1.00 42.71 ? 30  ILE B CD1 1 
ATOM   232  N  N   . LEU A 1 30  ? 11.913  9.483   -2.083  1.00 32.62 ? 31  LEU B N   1 
ATOM   233  C  CA  . LEU A 1 30  ? 11.938  9.549   -0.621  1.00 30.69 ? 31  LEU B CA  1 
ATOM   234  C  C   . LEU A 1 30  ? 12.145  8.185   0.014   1.00 30.33 ? 31  LEU B C   1 
ATOM   235  O  O   . LEU A 1 30  ? 12.700  8.072   1.108   1.00 30.01 ? 31  LEU B O   1 
ATOM   236  C  CB  . LEU A 1 30  ? 10.620  10.117  -0.119  1.00 31.66 ? 31  LEU B CB  1 
ATOM   237  C  CG  . LEU A 1 30  ? 10.248  11.500  -0.639  1.00 33.14 ? 31  LEU B CG  1 
ATOM   238  C  CD1 . LEU A 1 30  ? 8.787   11.788  -0.352  1.00 33.07 ? 31  LEU B CD1 1 
ATOM   239  C  CD2 . LEU A 1 30  ? 11.151  12.555  -0.017  1.00 34.73 ? 31  LEU B CD2 1 
ATOM   240  N  N   . TRP A 1 31  ? 11.680  7.144   -0.662  1.00 27.79 ? 32  TRP B N   1 
ATOM   241  C  CA  . TRP A 1 31  ? 11.726  5.808   -0.115  1.00 26.52 ? 32  TRP B CA  1 
ATOM   242  C  C   . TRP A 1 31  ? 11.649  4.802   -1.257  1.00 27.32 ? 32  TRP B C   1 
ATOM   243  O  O   . TRP A 1 31  ? 11.023  5.055   -2.286  1.00 25.56 ? 32  TRP B O   1 
ATOM   244  C  CB  . TRP A 1 31  ? 10.554  5.601   0.850   1.00 25.58 ? 32  TRP B CB  1 
ATOM   245  C  CG  . TRP A 1 31  ? 10.599  4.287   1.544   1.00 25.63 ? 32  TRP B CG  1 
ATOM   246  C  CD1 . TRP A 1 31  ? 11.260  3.997   2.692   1.00 25.33 ? 32  TRP B CD1 1 
ATOM   247  C  CD2 . TRP A 1 31  ? 9.994   3.069   1.109   1.00 25.96 ? 32  TRP B CD2 1 
ATOM   248  N  NE1 . TRP A 1 31  ? 11.097  2.670   3.019   1.00 25.84 ? 32  TRP B NE1 1 
ATOM   249  C  CE2 . TRP A 1 31  ? 10.325  2.074   2.057   1.00 26.19 ? 32  TRP B CE2 1 
ATOM   250  C  CE3 . TRP A 1 31  ? 9.197   2.719   0.011   1.00 27.06 ? 32  TRP B CE3 1 
ATOM   251  C  CZ2 . TRP A 1 31  ? 9.880   0.757   1.949   1.00 26.36 ? 32  TRP B CZ2 1 
ATOM   252  C  CZ3 . TRP A 1 31  ? 8.765   1.404   -0.101  1.00 26.47 ? 32  TRP B CZ3 1 
ATOM   253  C  CH2 . TRP A 1 31  ? 9.111   0.439   0.859   1.00 26.89 ? 32  TRP B CH2 1 
ATOM   254  N  N   . GLN A 1 32  ? 12.302  3.671   -1.071  1.00 28.23 ? 33  GLN B N   1 
ATOM   255  C  CA  . GLN A 1 32  ? 12.118  2.549   -1.968  1.00 31.42 ? 33  GLN B CA  1 
ATOM   256  C  C   . GLN A 1 32  ? 12.432  1.263   -1.248  1.00 29.65 ? 33  GLN B C   1 
ATOM   257  O  O   . GLN A 1 32  ? 13.242  1.235   -0.330  1.00 29.75 ? 33  GLN B O   1 
ATOM   258  C  CB  . GLN A 1 32  ? 12.979  2.700   -3.219  1.00 34.38 ? 33  GLN B CB  1 
ATOM   259  C  CG  . GLN A 1 32  ? 14.467  2.822   -2.961  1.00 37.33 ? 33  GLN B CG  1 
ATOM   260  C  CD  . GLN A 1 32  ? 15.205  3.438   -4.139  1.00 41.09 ? 33  GLN B CD  1 
ATOM   261  O  OE1 . GLN A 1 32  ? 14.628  3.663   -5.204  1.00 42.06 ? 33  GLN B OE1 1 
ATOM   262  N  NE2 . GLN A 1 32  ? 16.490  3.709   -3.950  1.00 42.83 ? 33  GLN B NE2 1 
ATOM   263  N  N   . GLY A 1 33  ? 11.758  0.194   -1.650  1.00 28.52 ? 34  GLY B N   1 
ATOM   264  C  CA  . GLY A 1 33  ? 11.941  -1.098  -1.000  1.00 28.36 ? 34  GLY B CA  1 
ATOM   265  C  C   . GLY A 1 33  ? 11.596  -2.230  -1.937  1.00 28.40 ? 34  GLY B C   1 
ATOM   266  O  O   . GLY A 1 33  ? 10.930  -2.021  -2.953  1.00 25.90 ? 34  GLY B O   1 
ATOM   267  N  N   . THR A 1 34  ? 12.077  -3.421  -1.602  1.00 30.02 ? 35  THR B N   1 
ATOM   268  C  CA  . THR A 1 34  ? 11.741  -4.643  -2.323  1.00 31.59 ? 35  THR B CA  1 
ATOM   269  C  C   . THR A 1 34  ? 11.064  -5.666  -1.395  1.00 30.92 ? 35  THR B C   1 
ATOM   270  O  O   . THR A 1 34  ? 10.853  -6.806  -1.788  1.00 31.85 ? 35  THR B O   1 
ATOM   271  C  CB  . THR A 1 34  ? 12.998  -5.287  -2.966  1.00 33.07 ? 35  THR B CB  1 
ATOM   272  O  OG1 . THR A 1 34  ? 13.927  -5.672  -1.946  1.00 34.04 ? 35  THR B OG1 1 
ATOM   273  C  CG2 . THR A 1 34  ? 13.684  -4.323  -3.926  1.00 33.16 ? 35  THR B CG2 1 
ATOM   274  N  N   . GLU A 1 35  ? 10.741  -5.273  -0.164  1.00 30.14 ? 36  GLU B N   1 
ATOM   275  C  CA  . GLU A 1 35  ? 10.040  -6.172  0.755   1.00 30.86 ? 36  GLU B CA  1 
ATOM   276  C  C   . GLU A 1 35  ? 8.584   -6.190  0.332   1.00 27.49 ? 36  GLU B C   1 
ATOM   277  O  O   . GLU A 1 35  ? 7.999   -5.137  0.092   1.00 27.52 ? 36  GLU B O   1 
ATOM   278  C  CB  . GLU A 1 35  ? 10.142  -5.696  2.207   1.00 32.86 ? 36  GLU B CB  1 
ATOM   279  C  CG  . GLU A 1 35  ? 9.493   -6.649  3.214   1.00 36.01 ? 36  GLU B CG  1 
ATOM   280  C  CD  . GLU A 1 35  ? 9.449   -6.104  4.636   1.00 38.73 ? 36  GLU B CD  1 
ATOM   281  O  OE1 . GLU A 1 35  ? 10.270  -5.210  4.959   1.00 43.74 ? 36  GLU B OE1 1 
ATOM   282  O  OE2 . GLU A 1 35  ? 8.598   -6.570  5.434   1.00 35.51 ? 36  GLU B OE2 1 
ATOM   283  N  N   . ASP A 1 36  ? 7.995   -7.374  0.236   1.00 24.25 ? 37  ASP B N   1 
ATOM   284  C  CA  . ASP A 1 36  ? 6.590   -7.454  -0.105  1.00 23.28 ? 37  ASP B CA  1 
ATOM   285  C  C   . ASP A 1 36  ? 5.737   -7.096  1.106   1.00 22.99 ? 37  ASP B C   1 
ATOM   286  O  O   . ASP A 1 36  ? 5.381   -7.942  1.911   1.00 19.83 ? 37  ASP B O   1 
ATOM   287  C  CB  . ASP A 1 36  ? 6.217   -8.830  -0.641  1.00 23.38 ? 37  ASP B CB  1 
ATOM   288  C  CG  . ASP A 1 36  ? 4.791   -8.881  -1.134  1.00 23.78 ? 37  ASP B CG  1 
ATOM   289  O  OD1 . ASP A 1 36  ? 4.018   -7.970  -0.786  1.00 24.36 ? 37  ASP B OD1 1 
ATOM   290  O  OD2 . ASP A 1 36  ? 4.436   -9.818  -1.879  1.00 25.97 ? 37  ASP B OD2 1 
ATOM   291  N  N   . LEU A 1 37  ? 5.380   -5.819  1.187   1.00 24.98 ? 38  LEU B N   1 
ATOM   292  C  CA  . LEU A 1 37  ? 4.583   -5.294  2.293   1.00 25.31 ? 38  LEU B CA  1 
ATOM   293  C  C   . LEU A 1 37  ? 3.140   -5.790  2.285   1.00 26.51 ? 38  LEU B C   1 
ATOM   294  O  O   . LEU A 1 37  ? 2.420   -5.584  3.263   1.00 29.32 ? 38  LEU B O   1 
ATOM   295  C  CB  . LEU A 1 37  ? 4.605   -3.754  2.257   1.00 26.46 ? 38  LEU B CB  1 
ATOM   296  C  CG  . LEU A 1 37  ? 5.981   -3.110  2.400   1.00 26.77 ? 38  LEU B CG  1 
ATOM   297  C  CD1 . LEU A 1 37  ? 5.863   -1.582  2.436   1.00 27.91 ? 38  LEU B CD1 1 
ATOM   298  C  CD2 . LEU A 1 37  ? 6.714   -3.632  3.623   1.00 27.47 ? 38  LEU B CD2 1 
ATOM   299  N  N   . SER A 1 38  ? 2.724   -6.446  1.202   1.00 24.80 ? 39  SER B N   1 
ATOM   300  C  CA  . SER A 1 38  ? 1.368   -6.968  1.085   1.00 24.90 ? 39  SER B CA  1 
ATOM   301  C  C   . SER A 1 38  ? 1.142   -8.280  1.860   1.00 23.12 ? 39  SER B C   1 
ATOM   302  O  O   . SER A 1 38  ? 0.002   -8.691  2.073   1.00 20.97 ? 39  SER B O   1 
ATOM   303  C  CB  . SER A 1 38  ? 0.997   -7.171  -0.394  1.00 24.79 ? 39  SER B CB  1 
ATOM   304  O  OG  . SER A 1 38  ? 1.513   -8.380  -0.931  1.00 27.15 ? 39  SER B OG  1 
ATOM   305  N  N   . VAL A 1 39  ? 2.220   -8.935  2.282   1.00 21.79 ? 40  VAL B N   1 
ATOM   306  C  CA  . VAL A 1 39  ? 2.097   -10.245 2.927   1.00 20.56 ? 40  VAL B CA  1 
ATOM   307  C  C   . VAL A 1 39  ? 1.300   -10.146 4.233   1.00 19.52 ? 40  VAL B C   1 
ATOM   308  O  O   . VAL A 1 39  ? 1.665   -9.382  5.129   1.00 20.14 ? 40  VAL B O   1 
ATOM   309  C  CB  . VAL A 1 39  ? 3.478   -10.883 3.187   1.00 20.62 ? 40  VAL B CB  1 
ATOM   310  C  CG1 . VAL A 1 39  ? 3.324   -12.201 3.923   1.00 20.53 ? 40  VAL B CG1 1 
ATOM   311  C  CG2 . VAL A 1 39  ? 4.219   -11.092 1.876   1.00 21.30 ? 40  VAL B CG2 1 
ATOM   312  N  N   . PRO A 1 40  ? 0.203   -10.911 4.351   1.00 19.24 ? 41  PRO B N   1 
ATOM   313  C  CA  . PRO A 1 40  ? -0.633  -10.753 5.535   1.00 19.41 ? 41  PRO B CA  1 
ATOM   314  C  C   . PRO A 1 40  ? -0.094  -11.491 6.756   1.00 19.94 ? 41  PRO B C   1 
ATOM   315  O  O   . PRO A 1 40  ? 0.794   -12.345 6.636   1.00 19.69 ? 41  PRO B O   1 
ATOM   316  C  CB  . PRO A 1 40  ? -1.983  -11.316 5.091   1.00 19.72 ? 41  PRO B CB  1 
ATOM   317  C  CG  . PRO A 1 40  ? -1.654  -12.283 4.024   1.00 19.54 ? 41  PRO B CG  1 
ATOM   318  C  CD  . PRO A 1 40  ? -0.446  -11.741 3.322   1.00 19.15 ? 41  PRO B CD  1 
ATOM   319  N  N   . GLY A 1 41  ? -0.586  -11.110 7.930   1.00 20.79 ? 42  GLY B N   1 
ATOM   320  C  CA  . GLY A 1 41  ? -0.359  -11.875 9.145   1.00 21.95 ? 42  GLY B CA  1 
ATOM   321  C  C   . GLY A 1 41  ? 0.923   -11.591 9.909   1.00 23.37 ? 42  GLY B C   1 
ATOM   322  O  O   . GLY A 1 41  ? 1.111   -12.132 11.002  1.00 25.76 ? 42  GLY B O   1 
ATOM   323  N  N   . VAL A 1 42  ? 1.815   -10.787 9.332   1.00 23.92 ? 43  VAL B N   1 
ATOM   324  C  CA  . VAL A 1 42  ? 3.014   -10.315 10.023  1.00 24.97 ? 43  VAL B CA  1 
ATOM   325  C  C   . VAL A 1 42  ? 3.019   -8.788  9.986   1.00 23.84 ? 43  VAL B C   1 
ATOM   326  O  O   . VAL A 1 42  ? 2.558   -8.172  9.023   1.00 23.67 ? 43  VAL B O   1 
ATOM   327  C  CB  . VAL A 1 42  ? 4.328   -10.896 9.410   1.00 25.86 ? 43  VAL B CB  1 
ATOM   328  C  CG1 . VAL A 1 42  ? 4.343   -12.415 9.505   1.00 27.74 ? 43  VAL B CG1 1 
ATOM   329  C  CG2 . VAL A 1 42  ? 4.508   -10.469 7.962   1.00 27.36 ? 43  VAL B CG2 1 
ATOM   330  N  N   . GLU A 1 43  ? 3.483   -8.166  11.055  1.00 23.57 ? 44  GLU B N   1 
ATOM   331  C  CA  . GLU A 1 43  ? 3.587   -6.722  11.055  1.00 24.03 ? 44  GLU B CA  1 
ATOM   332  C  C   . GLU A 1 43  ? 4.881   -6.296  10.392  1.00 22.76 ? 44  GLU B C   1 
ATOM   333  O  O   . GLU A 1 43  ? 5.958   -6.496  10.934  1.00 23.75 ? 44  GLU B O   1 
ATOM   334  C  CB  . GLU A 1 43  ? 3.514   -6.146  12.460  1.00 25.97 ? 44  GLU B CB  1 
ATOM   335  C  CG  . GLU A 1 43  ? 3.557   -4.621  12.467  1.00 27.16 ? 44  GLU B CG  1 
ATOM   336  C  CD  . GLU A 1 43  ? 3.491   -4.075  13.863  1.00 28.11 ? 44  GLU B CD  1 
ATOM   337  O  OE1 . GLU A 1 43  ? 2.371   -4.070  14.418  1.00 28.77 ? 44  GLU B OE1 1 
ATOM   338  O  OE2 . GLU A 1 43  ? 4.559   -3.663  14.387  1.00 29.37 ? 44  GLU B OE2 1 
ATOM   339  N  N   . HIS A 1 44  ? 4.758   -5.682  9.225   1.00 20.32 ? 45  HIS B N   1 
ATOM   340  C  CA  . HIS A 1 44  ? 5.883   -5.122  8.524   1.00 19.35 ? 45  HIS B CA  1 
ATOM   341  C  C   . HIS A 1 44  ? 6.310   -3.799  9.160   1.00 20.29 ? 45  HIS B C   1 
ATOM   342  O  O   . HIS A 1 44  ? 5.520   -3.159  9.849   1.00 19.45 ? 45  HIS B O   1 
ATOM   343  C  CB  . HIS A 1 44  ? 5.507   -4.880  7.065   1.00 18.91 ? 45  HIS B CB  1 
ATOM   344  C  CG  . HIS A 1 44  ? 5.031   -6.110  6.357   1.00 19.30 ? 45  HIS B CG  1 
ATOM   345  N  ND1 . HIS A 1 44  ? 5.895   -7.030  5.799   1.00 19.88 ? 45  HIS B ND1 1 
ATOM   346  C  CD2 . HIS A 1 44  ? 3.782   -6.584  6.134   1.00 18.82 ? 45  HIS B CD2 1 
ATOM   347  C  CE1 . HIS A 1 44  ? 5.194   -8.007  5.247   1.00 19.20 ? 45  HIS B CE1 1 
ATOM   348  N  NE2 . HIS A 1 44  ? 3.912   -7.769  5.457   1.00 19.45 ? 45  HIS B NE2 1 
ATOM   349  N  N   . GLU A 1 45  ? 7.559   -3.416  8.927   1.00 20.89 ? 46  GLU B N   1 
ATOM   350  C  CA  . GLU A 1 45  ? 8.096   -2.129  9.378   1.00 22.63 ? 46  GLU B CA  1 
ATOM   351  C  C   . GLU A 1 45  ? 8.696   -1.397  8.206   1.00 22.77 ? 46  GLU B C   1 
ATOM   352  O  O   . GLU A 1 45  ? 9.336   -2.003  7.336   1.00 22.64 ? 46  GLU B O   1 
ATOM   353  C  CB  . GLU A 1 45  ? 9.202   -2.321  10.421  1.00 24.63 ? 46  GLU B CB  1 
ATOM   354  C  CG  . GLU A 1 45  ? 8.745   -3.013  11.681  1.00 27.15 ? 46  GLU B CG  1 
ATOM   355  C  CD  . GLU A 1 45  ? 9.857   -3.183  12.707  1.00 31.66 ? 46  GLU B CD  1 
ATOM   356  O  OE1 . GLU A 1 45  ? 11.055  -3.229  12.324  1.00 34.16 ? 46  GLU B OE1 1 
ATOM   357  O  OE2 . GLU A 1 45  ? 9.525   -3.286  13.909  1.00 35.21 ? 46  GLU B OE2 1 
ATOM   358  N  N   . ALA A 1 46  ? 8.533   -0.080  8.185   1.00 21.05 ? 47  ALA B N   1 
ATOM   359  C  CA  . ALA A 1 46  ? 9.212   0.726   7.189   1.00 20.63 ? 47  ALA B CA  1 
ATOM   360  C  C   . ALA A 1 46  ? 9.687   2.031   7.799   1.00 21.22 ? 47  ALA B C   1 
ATOM   361  O  O   . ALA A 1 46  ? 8.997   2.622   8.629   1.00 19.37 ? 47  ALA B O   1 
ATOM   362  C  CB  . ALA A 1 46  ? 8.289   0.997   6.014   1.00 20.50 ? 47  ALA B CB  1 
ATOM   363  N  N   . ARG A 1 47  ? 10.861  2.468   7.361   1.00 21.90 ? 48  ARG B N   1 
ATOM   364  C  CA  . ARG A 1 47  ? 11.452  3.710   7.797   1.00 24.09 ? 48  ARG B CA  1 
ATOM   365  C  C   . ARG A 1 47  ? 11.415  4.704   6.661   1.00 23.21 ? 48  ARG B C   1 
ATOM   366  O  O   . ARG A 1 47  ? 11.976  4.444   5.611   1.00 23.74 ? 48  ARG B O   1 
ATOM   367  C  CB  . ARG A 1 47  ? 12.889  3.461   8.237   1.00 26.28 ? 48  ARG B CB  1 
ATOM   368  C  CG  . ARG A 1 47  ? 12.981  2.591   9.476   1.00 29.35 ? 48  ARG B CG  1 
ATOM   369  C  CD  . ARG A 1 47  ? 14.247  1.749   9.556   1.00 32.89 ? 48  ARG B CD  1 
ATOM   370  N  NE  . ARG A 1 47  ? 15.450  2.528   9.285   1.00 36.08 ? 48  ARG B NE  1 
ATOM   371  C  CZ  . ARG A 1 47  ? 16.692  2.120   9.558   1.00 39.62 ? 48  ARG B CZ  1 
ATOM   372  N  NH1 . ARG A 1 47  ? 17.718  2.916   9.268   1.00 40.50 ? 48  ARG B NH1 1 
ATOM   373  N  NH2 . ARG A 1 47  ? 16.915  0.939   10.134  1.00 38.92 ? 48  ARG B NH2 1 
ATOM   374  N  N   . VAL A 1 48  ? 10.757  5.840   6.880   1.00 22.78 ? 49  VAL B N   1 
ATOM   375  C  CA  . VAL A 1 48  ? 10.604  6.871   5.864   1.00 23.47 ? 49  VAL B CA  1 
ATOM   376  C  C   . VAL A 1 48  ? 11.151  8.201   6.361   1.00 24.14 ? 49  VAL B C   1 
ATOM   377  O  O   . VAL A 1 48  ? 11.095  8.488   7.555   1.00 22.52 ? 49  VAL B O   1 
ATOM   378  C  CB  . VAL A 1 48  ? 9.128   7.070   5.442   1.00 23.43 ? 49  VAL B CB  1 
ATOM   379  C  CG1 . VAL A 1 48  ? 8.563   5.769   4.906   1.00 23.69 ? 49  VAL B CG1 1 
ATOM   380  C  CG2 . VAL A 1 48  ? 8.279   7.579   6.590   1.00 23.37 ? 49  VAL B CG2 1 
ATOM   381  N  N   . PRO A 1 49  ? 11.686  9.016   5.447   1.00 25.13 ? 50  PRO B N   1 
ATOM   382  C  CA  . PRO A 1 49  ? 12.231  10.287  5.904   1.00 25.88 ? 50  PRO B CA  1 
ATOM   383  C  C   . PRO A 1 49  ? 11.129  11.207  6.408   1.00 26.64 ? 50  PRO B C   1 
ATOM   384  O  O   . PRO A 1 49  ? 10.059  11.302  5.805   1.00 25.19 ? 50  PRO B O   1 
ATOM   385  C  CB  . PRO A 1 49  ? 12.931  10.860  4.665   1.00 26.81 ? 50  PRO B CB  1 
ATOM   386  C  CG  . PRO A 1 49  ? 12.383  10.111  3.507   1.00 26.93 ? 50  PRO B CG  1 
ATOM   387  C  CD  . PRO A 1 49  ? 11.886  8.792   4.004   1.00 26.04 ? 50  PRO B CD  1 
ATOM   388  N  N   . LYS A 1 50  ? 11.391  11.874  7.521   1.00 27.70 ? 51  LYS B N   1 
ATOM   389  C  CA  . LYS A 1 50  ? 10.394  12.737  8.133   1.00 29.83 ? 51  LYS B CA  1 
ATOM   390  C  C   . LYS A 1 50  ? 9.927   13.865  7.224   1.00 28.58 ? 51  LYS B C   1 
ATOM   391  O  O   . LYS A 1 50  ? 8.826   14.378  7.403   1.00 27.23 ? 51  LYS B O   1 
ATOM   392  C  CB  . LYS A 1 50  ? 10.915  13.314  9.454   1.00 33.37 ? 51  LYS B CB  1 
ATOM   393  C  CG  . LYS A 1 50  ? 12.191  14.125  9.337   1.00 35.61 ? 51  LYS B CG  1 
ATOM   394  C  CD  . LYS A 1 50  ? 12.582  14.727  10.681  1.00 38.77 ? 51  LYS B CD  1 
ATOM   395  C  CE  . LYS A 1 50  ? 12.947  13.650  11.686  1.00 41.77 ? 51  LYS B CE  1 
ATOM   396  N  NZ  . LYS A 1 50  ? 13.772  14.197  12.810  1.00 45.85 ? 51  LYS B NZ  1 
ATOM   397  N  N   . LYS A 1 51  ? 10.744  14.257  6.253   1.00 30.09 ? 52  LYS B N   1 
ATOM   398  C  CA  . LYS A 1 51  ? 10.333  15.319  5.330   1.00 31.92 ? 52  LYS B CA  1 
ATOM   399  C  C   . LYS A 1 51  ? 9.127   14.935  4.470   1.00 29.58 ? 52  LYS B C   1 
ATOM   400  O  O   . LYS A 1 51  ? 8.437   15.804  3.949   1.00 28.19 ? 52  LYS B O   1 
ATOM   401  C  CB  . LYS A 1 51  ? 11.505  15.804  4.457   1.00 36.37 ? 52  LYS B CB  1 
ATOM   402  C  CG  . LYS A 1 51  ? 12.072  14.806  3.458   1.00 40.30 ? 52  LYS B CG  1 
ATOM   403  C  CD  . LYS A 1 51  ? 13.191  15.470  2.657   1.00 45.12 ? 52  LYS B CD  1 
ATOM   404  C  CE  . LYS A 1 51  ? 13.842  14.527  1.652   1.00 47.57 ? 52  LYS B CE  1 
ATOM   405  N  NZ  . LYS A 1 51  ? 14.723  13.510  2.294   1.00 48.92 ? 52  LYS B NZ  1 
ATOM   406  N  N   . ILE A 1 52  ? 8.841   13.636  4.351   1.00 27.53 ? 53  ILE B N   1 
ATOM   407  C  CA  . ILE A 1 52  ? 7.636   13.195  3.654   1.00 26.45 ? 53  ILE B CA  1 
ATOM   408  C  C   . ILE A 1 52  ? 6.376   13.853  4.212   1.00 25.81 ? 53  ILE B C   1 
ATOM   409  O  O   . ILE A 1 52  ? 5.429   14.092  3.475   1.00 24.67 ? 53  ILE B O   1 
ATOM   410  C  CB  . ILE A 1 52  ? 7.461   11.647  3.683   1.00 26.21 ? 53  ILE B CB  1 
ATOM   411  C  CG1 . ILE A 1 52  ? 6.410   11.216  2.651   1.00 26.74 ? 53  ILE B CG1 1 
ATOM   412  C  CG2 . ILE A 1 52  ? 7.070   11.144  5.070   1.00 26.05 ? 53  ILE B CG2 1 
ATOM   413  C  CD1 . ILE A 1 52  ? 6.381   9.723   2.425   1.00 26.86 ? 53  ILE B CD1 1 
ATOM   414  N  N   . LEU A 1 53  ? 6.375   14.156  5.513   1.00 25.97 ? 54  LEU B N   1 
ATOM   415  C  CA  . LEU A 1 53  ? 5.218   14.778  6.157   1.00 26.27 ? 54  LEU B CA  1 
ATOM   416  C  C   . LEU A 1 53  ? 4.999   16.230  5.713   1.00 26.93 ? 54  LEU B C   1 
ATOM   417  O  O   . LEU A 1 53  ? 3.913   16.782  5.906   1.00 26.07 ? 54  LEU B O   1 
ATOM   418  C  CB  . LEU A 1 53  ? 5.354   14.702  7.683   1.00 25.59 ? 54  LEU B CB  1 
ATOM   419  C  CG  . LEU A 1 53  ? 5.460   13.284  8.265   1.00 25.82 ? 54  LEU B CG  1 
ATOM   420  C  CD1 . LEU A 1 53  ? 6.029   13.298  9.676   1.00 26.39 ? 54  LEU B CD1 1 
ATOM   421  C  CD2 . LEU A 1 53  ? 4.113   12.572  8.246   1.00 24.79 ? 54  LEU B CD2 1 
ATOM   422  N  N   . LYS A 1 54  ? 6.025   16.827  5.112   1.00 29.35 ? 55  LYS B N   1 
ATOM   423  C  CA  . LYS A 1 54  ? 5.954   18.189  4.577   1.00 32.47 ? 55  LYS B CA  1 
ATOM   424  C  C   . LYS A 1 54  ? 5.534   18.207  3.096   1.00 34.17 ? 55  LYS B C   1 
ATOM   425  O  O   . LYS A 1 54  ? 5.240   19.274  2.563   1.00 33.55 ? 55  LYS B O   1 
ATOM   426  C  CB  . LYS A 1 54  ? 7.311   18.890  4.700   1.00 32.91 ? 55  LYS B CB  1 
ATOM   427  C  CG  . LYS A 1 54  ? 7.949   18.867  6.079   1.00 35.32 ? 55  LYS B CG  1 
ATOM   428  C  CD  . LYS A 1 54  ? 7.236   19.788  7.048   1.00 38.24 ? 55  LYS B CD  1 
ATOM   429  C  CE  . LYS A 1 54  ? 8.041   19.959  8.334   1.00 40.58 ? 55  LYS B CE  1 
ATOM   430  N  NZ  . LYS A 1 54  ? 7.494   21.042  9.195   1.00 42.16 ? 55  LYS B NZ  1 
ATOM   431  N  N   . CYS A 1 55  ? 5.520   17.048  2.428   1.00 35.32 ? 56  CYS B N   1 
ATOM   432  C  CA  . CYS A 1 55  ? 5.086   16.981  1.022   1.00 35.03 ? 56  CYS B CA  1 
ATOM   433  C  C   . CYS A 1 55  ? 3.605   17.236  0.913   1.00 35.16 ? 56  CYS B C   1 
ATOM   434  O  O   . CYS A 1 55  ? 2.822   16.608  1.620   1.00 36.38 ? 56  CYS B O   1 
ATOM   435  C  CB  . CYS A 1 55  ? 5.358   15.613  0.413   1.00 34.70 ? 56  CYS B CB  1 
ATOM   436  S  SG  . CYS A 1 55  ? 7.100   15.235  0.297   1.00 36.94 ? 56  CYS B SG  1 
ATOM   437  N  N   . LYS A 1 56  ? 3.220   18.134  0.007   1.00 35.04 ? 57  LYS B N   1 
ATOM   438  C  CA  . LYS A 1 56  ? 1.814   18.341  -0.301  1.00 36.74 ? 57  LYS B CA  1 
ATOM   439  C  C   . LYS A 1 56  ? 1.235   17.084  -0.960  1.00 34.87 ? 57  LYS B C   1 
ATOM   440  O  O   . LYS A 1 56  ? 0.090   16.715  -0.705  1.00 35.71 ? 57  LYS B O   1 
ATOM   441  C  CB  . LYS A 1 56  ? 1.619   19.550  -1.213  1.00 39.92 ? 57  LYS B CB  1 
ATOM   442  C  CG  . LYS A 1 56  ? 0.182   20.035  -1.228  1.00 43.84 ? 57  LYS B CG  1 
ATOM   443  C  CD  . LYS A 1 56  ? -0.002  21.303  -2.049  1.00 46.62 ? 57  LYS B CD  1 
ATOM   444  C  CE  . LYS A 1 56  ? -1.264  22.042  -1.620  1.00 48.94 ? 57  LYS B CE  1 
ATOM   445  N  NZ  . LYS A 1 56  ? -2.038  22.548  -2.784  1.00 50.51 ? 57  LYS B NZ  1 
ATOM   446  N  N   . ALA A 1 57  ? 2.033   16.433  -1.798  1.00 31.43 ? 58  ALA B N   1 
ATOM   447  C  CA  . ALA A 1 57  ? 1.600   15.211  -2.448  1.00 31.86 ? 58  ALA B CA  1 
ATOM   448  C  C   . ALA A 1 57  ? 2.754   14.239  -2.676  1.00 31.67 ? 58  ALA B C   1 
ATOM   449  O  O   . ALA A 1 57  ? 3.900   14.638  -2.941  1.00 30.67 ? 58  ALA B O   1 
ATOM   450  C  CB  . ALA A 1 57  ? 0.885   15.532  -3.754  1.00 33.50 ? 58  ALA B CB  1 
ATOM   451  N  N   . VAL A 1 58  ? 2.438   12.949  -2.554  1.00 30.17 ? 59  VAL B N   1 
ATOM   452  C  CA  . VAL A 1 58  ? 3.420   11.897  -2.700  1.00 29.65 ? 59  VAL B CA  1 
ATOM   453  C  C   . VAL A 1 58  ? 3.018   10.980  -3.856  1.00 29.18 ? 59  VAL B C   1 
ATOM   454  O  O   . VAL A 1 58  ? 1.868   10.543  -3.932  1.00 29.35 ? 59  VAL B O   1 
ATOM   455  C  CB  . VAL A 1 58  ? 3.522   11.064  -1.411  1.00 30.27 ? 59  VAL B CB  1 
ATOM   456  C  CG1 . VAL A 1 58  ? 4.451   9.871   -1.611  1.00 31.39 ? 59  VAL B CG1 1 
ATOM   457  C  CG2 . VAL A 1 58  ? 3.984   11.940  -0.250  1.00 31.69 ? 59  VAL B CG2 1 
ATOM   458  N  N   . SER A 1 59  ? 3.970   10.706  -4.742  1.00 28.16 ? 60  SER B N   1 
ATOM   459  C  CA  . SER A 1 59  ? 3.767   9.775   -5.847  1.00 30.44 ? 60  SER B CA  1 
ATOM   460  C  C   . SER A 1 59  ? 4.315   8.391   -5.496  1.00 27.99 ? 60  SER B C   1 
ATOM   461  O  O   . SER A 1 59  ? 5.496   8.253   -5.164  1.00 27.99 ? 60  SER B O   1 
ATOM   462  C  CB  . SER A 1 59  ? 4.461   10.284  -7.119  1.00 30.62 ? 60  SER B CB  1 
ATOM   463  O  OG  . SER A 1 59  ? 4.013   9.549   -8.249  1.00 34.81 ? 60  SER B OG  1 
ATOM   464  N  N   . ARG A 1 60  ? 3.468   7.370   -5.614  1.00 26.66 ? 61  ARG B N   1 
ATOM   465  C  CA  . ARG A 1 60  ? 3.871   5.997   -5.338  1.00 25.40 ? 61  ARG B CA  1 
ATOM   466  C  C   . ARG A 1 60  ? 3.889   5.147   -6.611  1.00 25.40 ? 61  ARG B C   1 
ATOM   467  O  O   . ARG A 1 60  ? 2.962   5.223   -7.411  1.00 24.95 ? 61  ARG B O   1 
ATOM   468  C  CB  . ARG A 1 60  ? 2.900   5.377   -4.333  1.00 25.05 ? 61  ARG B CB  1 
ATOM   469  C  CG  . ARG A 1 60  ? 3.201   3.932   -3.979  1.00 25.07 ? 61  ARG B CG  1 
ATOM   470  C  CD  . ARG A 1 60  ? 2.252   3.479   -2.896  1.00 24.84 ? 61  ARG B CD  1 
ATOM   471  N  NE  . ARG A 1 60  ? 0.898   3.275   -3.404  1.00 24.38 ? 61  ARG B NE  1 
ATOM   472  C  CZ  . ARG A 1 60  ? -0.200  3.301   -2.657  1.00 23.92 ? 61  ARG B CZ  1 
ATOM   473  N  NH1 . ARG A 1 60  ? -0.129  3.539   -1.344  1.00 24.52 ? 61  ARG B NH1 1 
ATOM   474  N  NH2 . ARG A 1 60  ? -1.383  3.101   -3.224  1.00 23.84 ? 61  ARG B NH2 1 
ATOM   475  N  N   . GLU A 1 61  ? 4.955   4.365   -6.786  1.00 26.44 ? 62  GLU B N   1 
ATOM   476  C  CA  . GLU A 1 61  ? 5.050   3.358   -7.831  1.00 27.83 ? 62  GLU B CA  1 
ATOM   477  C  C   . GLU A 1 61  ? 5.095   1.996   -7.161  1.00 27.44 ? 62  GLU B C   1 
ATOM   478  O  O   . GLU A 1 61  ? 5.955   1.764   -6.314  1.00 27.70 ? 62  GLU B O   1 
ATOM   479  C  CB  . GLU A 1 61  ? 6.340   3.518   -8.628  1.00 30.82 ? 62  GLU B CB  1 
ATOM   480  C  CG  . GLU A 1 61  ? 6.254   4.345   -9.886  1.00 33.19 ? 62  GLU B CG  1 
ATOM   481  C  CD  . GLU A 1 61  ? 7.415   4.036   -10.825 1.00 35.24 ? 62  GLU B CD  1 
ATOM   482  O  OE1 . GLU A 1 61  ? 8.577   4.011   -10.357 1.00 36.69 ? 62  GLU B OE1 1 
ATOM   483  O  OE2 . GLU A 1 61  ? 7.162   3.809   -12.031 1.00 39.48 ? 62  GLU B OE2 1 
ATOM   484  N  N   . LEU A 1 62  ? 4.380   1.138   -7.629  1.00 26.29 ? 63  LEU B N   1 
ATOM   485  C  CA  . LEU A 1 62  ? 4.194   -0.092  -6.857  1.00 27.58 ? 63  LEU B CA  1 
ATOM   486  C  C   . LEU A 1 62  ? 4.404   -1.223  -7.845  1.00 25.76 ? 63  LEU B C   1 
ATOM   487  O  O   . LEU A 1 62  ? 3.645   -1.312  -8.798  1.00 27.17 ? 63  LEU B O   1 
ATOM   488  C  CB  . LEU A 1 62  ? 2.741   -0.164  -6.368  1.00 29.74 ? 63  LEU B CB  1 
ATOM   489  C  CG  . LEU A 1 62  ? 2.309   -1.239  -5.392  1.00 33.19 ? 63  LEU B CG  1 
ATOM   490  C  CD1 . LEU A 1 62  ? 1.240   -0.629  -4.527  1.00 34.71 ? 63  LEU B CD1 1 
ATOM   491  C  CD2 . LEU A 1 62  ? 1.733   -2.459  -6.081  1.00 34.94 ? 63  LEU B CD2 1 
ATOM   492  N  N   . ASN A 1 63  ? 5.172   -2.068  -8.090  1.00 24.28 ? 64  ASN B N   1 
ATOM   493  C  CA  . ASN A 1 63  ? 5.289   -3.099  -9.125  1.00 23.33 ? 64  ASN B CA  1 
ATOM   494  C  C   . ASN A 1 63  ? 4.853   -4.468  -8.582  1.00 21.68 ? 64  ASN B C   1 
ATOM   495  O  O   . ASN A 1 63  ? 5.389   -4.939  -7.589  1.00 20.79 ? 64  ASN B O   1 
ATOM   496  C  CB  . ASN A 1 63  ? 6.708   -3.154  -9.677  1.00 22.71 ? 64  ASN B CB  1 
ATOM   497  C  CG  . ASN A 1 63  ? 6.874   -4.191  -10.772 1.00 23.91 ? 64  ASN B CG  1 
ATOM   498  O  OD1 . ASN A 1 63  ? 7.052   -5.367  -10.489 1.00 23.36 ? 64  ASN B OD1 1 
ATOM   499  N  ND2 . ASN A 1 63  ? 6.835   -3.753  -12.029 1.00 23.39 ? 64  ASN B ND2 1 
ATOM   500  N  N   . PHE A 1 64  ? 3.872   -5.084  -9.235  1.00 20.02 ? 65  PHE B N   1 
ATOM   501  C  CA  . PHE A 1 64  ? 3.318   -6.344  -8.760  1.00 19.22 ? 65  PHE B CA  1 
ATOM   502  C  C   . PHE A 1 64  ? 3.146   -7.360  -9.886  1.00 19.26 ? 65  PHE B C   1 
ATOM   503  O  O   . PHE A 1 64  ? 2.993   -6.995  -11.062 1.00 19.54 ? 65  PHE B O   1 
ATOM   504  C  CB  . PHE A 1 64  ? 1.980   -6.115  -8.042  1.00 19.55 ? 65  PHE B CB  1 
ATOM   505  C  CG  . PHE A 1 64  ? 0.862   -5.684  -8.945  1.00 19.45 ? 65  PHE B CG  1 
ATOM   506  C  CD1 . PHE A 1 64  ? 0.663   -4.340  -9.234  1.00 20.20 ? 65  PHE B CD1 1 
ATOM   507  C  CD2 . PHE A 1 64  ? -0.010  -6.621  -9.493  1.00 19.90 ? 65  PHE B CD2 1 
ATOM   508  C  CE1 . PHE A 1 64  ? -0.372  -3.937  -10.064 1.00 20.12 ? 65  PHE B CE1 1 
ATOM   509  C  CE2 . PHE A 1 64  ? -1.047  -6.225  -10.334 1.00 20.19 ? 65  PHE B CE2 1 
ATOM   510  C  CZ  . PHE A 1 64  ? -1.224  -4.874  -10.617 1.00 21.34 ? 65  PHE B CZ  1 
ATOM   511  N  N   . SER A 1 65  ? 3.167   -8.639  -9.502  1.00 18.72 ? 66  SER B N   1 
ATOM   512  C  CA  . SER A 1 65  ? 2.890   -9.746  -10.416 1.00 18.63 ? 66  SER B CA  1 
ATOM   513  C  C   . SER A 1 65  ? 1.654   -10.494 -9.926  1.00 17.71 ? 66  SER B C   1 
ATOM   514  O  O   . SER A 1 65  ? 1.413   -10.582 -8.721  1.00 16.33 ? 66  SER B O   1 
ATOM   515  C  CB  . SER A 1 65  ? 4.077   -10.704 -10.448 1.00 19.46 ? 66  SER B CB  1 
ATOM   516  O  OG  . SER A 1 65  ? 5.272   -10.001 -10.753 1.00 20.81 ? 66  SER B OG  1 
ATOM   517  N  N   . SER A 1 66  ? 0.874   -11.042 -10.856 1.00 17.60 ? 67  SER B N   1 
ATOM   518  C  CA  . SER A 1 66  ? -0.303  -11.821 -10.486 1.00 17.19 ? 67  SER B CA  1 
ATOM   519  C  C   . SER A 1 66  ? -0.533  -12.962 -11.465 1.00 17.55 ? 67  SER B C   1 
ATOM   520  O  O   . SER A 1 66  ? -0.712  -12.727 -12.656 1.00 17.81 ? 67  SER B O   1 
ATOM   521  C  CB  . SER A 1 66  ? -1.534  -10.914 -10.489 1.00 16.68 ? 67  SER B CB  1 
ATOM   522  O  OG  . SER A 1 66  ? -2.695  -11.624 -10.128 1.00 17.11 ? 67  SER B OG  1 
ATOM   523  N  N   . THR A 1 67  ? -0.560  -14.191 -10.975 1.00 18.11 ? 68  THR B N   1 
ATOM   524  C  CA  . THR A 1 67  ? -0.838  -15.314 -11.861 1.00 18.47 ? 68  THR B CA  1 
ATOM   525  C  C   . THR A 1 67  ? -2.305  -15.275 -12.257 1.00 19.06 ? 68  THR B C   1 
ATOM   526  O  O   . THR A 1 67  ? -2.662  -15.657 -13.365 1.00 19.88 ? 68  THR B O   1 
ATOM   527  C  CB  . THR A 1 67  ? -0.498  -16.685 -11.234 1.00 18.40 ? 68  THR B CB  1 
ATOM   528  O  OG1 . THR A 1 67  ? -1.365  -16.935 -10.132 1.00 18.70 ? 68  THR B OG1 1 
ATOM   529  C  CG2 . THR A 1 67  ? 0.958   -16.730 -10.760 1.00 19.19 ? 68  THR B CG2 1 
ATOM   530  N  N   . GLU A 1 68  ? -3.148  -14.788 -11.347 1.00 19.20 ? 69  GLU B N   1 
ATOM   531  C  CA  . GLU A 1 68  ? -4.581  -14.753 -11.559 1.00 19.40 ? 69  GLU B CA  1 
ATOM   532  C  C   . GLU A 1 68  ? -5.049  -13.477 -12.245 1.00 19.15 ? 69  GLU B C   1 
ATOM   533  O  O   . GLU A 1 68  ? -4.562  -12.367 -11.967 1.00 17.25 ? 69  GLU B O   1 
ATOM   534  C  CB  . GLU A 1 68  ? -5.333  -14.899 -10.221 1.00 20.02 ? 69  GLU B CB  1 
ATOM   535  C  CG  . GLU A 1 68  ? -5.031  -16.200 -9.486  1.00 20.20 ? 69  GLU B CG  1 
ATOM   536  C  CD  . GLU A 1 68  ? -5.099  -17.414 -10.394 1.00 20.27 ? 69  GLU B CD  1 
ATOM   537  O  OE1 . GLU A 1 68  ? -6.217  -17.804 -10.777 1.00 20.61 ? 69  GLU B OE1 1 
ATOM   538  O  OE2 . GLU A 1 68  ? -4.030  -17.976 -10.728 1.00 20.23 ? 69  GLU B OE2 1 
ATOM   539  N  N   . GLN A 1 69  ? -6.020  -13.654 -13.133 1.00 18.50 ? 70  GLN B N   1 
ATOM   540  C  CA  . GLN A 1 69  ? -6.731  -12.543 -13.710 1.00 18.13 ? 70  GLN B CA  1 
ATOM   541  C  C   . GLN A 1 69  ? -7.567  -11.866 -12.620 1.00 18.01 ? 70  GLN B C   1 
ATOM   542  O  O   . GLN A 1 69  ? -8.137  -12.542 -11.777 1.00 16.87 ? 70  GLN B O   1 
ATOM   543  C  CB  . GLN A 1 69  ? -7.662  -13.044 -14.801 1.00 18.82 ? 70  GLN B CB  1 
ATOM   544  C  CG  . GLN A 1 69  ? -8.468  -11.941 -15.484 1.00 18.39 ? 70  GLN B CG  1 
ATOM   545  C  CD  . GLN A 1 69  ? -9.183  -12.467 -16.723 1.00 18.04 ? 70  GLN B CD  1 
ATOM   546  O  OE1 . GLN A 1 69  ? -8.547  -12.933 -17.652 1.00 17.66 ? 70  GLN B OE1 1 
ATOM   547  N  NE2 . GLN A 1 69  ? -10.493 -12.417 -16.718 1.00 18.37 ? 70  GLN B NE2 1 
ATOM   548  N  N   . MET A 1 70  ? -7.610  -10.535 -12.636 1.00 17.96 ? 71  MET B N   1 
ATOM   549  C  CA  . MET A 1 70  ? -8.522  -9.783  -11.786 1.00 19.44 ? 71  MET B CA  1 
ATOM   550  C  C   . MET A 1 70  ? -9.308  -8.796  -12.626 1.00 20.65 ? 71  MET B C   1 
ATOM   551  O  O   . MET A 1 70  ? -8.764  -8.178  -13.540 1.00 21.39 ? 71  MET B O   1 
ATOM   552  C  CB  . MET A 1 70  ? -7.785  -9.028  -10.680 1.00 19.50 ? 71  MET B CB  1 
ATOM   553  C  CG  . MET A 1 70  ? -7.230  -9.936  -9.594  1.00 20.21 ? 71  MET B CG  1 
ATOM   554  S  SD  . MET A 1 70  ? -6.453  -9.033  -8.231  1.00 21.63 ? 71  MET B SD  1 
ATOM   555  C  CE  . MET A 1 70  ? -4.773  -8.874  -8.790  1.00 20.64 ? 71  MET B CE  1 
ATOM   556  N  N   . GLU A 1 71  ? -10.574 -8.638  -12.265 1.00 23.44 ? 72  GLU B N   1 
ATOM   557  C  CA  . GLU A 1 71  ? -11.509 -7.803  -12.997 1.00 27.01 ? 72  GLU B CA  1 
ATOM   558  C  C   . GLU A 1 71  ? -11.367 -6.343  -12.564 1.00 26.45 ? 72  GLU B C   1 
ATOM   559  O  O   . GLU A 1 71  ? -11.341 -5.441  -13.400 1.00 25.02 ? 72  GLU B O   1 
ATOM   560  C  CB  . GLU A 1 71  ? -12.932 -8.305  -12.752 1.00 33.30 ? 72  GLU B CB  1 
ATOM   561  C  CG  . GLU A 1 71  ? -13.887 -8.095  -13.921 1.00 41.80 ? 72  GLU B CG  1 
ATOM   562  C  CD  . GLU A 1 71  ? -14.858 -9.258  -14.102 1.00 48.37 ? 72  GLU B CD  1 
ATOM   563  O  OE1 . GLU A 1 71  ? -14.956 -9.772  -15.237 1.00 53.59 ? 72  GLU B OE1 1 
ATOM   564  O  OE2 . GLU A 1 71  ? -15.509 -9.668  -13.109 1.00 53.62 ? 72  GLU B OE2 1 
ATOM   565  N  N   . LYS A 1 72  ? -11.267 -6.118  -11.260 1.00 24.35 ? 73  LYS B N   1 
ATOM   566  C  CA  . LYS A 1 72  ? -11.125 -4.766  -10.725 1.00 25.20 ? 73  LYS B CA  1 
ATOM   567  C  C   . LYS A 1 72  ? -10.222 -4.762  -9.492  1.00 22.08 ? 73  LYS B C   1 
ATOM   568  O  O   . LYS A 1 72  ? -10.683 -4.674  -8.368  1.00 22.14 ? 73  LYS B O   1 
ATOM   569  C  CB  . LYS A 1 72  ? -12.484 -4.153  -10.396 1.00 27.73 ? 73  LYS B CB  1 
ATOM   570  C  CG  . LYS A 1 72  ? -12.387 -2.655  -10.089 1.00 32.40 ? 73  LYS B CG  1 
ATOM   571  C  CD  . LYS A 1 72  ? -13.735 -2.018  -9.796  1.00 36.42 ? 73  LYS B CD  1 
ATOM   572  C  CE  . LYS A 1 72  ? -14.481 -1.630  -11.061 1.00 39.52 ? 73  LYS B CE  1 
ATOM   573  N  NZ  . LYS A 1 72  ? -15.615 -0.714  -10.719 1.00 42.41 ? 73  LYS B NZ  1 
ATOM   574  N  N   . PHE A 1 73  ? -8.928  -4.863  -9.733  1.00 21.25 ? 74  PHE B N   1 
ATOM   575  C  CA  . PHE A 1 73  ? -7.948  -4.810  -8.649  1.00 20.55 ? 74  PHE B CA  1 
ATOM   576  C  C   . PHE A 1 73  ? -7.946  -3.394  -8.052  1.00 20.47 ? 74  PHE B C   1 
ATOM   577  O  O   . PHE A 1 73  ? -7.876  -2.409  -8.776  1.00 21.01 ? 74  PHE B O   1 
ATOM   578  C  CB  . PHE A 1 73  ? -6.577  -5.208  -9.179  1.00 19.18 ? 74  PHE B CB  1 
ATOM   579  C  CG  . PHE A 1 73  ? -5.472  -5.171  -8.156  1.00 18.88 ? 74  PHE B CG  1 
ATOM   580  C  CD1 . PHE A 1 73  ? -5.654  -5.687  -6.884  1.00 18.46 ? 74  PHE B CD1 1 
ATOM   581  C  CD2 . PHE A 1 73  ? -4.220  -4.663  -8.498  1.00 18.69 ? 74  PHE B CD2 1 
ATOM   582  C  CE1 . PHE A 1 73  ? -4.623  -5.668  -5.959  1.00 18.32 ? 74  PHE B CE1 1 
ATOM   583  C  CE2 . PHE A 1 73  ? -3.181  -4.648  -7.575  1.00 19.17 ? 74  PHE B CE2 1 
ATOM   584  C  CZ  . PHE A 1 73  ? -3.388  -5.147  -6.307  1.00 18.30 ? 74  PHE B CZ  1 
ATOM   585  N  N   . ARG A 1 74  ? -8.055  -3.306  -6.730  1.00 20.41 ? 75  ARG B N   1 
ATOM   586  C  CA  . ARG A 1 74  ? -8.048  -2.016  -6.054  1.00 20.24 ? 75  ARG B CA  1 
ATOM   587  C  C   . ARG A 1 74  ? -7.566  -2.171  -4.614  1.00 19.80 ? 75  ARG B C   1 
ATOM   588  O  O   . ARG A 1 74  ? -7.521  -3.274  -4.066  1.00 18.40 ? 75  ARG B O   1 
ATOM   589  C  CB  . ARG A 1 74  ? -9.444  -1.399  -6.074  1.00 20.28 ? 75  ARG B CB  1 
ATOM   590  C  CG  . ARG A 1 74  ? -10.497 -2.217  -5.360  1.00 21.12 ? 75  ARG B CG  1 
ATOM   591  C  CD  . ARG A 1 74  ? -11.877 -1.572  -5.369  1.00 21.54 ? 75  ARG B CD  1 
ATOM   592  N  NE  . ARG A 1 74  ? -12.757 -2.305  -4.466  1.00 22.46 ? 75  ARG B NE  1 
ATOM   593  C  CZ  . ARG A 1 74  ? -12.970 -2.035  -3.176  1.00 24.40 ? 75  ARG B CZ  1 
ATOM   594  N  NH1 . ARG A 1 74  ? -12.396 -0.989  -2.581  1.00 24.42 ? 75  ARG B NH1 1 
ATOM   595  N  NH2 . ARG A 1 74  ? -13.783 -2.824  -2.467  1.00 24.53 ? 75  ARG B NH2 1 
ATOM   596  N  N   . LEU A 1 75  ? -7.240  -1.041  -4.005  1.00 20.44 ? 76  LEU B N   1 
ATOM   597  C  CA  . LEU A 1 75  ? -6.763  -1.019  -2.640  1.00 20.81 ? 76  LEU B CA  1 
ATOM   598  C  C   . LEU A 1 75  ? -7.576  -0.048  -1.811  1.00 20.27 ? 76  LEU B C   1 
ATOM   599  O  O   . LEU A 1 75  ? -8.045  0.980   -2.312  1.00 20.51 ? 76  LEU B O   1 
ATOM   600  C  CB  . LEU A 1 75  ? -5.298  -0.577  -2.592  1.00 23.09 ? 76  LEU B CB  1 
ATOM   601  C  CG  . LEU A 1 75  ? -4.255  -1.387  -3.338  1.00 24.40 ? 76  LEU B CG  1 
ATOM   602  C  CD1 . LEU A 1 75  ? -2.886  -0.743  -3.140  1.00 25.67 ? 76  LEU B CD1 1 
ATOM   603  C  CD2 . LEU A 1 75  ? -4.250  -2.833  -2.877  1.00 25.86 ? 76  LEU B CD2 1 
ATOM   604  N  N   . GLU A 1 76  ? -7.743  -0.397  -0.545  1.00 20.16 ? 77  GLU B N   1 
ATOM   605  C  CA  . GLU A 1 76  ? -8.235  0.521   0.462   1.00 20.91 ? 77  GLU B CA  1 
ATOM   606  C  C   . GLU A 1 76  ? -7.121  0.604   1.502   1.00 20.80 ? 77  GLU B C   1 
ATOM   607  O  O   . GLU A 1 76  ? -6.596  -0.427  1.927   1.00 19.34 ? 77  GLU B O   1 
ATOM   608  C  CB  . GLU A 1 76  ? -9.520  -0.002  1.093   1.00 22.30 ? 77  GLU B CB  1 
ATOM   609  C  CG  . GLU A 1 76  ? -10.699 -0.087  0.128   1.00 24.44 ? 77  GLU B CG  1 
ATOM   610  C  CD  . GLU A 1 76  ? -12.027 -0.460  0.798   1.00 24.96 ? 77  GLU B CD  1 
ATOM   611  O  OE1 . GLU A 1 76  ? -12.064 -0.720  2.027   1.00 26.61 ? 77  GLU B OE1 1 
ATOM   612  O  OE2 . GLU A 1 76  ? -13.045 -0.521  0.072   1.00 24.80 ? 77  GLU B OE2 1 
ATOM   613  N  N   . GLN A 1 77  ? -6.748  1.818   1.888   1.00 19.98 ? 78  GLN B N   1 
ATOM   614  C  CA  . GLN A 1 77  ? -5.710  2.002   2.886   1.00 20.45 ? 78  GLN B CA  1 
ATOM   615  C  C   . GLN A 1 77  ? -6.184  2.947   3.981   1.00 20.83 ? 78  GLN B C   1 
ATOM   616  O  O   . GLN A 1 77  ? -6.774  3.977   3.685   1.00 20.67 ? 78  GLN B O   1 
ATOM   617  C  CB  . GLN A 1 77  ? -4.448  2.564   2.248   1.00 20.48 ? 78  GLN B CB  1 
ATOM   618  C  CG  . GLN A 1 77  ? -3.768  1.595   1.315   1.00 21.70 ? 78  GLN B CG  1 
ATOM   619  C  CD  . GLN A 1 77  ? -2.468  2.134   0.792   1.00 22.21 ? 78  GLN B CD  1 
ATOM   620  O  OE1 . GLN A 1 77  ? -2.447  3.126   0.080   1.00 23.71 ? 78  GLN B OE1 1 
ATOM   621  N  NE2 . GLN A 1 77  ? -1.373  1.483   1.137   1.00 24.08 ? 78  GLN B NE2 1 
ATOM   622  N  N   . LYS A 1 78  ? -5.921  2.573   5.228   1.00 20.58 ? 79  LYS B N   1 
ATOM   623  C  CA  . LYS A 1 78  ? -6.313  3.347   6.393   1.00 20.77 ? 79  LYS B CA  1 
ATOM   624  C  C   . LYS A 1 78  ? -5.056  3.704   7.171   1.00 20.62 ? 79  LYS B C   1 
ATOM   625  O  O   . LYS A 1 78  ? -4.210  2.845   7.413   1.00 20.29 ? 79  LYS B O   1 
ATOM   626  C  CB  . LYS A 1 78  ? -7.251  2.536   7.264   1.00 22.27 ? 79  LYS B CB  1 
ATOM   627  C  CG  . LYS A 1 78  ? -8.686  2.555   6.773   1.00 24.17 ? 79  LYS B CG  1 
ATOM   628  C  CD  . LYS A 1 78  ? -9.549  1.644   7.609   1.00 26.37 ? 79  LYS B CD  1 
ATOM   629  C  CE  . LYS A 1 78  ? -11.023 1.926   7.382   1.00 28.95 ? 79  LYS B CE  1 
ATOM   630  N  NZ  . LYS A 1 78  ? -11.836 1.142   8.337   1.00 30.45 ? 79  LYS B NZ  1 
ATOM   631  N  N   . VAL A 1 79  ? -4.917  4.985   7.518   1.00 20.39 ? 80  VAL B N   1 
ATOM   632  C  CA  . VAL A 1 79  ? -3.787  5.441   8.304   1.00 20.00 ? 80  VAL B CA  1 
ATOM   633  C  C   . VAL A 1 79  ? -4.271  5.485   9.742   1.00 19.48 ? 80  VAL B C   1 
ATOM   634  O  O   . VAL A 1 79  ? -5.190  6.228   10.064  1.00 18.33 ? 80  VAL B O   1 
ATOM   635  C  CB  . VAL A 1 79  ? -3.293  6.833   7.864   1.00 20.74 ? 80  VAL B CB  1 
ATOM   636  C  CG1 . VAL A 1 79  ? -2.119  7.278   8.724   1.00 21.02 ? 80  VAL B CG1 1 
ATOM   637  C  CG2 . VAL A 1 79  ? -2.907  6.816   6.388   1.00 21.39 ? 80  VAL B CG2 1 
ATOM   638  N  N   . TYR A 1 80  ? -3.669  4.664   10.592  1.00 18.89 ? 81  TYR B N   1 
ATOM   639  C  CA  . TYR A 1 80  ? -4.049  4.590   11.992  1.00 19.67 ? 81  TYR B CA  1 
ATOM   640  C  C   . TYR A 1 80  ? -2.959  5.197   12.860  1.00 19.07 ? 81  TYR B C   1 
ATOM   641  O  O   . TYR A 1 80  ? -1.777  4.888   12.689  1.00 18.37 ? 81  TYR B O   1 
ATOM   642  C  CB  . TYR A 1 80  ? -4.267  3.147   12.435  1.00 20.45 ? 81  TYR B CB  1 
ATOM   643  C  CG  . TYR A 1 80  ? -5.556  2.497   11.978  1.00 22.48 ? 81  TYR B CG  1 
ATOM   644  C  CD1 . TYR A 1 80  ? -6.726  2.652   12.702  1.00 22.69 ? 81  TYR B CD1 1 
ATOM   645  C  CD2 . TYR A 1 80  ? -5.583  1.661   10.852  1.00 23.66 ? 81  TYR B CD2 1 
ATOM   646  C  CE1 . TYR A 1 80  ? -7.903  2.042   12.306  1.00 24.62 ? 81  TYR B CE1 1 
ATOM   647  C  CE2 . TYR A 1 80  ? -6.758  1.037   10.452  1.00 24.78 ? 81  TYR B CE2 1 
ATOM   648  C  CZ  . TYR A 1 80  ? -7.919  1.241   11.183  1.00 25.89 ? 81  TYR B CZ  1 
ATOM   649  O  OH  . TYR A 1 80  ? -9.104  0.631   10.809  1.00 30.91 ? 81  TYR B OH  1 
ATOM   650  N  N   . PHE A 1 81  ? -3.368  6.052   13.789  1.00 18.01 ? 82  PHE B N   1 
ATOM   651  C  CA  . PHE A 1 81  ? -2.492  6.598   14.812  1.00 17.37 ? 82  PHE B CA  1 
ATOM   652  C  C   . PHE A 1 81  ? -2.999  6.143   16.161  1.00 18.21 ? 82  PHE B C   1 
ATOM   653  O  O   . PHE A 1 81  ? -4.118  6.500   16.566  1.00 16.69 ? 82  PHE B O   1 
ATOM   654  C  CB  . PHE A 1 81  ? -2.482  8.131   14.774  1.00 17.46 ? 82  PHE B CB  1 
ATOM   655  C  CG  . PHE A 1 81  ? -1.698  8.754   15.893  1.00 16.74 ? 82  PHE B CG  1 
ATOM   656  C  CD1 . PHE A 1 81  ? -0.305  8.730   15.876  1.00 16.56 ? 82  PHE B CD1 1 
ATOM   657  C  CD2 . PHE A 1 81  ? -2.349  9.364   16.981  1.00 16.80 ? 82  PHE B CD2 1 
ATOM   658  C  CE1 . PHE A 1 81  ? 0.426   9.303   16.904  1.00 16.63 ? 82  PHE B CE1 1 
ATOM   659  C  CE2 . PHE A 1 81  ? -1.612  9.931   18.012  1.00 16.83 ? 82  PHE B CE2 1 
ATOM   660  C  CZ  . PHE A 1 81  ? -0.222  9.905   17.966  1.00 16.50 ? 82  PHE B CZ  1 
ATOM   661  N  N   . LYS A 1 82  ? -2.169  5.355   16.846  1.00 19.04 ? 83  LYS B N   1 
ATOM   662  C  CA  . LYS A 1 82  ? -2.514  4.733   18.113  1.00 19.79 ? 83  LYS B CA  1 
ATOM   663  C  C   . LYS A 1 82  ? -3.910  4.141   18.040  1.00 20.88 ? 83  LYS B C   1 
ATOM   664  O  O   . LYS A 1 82  ? -4.715  4.307   18.952  1.00 20.66 ? 83  LYS B O   1 
ATOM   665  C  CB  . LYS A 1 82  ? -2.405  5.739   19.271  1.00 20.73 ? 83  LYS B CB  1 
ATOM   666  C  CG  . LYS A 1 82  ? -1.023  6.346   19.436  1.00 20.47 ? 83  LYS B CG  1 
ATOM   667  C  CD  . LYS A 1 82  ? -0.958  7.149   20.732  1.00 21.21 ? 83  LYS B CD  1 
ATOM   668  C  CE  . LYS A 1 82  ? 0.450   7.631   21.040  1.00 21.95 ? 83  LYS B CE  1 
ATOM   669  N  NZ  . LYS A 1 82  ? 0.428   8.544   22.215  1.00 22.21 ? 83  LYS B NZ  1 
ATOM   670  N  N   . GLY A 1 83  ? -4.192  3.467   16.931  1.00 21.82 ? 84  GLY B N   1 
ATOM   671  C  CA  . GLY A 1 83  ? -5.439  2.729   16.775  1.00 22.61 ? 84  GLY B CA  1 
ATOM   672  C  C   . GLY A 1 83  ? -6.597  3.529   16.233  1.00 21.82 ? 84  GLY B C   1 
ATOM   673  O  O   . GLY A 1 83  ? -7.677  2.993   16.041  1.00 22.63 ? 84  GLY B O   1 
ATOM   674  N  N   . GLN A 1 84  ? -6.384  4.811   15.968  1.00 22.35 ? 85  GLN B N   1 
ATOM   675  C  CA  . GLN A 1 84  ? -7.439  5.671   15.463  1.00 22.65 ? 85  GLN B CA  1 
ATOM   676  C  C   . GLN A 1 84  ? -7.224  5.992   14.006  1.00 21.29 ? 85  GLN B C   1 
ATOM   677  O  O   . GLN A 1 84  ? -6.155  6.455   13.614  1.00 19.63 ? 85  GLN B O   1 
ATOM   678  C  CB  . GLN A 1 84  ? -7.481  6.971   16.267  1.00 23.75 ? 85  GLN B CB  1 
ATOM   679  C  CG  . GLN A 1 84  ? -8.492  7.958   15.735  1.00 26.39 ? 85  GLN B CG  1 
ATOM   680  C  CD  . GLN A 1 84  ? -8.699  9.131   16.652  1.00 27.70 ? 85  GLN B CD  1 
ATOM   681  O  OE1 . GLN A 1 84  ? -8.136  9.207   17.742  1.00 31.47 ? 85  GLN B OE1 1 
ATOM   682  N  NE2 . GLN A 1 84  ? -9.511  10.047  16.218  1.00 29.80 ? 85  GLN B NE2 1 
ATOM   683  N  N   . CYS A 1 85  ? -8.262  5.784   13.204  1.00 22.76 ? 86  CYS B N   1 
ATOM   684  C  CA  . CYS A 1 85  ? -8.155  6.018   11.771  1.00 22.75 ? 86  CYS B CA  1 
ATOM   685  C  C   . CYS A 1 85  ? -8.184  7.512   11.462  1.00 23.92 ? 86  CYS B C   1 
ATOM   686  O  O   . CYS A 1 85  ? -9.187  8.188   11.702  1.00 25.52 ? 86  CYS B O   1 
ATOM   687  C  CB  . CYS A 1 85  ? -9.260  5.291   11.021  1.00 23.81 ? 86  CYS B CB  1 
ATOM   688  S  SG  . CYS A 1 85  ? -9.084  5.554   9.265   1.00 25.16 ? 86  CYS B SG  1 
ATOM   689  N  N   . LEU A 1 86  ? -7.077  8.040   10.964  1.00 23.59 ? 87  LEU B N   1 
ATOM   690  C  CA  . LEU A 1 86  ? -6.985  9.466   10.648  1.00 25.85 ? 87  LEU B CA  1 
ATOM   691  C  C   . LEU A 1 86  ? -7.385  9.754   9.216   1.00 26.92 ? 87  LEU B C   1 
ATOM   692  O  O   . LEU A 1 86  ? -7.708  10.889  8.884   1.00 25.90 ? 87  LEU B O   1 
ATOM   693  C  CB  . LEU A 1 86  ? -5.555  9.966   10.793  1.00 27.05 ? 87  LEU B CB  1 
ATOM   694  C  CG  . LEU A 1 86  ? -4.859  9.723   12.128  1.00 28.31 ? 87  LEU B CG  1 
ATOM   695  C  CD1 . LEU A 1 86  ? -3.455  10.280  12.023  1.00 28.84 ? 87  LEU B CD1 1 
ATOM   696  C  CD2 . LEU A 1 86  ? -5.643  10.367  13.251  1.00 28.56 ? 87  LEU B CD2 1 
ATOM   697  N  N   . GLU A 1 87  ? -7.307  8.739   8.359   1.00 26.79 ? 88  GLU B N   1 
ATOM   698  C  CA  . GLU A 1 87  ? -7.361  8.964   6.924   1.00 29.23 ? 88  GLU B CA  1 
ATOM   699  C  C   . GLU A 1 87  ? -7.652  7.639   6.241   1.00 28.23 ? 88  GLU B C   1 
ATOM   700  O  O   . GLU A 1 87  ? -7.114  6.615   6.658   1.00 23.89 ? 88  GLU B O   1 
ATOM   701  C  CB  . GLU A 1 87  ? -6.004  9.492   6.469   1.00 32.99 ? 88  GLU B CB  1 
ATOM   702  C  CG  . GLU A 1 87  ? -6.051  10.385  5.257   1.00 38.11 ? 88  GLU B CG  1 
ATOM   703  C  CD  . GLU A 1 87  ? -4.904  11.363  5.247   1.00 41.63 ? 88  GLU B CD  1 
ATOM   704  O  OE1 . GLU A 1 87  ? -4.064  11.312  4.327   1.00 46.87 ? 88  GLU B OE1 1 
ATOM   705  O  OE2 . GLU A 1 87  ? -4.832  12.176  6.186   1.00 46.37 ? 88  GLU B OE2 1 
ATOM   706  N  N   . GLU A 1 88  ? -8.515  7.661   5.219   1.00 27.74 ? 89  GLU B N   1 
ATOM   707  C  CA  . GLU A 1 88  ? -8.753  6.484   4.372   1.00 28.64 ? 89  GLU B CA  1 
ATOM   708  C  C   . GLU A 1 88  ? -8.533  6.852   2.908   1.00 28.72 ? 89  GLU B C   1 
ATOM   709  O  O   . GLU A 1 88  ? -9.025  7.877   2.446   1.00 27.05 ? 89  GLU B O   1 
ATOM   710  C  CB  . GLU A 1 88  ? -10.151 5.895   4.577   1.00 31.58 ? 89  GLU B CB  1 
ATOM   711  C  CG  . GLU A 1 88  ? -10.378 4.607   3.784   1.00 33.59 ? 89  GLU B CG  1 
ATOM   712  C  CD  . GLU A 1 88  ? -11.580 3.788   4.238   1.00 36.38 ? 89  GLU B CD  1 
ATOM   713  O  OE1 . GLU A 1 88  ? -12.585 4.367   4.688   1.00 38.44 ? 89  GLU B OE1 1 
ATOM   714  O  OE2 . GLU A 1 88  ? -11.526 2.541   4.120   1.00 37.70 ? 89  GLU B OE2 1 
ATOM   715  N  N   . TRP A 1 89  ? -7.777  6.018   2.192   1.00 25.38 ? 90  TRP B N   1 
ATOM   716  C  CA  . TRP A 1 89  ? -7.452  6.256   0.788   1.00 24.77 ? 90  TRP B CA  1 
ATOM   717  C  C   . TRP A 1 89  ? -7.973  5.097   -0.055  1.00 25.62 ? 90  TRP B C   1 
ATOM   718  O  O   . TRP A 1 89  ? -8.008  3.958   0.418   1.00 22.67 ? 90  TRP B O   1 
ATOM   719  C  CB  . TRP A 1 89  ? -5.951  6.344   0.579   1.00 25.55 ? 90  TRP B CB  1 
ATOM   720  C  CG  . TRP A 1 89  ? -5.226  7.386   1.371   1.00 27.40 ? 90  TRP B CG  1 
ATOM   721  C  CD1 . TRP A 1 89  ? -5.669  8.627   1.702   1.00 28.59 ? 90  TRP B CD1 1 
ATOM   722  C  CD2 . TRP A 1 89  ? -3.884  7.292   1.864   1.00 27.15 ? 90  TRP B CD2 1 
ATOM   723  N  NE1 . TRP A 1 89  ? -4.694  9.309   2.395   1.00 28.48 ? 90  TRP B NE1 1 
ATOM   724  C  CE2 . TRP A 1 89  ? -3.586  8.513   2.506   1.00 28.41 ? 90  TRP B CE2 1 
ATOM   725  C  CE3 . TRP A 1 89  ? -2.903  6.289   1.828   1.00 27.34 ? 90  TRP B CE3 1 
ATOM   726  C  CZ2 . TRP A 1 89  ? -2.354  8.757   3.111   1.00 27.34 ? 90  TRP B CZ2 1 
ATOM   727  C  CZ3 . TRP A 1 89  ? -1.686  6.529   2.432   1.00 26.92 ? 90  TRP B CZ3 1 
ATOM   728  C  CH2 . TRP A 1 89  ? -1.422  7.753   3.071   1.00 27.70 ? 90  TRP B CH2 1 
ATOM   729  N  N   . PHE A 1 90  ? -8.365  5.403   -1.289  1.00 25.34 ? 91  PHE B N   1 
ATOM   730  C  CA  . PHE A 1 90  ? -8.899  4.409   -2.227  1.00 24.58 ? 91  PHE B CA  1 
ATOM   731  C  C   . PHE A 1 90  ? -8.138  4.544   -3.529  1.00 24.45 ? 91  PHE B C   1 
ATOM   732  O  O   . PHE A 1 90  ? -7.947  5.657   -4.023  1.00 22.83 ? 91  PHE B O   1 
ATOM   733  C  CB  . PHE A 1 90  ? -10.386 4.637   -2.465  1.00 25.34 ? 91  PHE B CB  1 
ATOM   734  C  CG  . PHE A 1 90  ? -11.214 4.561   -1.221  1.00 26.26 ? 91  PHE B CG  1 
ATOM   735  C  CD1 . PHE A 1 90  ? -11.381 5.676   -0.405  1.00 26.85 ? 91  PHE B CD1 1 
ATOM   736  C  CD2 . PHE A 1 90  ? -11.820 3.372   -0.851  1.00 26.63 ? 91  PHE B CD2 1 
ATOM   737  C  CE1 . PHE A 1 90  ? -12.135 5.597   0.754   1.00 26.72 ? 91  PHE B CE1 1 
ATOM   738  C  CE2 . PHE A 1 90  ? -12.589 3.293   0.294   1.00 27.26 ? 91  PHE B CE2 1 
ATOM   739  C  CZ  . PHE A 1 90  ? -12.745 4.408   1.101   1.00 27.03 ? 91  PHE B CZ  1 
ATOM   740  N  N   . PHE A 1 91  ? -7.659  3.420   -4.062  1.00 23.86 ? 92  PHE B N   1 
ATOM   741  C  CA  . PHE A 1 91  ? -6.934  3.416   -5.326  1.00 24.55 ? 92  PHE B CA  1 
ATOM   742  C  C   . PHE A 1 91  ? -7.430  2.257   -6.187  1.00 24.90 ? 92  PHE B C   1 
ATOM   743  O  O   . PHE A 1 91  ? -7.608  1.146   -5.681  1.00 23.61 ? 92  PHE B O   1 
ATOM   744  C  CB  . PHE A 1 91  ? -5.436  3.251   -5.107  1.00 26.01 ? 92  PHE B CB  1 
ATOM   745  C  CG  . PHE A 1 91  ? -4.828  4.288   -4.208  1.00 26.78 ? 92  PHE B CG  1 
ATOM   746  C  CD1 . PHE A 1 91  ? -4.397  5.505   -4.718  1.00 27.10 ? 92  PHE B CD1 1 
ATOM   747  C  CD2 . PHE A 1 91  ? -4.678  4.040   -2.850  1.00 27.09 ? 92  PHE B CD2 1 
ATOM   748  C  CE1 . PHE A 1 91  ? -3.838  6.459   -3.888  1.00 28.76 ? 92  PHE B CE1 1 
ATOM   749  C  CE2 . PHE A 1 91  ? -4.106  4.992   -2.020  1.00 27.70 ? 92  PHE B CE2 1 
ATOM   750  C  CZ  . PHE A 1 91  ? -3.689  6.201   -2.541  1.00 26.84 ? 92  PHE B CZ  1 
ATOM   751  N  N   . GLU A 1 92  ? -7.648  2.525   -7.474  1.00 26.74 ? 93  GLU B N   1 
ATOM   752  C  CA  . GLU A 1 92  ? -8.135  1.513   -8.416  1.00 28.10 ? 93  GLU B CA  1 
ATOM   753  C  C   . GLU A 1 92  ? -7.105  1.240   -9.485  1.00 26.06 ? 93  GLU B C   1 
ATOM   754  O  O   . GLU A 1 92  ? -6.573  2.167   -10.096 1.00 24.28 ? 93  GLU B O   1 
ATOM   755  C  CB  . GLU A 1 92  ? -9.439  1.958   -9.083  1.00 33.47 ? 93  GLU B CB  1 
ATOM   756  C  CG  . GLU A 1 92  ? -10.648 1.876   -8.171  1.00 38.94 ? 93  GLU B CG  1 
ATOM   757  C  CD  . GLU A 1 92  ? -11.981 1.700   -8.899  1.00 47.01 ? 93  GLU B CD  1 
ATOM   758  O  OE1 . GLU A 1 92  ? -12.006 1.207   -10.057 1.00 49.91 ? 93  GLU B OE1 1 
ATOM   759  O  OE2 . GLU A 1 92  ? -13.021 2.046   -8.289  1.00 52.16 ? 93  GLU B OE2 1 
ATOM   760  N  N   . PHE A 1 93  ? -6.795  -0.039  -9.697  1.00 24.77 ? 94  PHE B N   1 
ATOM   761  C  CA  . PHE A 1 93  ? -5.949  -0.428  -10.810 1.00 22.78 ? 94  PHE B CA  1 
ATOM   762  C  C   . PHE A 1 93  ? -6.791  -0.907  -11.997 1.00 23.07 ? 94  PHE B C   1 
ATOM   763  O  O   . PHE A 1 93  ? -6.459  -0.607  -13.142 1.00 22.95 ? 94  PHE B O   1 
ATOM   764  C  CB  . PHE A 1 93  ? -4.949  -1.531  -10.423 1.00 23.07 ? 94  PHE B CB  1 
ATOM   765  C  CG  . PHE A 1 93  ? -4.050  -1.939  -11.554 1.00 21.81 ? 94  PHE B CG  1 
ATOM   766  C  CD1 . PHE A 1 93  ? -2.866  -1.262  -11.797 1.00 22.04 ? 94  PHE B CD1 1 
ATOM   767  C  CD2 . PHE A 1 93  ? -4.408  -2.971  -12.408 1.00 22.22 ? 94  PHE B CD2 1 
ATOM   768  C  CE1 . PHE A 1 93  ? -2.044  -1.608  -12.853 1.00 22.66 ? 94  PHE B CE1 1 
ATOM   769  C  CE2 . PHE A 1 93  ? -3.587  -3.320  -13.465 1.00 22.56 ? 94  PHE B CE2 1 
ATOM   770  C  CZ  . PHE A 1 93  ? -2.406  -2.641  -13.692 1.00 22.16 ? 94  PHE B CZ  1 
ATOM   771  N  N   . GLY A 1 94  ? -7.848  -1.669  -11.723 1.00 21.96 ? 95  GLY B N   1 
ATOM   772  C  CA  . GLY A 1 94  ? -8.704  -2.217  -12.789 1.00 22.05 ? 95  GLY B CA  1 
ATOM   773  C  C   . GLY A 1 94  ? -8.297  -3.624  -13.206 1.00 22.66 ? 95  GLY B C   1 
ATOM   774  O  O   . GLY A 1 94  ? -7.889  -4.449  -12.371 1.00 19.60 ? 95  GLY B O   1 
ATOM   775  N  N   . PHE A 1 95  ? -8.393  -3.884  -14.506 1.00 22.80 ? 96  PHE B N   1 
ATOM   776  C  CA  . PHE A 1 95  ? -8.113  -5.208  -15.055 1.00 21.67 ? 96  PHE B CA  1 
ATOM   777  C  C   . PHE A 1 95  ? -6.647  -5.620  -14.972 1.00 20.43 ? 96  PHE B C   1 
ATOM   778  O  O   . PHE A 1 95  ? -5.724  -4.871  -15.342 1.00 20.06 ? 96  PHE B O   1 
ATOM   779  C  CB  . PHE A 1 95  ? -8.592  -5.287  -16.514 1.00 22.14 ? 96  PHE B CB  1 
ATOM   780  C  CG  . PHE A 1 95  ? -8.536  -6.666  -17.082 1.00 22.95 ? 96  PHE B CG  1 
ATOM   781  C  CD1 . PHE A 1 95  ? -9.502  -7.600  -16.740 1.00 24.69 ? 96  PHE B CD1 1 
ATOM   782  C  CD2 . PHE A 1 95  ? -7.511  -7.045  -17.923 1.00 24.39 ? 96  PHE B CD2 1 
ATOM   783  C  CE1 . PHE A 1 95  ? -9.458  -8.883  -17.253 1.00 24.14 ? 96  PHE B CE1 1 
ATOM   784  C  CE2 . PHE A 1 95  ? -7.466  -8.331  -18.439 1.00 24.18 ? 96  PHE B CE2 1 
ATOM   785  C  CZ  . PHE A 1 95  ? -8.439  -9.244  -18.091 1.00 23.34 ? 96  PHE B CZ  1 
ATOM   786  N  N   . VAL A 1 96  ? -6.438  -6.838  -14.490 1.00 19.88 ? 97  VAL B N   1 
ATOM   787  C  CA  . VAL A 1 96  ? -5.115  -7.409  -14.408 1.00 19.34 ? 97  VAL B CA  1 
ATOM   788  C  C   . VAL A 1 96  ? -5.084  -8.666  -15.258 1.00 19.54 ? 97  VAL B C   1 
ATOM   789  O  O   . VAL A 1 96  ? -5.862  -9.584  -15.012 1.00 20.02 ? 97  VAL B O   1 
ATOM   790  C  CB  . VAL A 1 96  ? -4.760  -7.805  -12.958 1.00 19.10 ? 97  VAL B CB  1 
ATOM   791  C  CG1 . VAL A 1 96  ? -3.375  -8.437  -12.913 1.00 18.06 ? 97  VAL B CG1 1 
ATOM   792  C  CG2 . VAL A 1 96  ? -4.852  -6.598  -12.028 1.00 19.80 ? 97  VAL B CG2 1 
ATOM   793  N  N   . ILE A 1 97  ? -4.173  -8.696  -16.226 1.00 20.18 ? 98  ILE B N   1 
ATOM   794  C  CA  . ILE A 1 97  ? -3.961  -9.863  -17.093 1.00 21.01 ? 98  ILE B CA  1 
ATOM   795  C  C   . ILE A 1 97  ? -3.336  -10.995 -16.273 1.00 19.74 ? 98  ILE B C   1 
ATOM   796  O  O   . ILE A 1 97  ? -2.411  -10.751 -15.500 1.00 19.49 ? 98  ILE B O   1 
ATOM   797  C  CB  . ILE A 1 97  ? -3.017  -9.505  -18.269 1.00 23.01 ? 98  ILE B CB  1 
ATOM   798  C  CG1 . ILE A 1 97  ? -3.734  -8.624  -19.300 1.00 25.16 ? 98  ILE B CG1 1 
ATOM   799  C  CG2 . ILE A 1 97  ? -2.484  -10.749 -18.979 1.00 23.78 ? 98  ILE B CG2 1 
ATOM   800  C  CD1 . ILE A 1 97  ? -2.770  -7.841  -20.175 1.00 27.14 ? 98  ILE B CD1 1 
ATOM   801  N  N   . PRO A 1 98  ? -3.825  -12.242 -16.444 1.00 18.90 ? 99  PRO B N   1 
ATOM   802  C  CA  . PRO A 1 98  ? -3.192  -13.358 -15.746 1.00 18.66 ? 99  PRO B CA  1 
ATOM   803  C  C   . PRO A 1 98  ? -1.737  -13.579 -16.179 1.00 18.88 ? 99  PRO B C   1 
ATOM   804  O  O   . PRO A 1 98  ? -1.421  -13.506 -17.370 1.00 18.22 ? 99  PRO B O   1 
ATOM   805  C  CB  . PRO A 1 98  ? -4.089  -14.577 -16.094 1.00 18.56 ? 99  PRO B CB  1 
ATOM   806  C  CG  . PRO A 1 98  ? -4.891  -14.175 -17.291 1.00 18.30 ? 99  PRO B CG  1 
ATOM   807  C  CD  . PRO A 1 98  ? -4.973  -12.664 -17.273 1.00 18.67 ? 99  PRO B CD  1 
ATOM   808  N  N   . ASN A 1 99  ? -0.871  -13.847 -15.197 1.00 19.53 ? 100 ASN B N   1 
ATOM   809  C  CA  . ASN A 1 99  ? 0.567   -13.992 -15.376 1.00 20.54 ? 100 ASN B CA  1 
ATOM   810  C  C   . ASN A 1 99  ? 1.222   -12.728 -15.924 1.00 21.58 ? 100 ASN B C   1 
ATOM   811  O  O   . ASN A 1 99  ? 2.159   -12.808 -16.709 1.00 22.60 ? 100 ASN B O   1 
ATOM   812  C  CB  . ASN A 1 99  ? 0.921   -15.191 -16.266 1.00 21.33 ? 100 ASN B CB  1 
ATOM   813  C  CG  . ASN A 1 99  ? 0.332   -16.493 -15.757 1.00 22.40 ? 100 ASN B CG  1 
ATOM   814  O  OD1 . ASN A 1 99  ? -0.526  -17.082 -16.394 1.00 25.31 ? 100 ASN B OD1 1 
ATOM   815  N  ND2 . ASN A 1 99  ? 0.771   -16.928 -14.592 1.00 22.10 ? 100 ASN B ND2 1 
ATOM   816  N  N   . SER A 1 100 ? 0.727   -11.571 -15.512 1.00 20.78 ? 101 SER B N   1 
ATOM   817  C  CA  . SER A 1 100 ? 1.371   -10.314 -15.852 1.00 20.82 ? 101 SER B CA  1 
ATOM   818  C  C   . SER A 1 100 ? 2.138   -9.731  -14.673 1.00 21.38 ? 101 SER B C   1 
ATOM   819  O  O   . SER A 1 100 ? 1.908   -10.080 -13.502 1.00 19.94 ? 101 SER B O   1 
ATOM   820  C  CB  . SER A 1 100 ? 0.352   -9.296  -16.336 1.00 20.91 ? 101 SER B CB  1 
ATOM   821  O  OG  . SER A 1 100 ? -0.545  -8.945  -15.306 1.00 20.85 ? 101 SER B OG  1 
ATOM   822  N  N   . THR A 1 101 ? 3.043   -8.829  -15.022 1.00 21.22 ? 102 THR B N   1 
ATOM   823  C  CA  . THR A 1 101 ? 3.775   -7.995  -14.076 1.00 22.53 ? 102 THR B CA  1 
ATOM   824  C  C   . THR A 1 101 ? 3.460   -6.568  -14.511 1.00 22.40 ? 102 THR B C   1 
ATOM   825  O  O   . THR A 1 101 ? 3.458   -6.274  -15.709 1.00 23.68 ? 102 THR B O   1 
ATOM   826  C  CB  . THR A 1 101 ? 5.280   -8.309  -14.115 1.00 22.69 ? 102 THR B CB  1 
ATOM   827  O  OG1 . THR A 1 101 ? 5.487   -9.643  -13.638 1.00 22.49 ? 102 THR B OG1 1 
ATOM   828  C  CG2 . THR A 1 101 ? 6.088   -7.334  -13.267 1.00 22.82 ? 102 THR B CG2 1 
ATOM   829  N  N   . ASN A 1 102 ? 3.146   -5.709  -13.546 1.00 21.92 ? 103 ASN B N   1 
ATOM   830  C  CA  . ASN A 1 102 ? 2.541   -4.406  -13.786 1.00 21.72 ? 103 ASN B CA  1 
ATOM   831  C  C   . ASN A 1 102 ? 3.117   -3.352  -12.861 1.00 23.17 ? 103 ASN B C   1 
ATOM   832  O  O   . ASN A 1 102 ? 3.320   -3.628  -11.680 1.00 22.36 ? 103 ASN B O   1 
ATOM   833  C  CB  . ASN A 1 102 ? 1.051   -4.456  -13.484 1.00 22.40 ? 103 ASN B CB  1 
ATOM   834  C  CG  . ASN A 1 102 ? 0.318   -5.516  -14.279 1.00 23.15 ? 103 ASN B CG  1 
ATOM   835  O  OD1 . ASN A 1 102 ? -0.213  -5.226  -15.338 1.00 24.05 ? 103 ASN B OD1 1 
ATOM   836  N  ND2 . ASN A 1 102 ? 0.289   -6.749  -13.769 1.00 23.85 ? 103 ASN B ND2 1 
ATOM   837  N  N   . THR A 1 103 ? 3.342   -2.142  -13.377 1.00 23.98 ? 104 THR B N   1 
ATOM   838  C  CA  . THR A 1 103 ? 3.687   -0.996  -12.524 1.00 24.92 ? 104 THR B CA  1 
ATOM   839  C  C   . THR A 1 103 ? 2.498   -0.071  -12.373 1.00 25.25 ? 104 THR B C   1 
ATOM   840  O  O   . THR A 1 103 ? 1.862   0.297   -13.354 1.00 27.31 ? 104 THR B O   1 
ATOM   841  C  CB  . THR A 1 103 ? 4.881   -0.225  -13.080 1.00 25.00 ? 104 THR B CB  1 
ATOM   842  O  OG1 . THR A 1 103 ? 5.996   -1.105  -13.128 1.00 25.50 ? 104 THR B OG1 1 
ATOM   843  C  CG2 . THR A 1 103 ? 5.225   0.970   -12.194 1.00 26.14 ? 104 THR B CG2 1 
ATOM   844  N  N   . TRP A 1 104 ? 2.202   0.305   -11.133 1.00 24.47 ? 105 TRP B N   1 
ATOM   845  C  CA  . TRP A 1 104 ? 1.016   1.081   -10.807 1.00 25.18 ? 105 TRP B CA  1 
ATOM   846  C  C   . TRP A 1 104 ? 1.426   2.368   -10.090 1.00 27.14 ? 105 TRP B C   1 
ATOM   847  O  O   . TRP A 1 104 ? 2.006   2.319   -9.012  1.00 25.84 ? 105 TRP B O   1 
ATOM   848  C  CB  . TRP A 1 104 ? 0.107   0.253   -9.926  1.00 23.87 ? 105 TRP B CB  1 
ATOM   849  C  CG  . TRP A 1 104 ? -1.196  0.902   -9.512  1.00 23.71 ? 105 TRP B CG  1 
ATOM   850  C  CD1 . TRP A 1 104 ? -1.746  2.069   -9.982  1.00 23.92 ? 105 TRP B CD1 1 
ATOM   851  C  CD2 . TRP A 1 104 ? -2.130  0.373   -8.572  1.00 23.57 ? 105 TRP B CD2 1 
ATOM   852  N  NE1 . TRP A 1 104 ? -2.955  2.296   -9.369  1.00 23.89 ? 105 TRP B NE1 1 
ATOM   853  C  CE2 . TRP A 1 104 ? -3.213  1.274   -8.499  1.00 22.98 ? 105 TRP B CE2 1 
ATOM   854  C  CE3 . TRP A 1 104 ? -2.160  -0.780  -7.778  1.00 22.85 ? 105 TRP B CE3 1 
ATOM   855  C  CZ2 . TRP A 1 104 ? -4.300  1.061   -7.662  1.00 23.03 ? 105 TRP B CZ2 1 
ATOM   856  C  CZ3 . TRP A 1 104 ? -3.234  -0.987  -6.954  1.00 23.43 ? 105 TRP B CZ3 1 
ATOM   857  C  CH2 . TRP A 1 104 ? -4.301  -0.070  -6.906  1.00 22.80 ? 105 TRP B CH2 1 
ATOM   858  N  N   . GLN A 1 105 ? 1.113   3.503   -10.711 1.00 28.89 ? 106 GLN B N   1 
ATOM   859  C  CA  . GLN A 1 105 ? 1.475   4.810   -10.192 1.00 32.01 ? 106 GLN B CA  1 
ATOM   860  C  C   . GLN A 1 105 ? 0.243   5.442   -9.578  1.00 31.28 ? 106 GLN B C   1 
ATOM   861  O  O   . GLN A 1 105 ? -0.832  5.449   -10.189 1.00 30.41 ? 106 GLN B O   1 
ATOM   862  C  CB  . GLN A 1 105 ? 2.028   5.683   -11.313 1.00 36.67 ? 106 GLN B CB  1 
ATOM   863  C  CG  . GLN A 1 105 ? 2.629   7.004   -10.857 1.00 41.91 ? 106 GLN B CG  1 
ATOM   864  C  CD  . GLN A 1 105 ? 3.547   7.615   -11.910 1.00 46.74 ? 106 GLN B CD  1 
ATOM   865  O  OE1 . GLN A 1 105 ? 4.569   7.026   -12.276 1.00 53.76 ? 106 GLN B OE1 1 
ATOM   866  N  NE2 . GLN A 1 105 ? 3.190   8.797   -12.400 1.00 49.60 ? 106 GLN B NE2 1 
ATOM   867  N  N   . SER A 1 106 ? 0.389   5.940   -8.352  1.00 29.38 ? 107 SER B N   1 
ATOM   868  C  CA  . SER A 1 106 ? -0.722  6.551   -7.638  1.00 29.62 ? 107 SER B CA  1 
ATOM   869  C  C   . SER A 1 106 ? -0.267  7.845   -6.980  1.00 30.22 ? 107 SER B C   1 
ATOM   870  O  O   . SER A 1 106 ? 0.901   8.001   -6.651  1.00 28.36 ? 107 SER B O   1 
ATOM   871  C  CB  . SER A 1 106 ? -1.277  5.594   -6.585  1.00 29.81 ? 107 SER B CB  1 
ATOM   872  O  OG  . SER A 1 106 ? -1.918  4.490   -7.189  1.00 30.56 ? 107 SER B OG  1 
ATOM   873  N  N   . LEU A 1 107 ? -1.201  8.772   -6.812  1.00 32.10 ? 108 LEU B N   1 
ATOM   874  C  CA  . LEU A 1 107 ? -0.920  10.033  -6.147  1.00 33.75 ? 108 LEU B CA  1 
ATOM   875  C  C   . LEU A 1 107 ? -1.619  10.061  -4.786  1.00 34.03 ? 108 LEU B C   1 
ATOM   876  O  O   . LEU A 1 107 ? -2.824  9.833   -4.687  1.00 32.17 ? 108 LEU B O   1 
ATOM   877  C  CB  . LEU A 1 107 ? -1.396  11.196  -7.021  1.00 36.40 ? 108 LEU B CB  1 
ATOM   878  C  CG  . LEU A 1 107 ? -0.951  12.605  -6.616  1.00 39.26 ? 108 LEU B CG  1 
ATOM   879  C  CD1 . LEU A 1 107 ? 0.560   12.759  -6.735  1.00 38.66 ? 108 LEU B CD1 1 
ATOM   880  C  CD2 . LEU A 1 107 ? -1.678  13.625  -7.484  1.00 40.12 ? 108 LEU B CD2 1 
ATOM   881  N  N   . ILE A 1 108 ? -0.844  10.339  -3.742  1.00 33.82 ? 109 ILE B N   1 
ATOM   882  C  CA  . ILE A 1 108 ? -1.360  10.477  -2.392  1.00 35.94 ? 109 ILE B CA  1 
ATOM   883  C  C   . ILE A 1 108 ? -1.281  11.969  -2.037  1.00 38.89 ? 109 ILE B C   1 
ATOM   884  O  O   . ILE A 1 108 ? -0.187  12.536  -1.973  1.00 34.31 ? 109 ILE B O   1 
ATOM   885  C  CB  . ILE A 1 108 ? -0.539  9.634   -1.394  1.00 36.16 ? 109 ILE B CB  1 
ATOM   886  C  CG1 . ILE A 1 108 ? -0.402  8.188   -1.897  1.00 36.90 ? 109 ILE B CG1 1 
ATOM   887  C  CG2 . ILE A 1 108 ? -1.188  9.648   -0.019  1.00 37.07 ? 109 ILE B CG2 1 
ATOM   888  C  CD1 . ILE A 1 108 ? 0.671   7.388   -1.196  1.00 37.51 ? 109 ILE B CD1 1 
ATOM   889  N  N   . GLU A 1 109 ? -2.443  12.596  -1.847  1.00 43.96 ? 110 GLU B N   1 
ATOM   890  C  CA  . GLU A 1 109 ? -2.541  14.031  -1.544  1.00 47.01 ? 110 GLU B CA  1 
ATOM   891  C  C   . GLU A 1 109 ? -3.061  14.256  -0.130  1.00 48.52 ? 110 GLU B C   1 
ATOM   892  O  O   . GLU A 1 109 ? -3.494  13.316  0.543   1.00 51.65 ? 110 GLU B O   1 
ATOM   893  C  CB  . GLU A 1 109 ? -3.463  14.732  -2.549  1.00 50.73 ? 110 GLU B CB  1 
ATOM   894  C  CG  . GLU A 1 109 ? -2.917  14.757  -3.972  1.00 54.11 ? 110 GLU B CG  1 
ATOM   895  C  CD  . GLU A 1 109 ? -3.558  15.828  -4.838  1.00 58.57 ? 110 GLU B CD  1 
ATOM   896  O  OE1 . GLU A 1 109 ? -4.802  15.818  -4.984  1.00 60.88 ? 110 GLU B OE1 1 
ATOM   897  O  OE2 . GLU A 1 109 ? -2.813  16.680  -5.383  1.00 60.94 ? 110 GLU B OE2 1 
ATOM   898  N  N   . SER A 1 114 ? -6.462  18.829  7.187   1.00 42.64 ? 115 SER B N   1 
ATOM   899  C  CA  . SER A 1 114 ? -5.727  18.274  8.323   1.00 40.25 ? 115 SER B CA  1 
ATOM   900  C  C   . SER A 1 114 ? -4.344  18.913  8.457   1.00 38.57 ? 115 SER B C   1 
ATOM   901  O  O   . SER A 1 114 ? -3.750  19.336  7.465   1.00 39.77 ? 115 SER B O   1 
ATOM   902  C  CB  . SER A 1 114 ? -5.594  16.751  8.191   1.00 39.82 ? 115 SER B CB  1 
ATOM   903  N  N   . GLN A 1 115 ? -3.854  18.981  9.695   1.00 36.39 ? 116 GLN B N   1 
ATOM   904  C  CA  . GLN A 1 115 ? -2.510  19.466  10.007  1.00 34.86 ? 116 GLN B CA  1 
ATOM   905  C  C   . GLN A 1 115 ? -1.717  18.305  10.617  1.00 33.62 ? 116 GLN B C   1 
ATOM   906  O  O   . GLN A 1 115 ? -2.142  17.697  11.594  1.00 32.84 ? 116 GLN B O   1 
ATOM   907  C  CB  . GLN A 1 115 ? -2.574  20.644  10.988  1.00 34.87 ? 116 GLN B CB  1 
ATOM   908  N  N   . MET A 1 116 ? -0.566  18.004  10.033  1.00 32.45 ? 117 MET B N   1 
ATOM   909  C  CA  . MET A 1 116 ? 0.202   16.819  10.400  1.00 31.75 ? 117 MET B CA  1 
ATOM   910  C  C   . MET A 1 116 ? 0.803   16.965  11.800  1.00 27.91 ? 117 MET B C   1 
ATOM   911  O  O   . MET A 1 116 ? 1.322   18.018  12.139  1.00 27.75 ? 117 MET B O   1 
ATOM   912  C  CB  . MET A 1 116 ? 1.330   16.615  9.392   1.00 35.08 ? 117 MET B CB  1 
ATOM   913  C  CG  . MET A 1 116 ? 0.860   16.488  7.948   1.00 37.81 ? 117 MET B CG  1 
ATOM   914  S  SD  . MET A 1 116 ? -0.137  15.006  7.778   1.00 43.05 ? 117 MET B SD  1 
ATOM   915  C  CE  . MET A 1 116 ? 1.176   13.811  7.771   1.00 43.97 ? 117 MET B CE  1 
ATOM   916  N  N   . MET A 1 117 ? 0.748   15.908  12.606  1.00 23.51 ? 118 MET B N   1 
ATOM   917  C  CA  . MET A 1 117 ? 1.487   15.889  13.886  1.00 21.92 ? 118 MET B CA  1 
ATOM   918  C  C   . MET A 1 117 ? 2.983   15.864  13.582  1.00 19.62 ? 118 MET B C   1 
ATOM   919  O  O   . MET A 1 117 ? 3.364   15.522  12.469  1.00 19.87 ? 118 MET B O   1 
ATOM   920  C  CB  . MET A 1 117 ? 1.089   14.676  14.728  1.00 20.77 ? 118 MET B CB  1 
ATOM   921  C  CG  . MET A 1 117 ? -0.135  14.921  15.599  1.00 20.78 ? 118 MET B CG  1 
ATOM   922  S  SD  . MET A 1 117 ? -0.690  13.453  16.466  1.00 21.19 ? 118 MET B SD  1 
ATOM   923  C  CE  . MET A 1 117 ? -1.547  12.658  15.117  1.00 20.72 ? 118 MET B CE  1 
ATOM   924  N  N   . PRO A 1 118 ? 3.842   16.257  14.552  1.00 19.01 ? 119 PRO B N   1 
ATOM   925  C  CA  . PRO A 1 118 ? 5.278   16.136  14.328  1.00 17.48 ? 119 PRO B CA  1 
ATOM   926  C  C   . PRO A 1 118 ? 5.703   14.688  14.132  1.00 16.12 ? 119 PRO B C   1 
ATOM   927  O  O   . PRO A 1 118 ? 5.145   13.784  14.733  1.00 16.35 ? 119 PRO B O   1 
ATOM   928  C  CB  . PRO A 1 118 ? 5.901   16.677  15.624  1.00 18.19 ? 119 PRO B CB  1 
ATOM   929  C  CG  . PRO A 1 118 ? 4.848   17.530  16.232  1.00 18.95 ? 119 PRO B CG  1 
ATOM   930  C  CD  . PRO A 1 118 ? 3.545   16.893  15.851  1.00 19.11 ? 119 PRO B CD  1 
ATOM   931  N  N   . ALA A 1 119 ? 6.704   14.497  13.292  1.00 16.04 ? 120 ALA B N   1 
ATOM   932  C  CA  . ALA A 1 119 ? 7.347   13.193  13.099  1.00 15.19 ? 120 ALA B CA  1 
ATOM   933  C  C   . ALA A 1 119 ? 7.679   12.482  14.414  1.00 15.29 ? 120 ALA B C   1 
ATOM   934  O  O   . ALA A 1 119 ? 7.509   11.267  14.528  1.00 15.75 ? 120 ALA B O   1 
ATOM   935  C  CB  . ALA A 1 119 ? 8.613   13.389  12.297  1.00 15.42 ? 120 ALA B CB  1 
ATOM   936  N  N   . SER A 1 120 ? 8.140   13.243  15.411  1.00 15.37 ? 121 SER B N   1 
ATOM   937  C  CA  . SER A 1 120 ? 8.591   12.659  16.670  1.00 15.35 ? 121 SER B CA  1 
ATOM   938  C  C   . SER A 1 120 ? 7.439   12.032  17.420  1.00 15.01 ? 121 SER B C   1 
ATOM   939  O  O   . SER A 1 120 ? 7.626   11.069  18.143  1.00 15.33 ? 121 SER B O   1 
ATOM   940  C  CB  . SER A 1 120 ? 9.283   13.701  17.553  1.00 15.43 ? 121 SER B CB  1 
ATOM   941  O  OG  . SER A 1 120 ? 8.369   14.713  17.957  1.00 16.57 ? 121 SER B OG  1 
ATOM   942  N  N   . VAL A 1 121 ? 6.245   12.597  17.253  1.00 14.92 ? 122 VAL B N   1 
ATOM   943  C  CA  . VAL A 1 121 ? 5.045   12.062  17.877  1.00 15.20 ? 122 VAL B CA  1 
ATOM   944  C  C   . VAL A 1 121 ? 4.536   10.842  17.103  1.00 14.42 ? 122 VAL B C   1 
ATOM   945  O  O   . VAL A 1 121 ? 4.129   9.839   17.689  1.00 14.07 ? 122 VAL B O   1 
ATOM   946  C  CB  . VAL A 1 121 ? 3.958   13.149  17.936  1.00 15.65 ? 122 VAL B CB  1 
ATOM   947  C  CG1 . VAL A 1 121 ? 2.637   12.556  18.368  1.00 16.00 ? 122 VAL B CG1 1 
ATOM   948  C  CG2 . VAL A 1 121 ? 4.395   14.269  18.873  1.00 16.41 ? 122 VAL B CG2 1 
ATOM   949  N  N   . LEU A 1 122 ? 4.561   10.953  15.779  1.00 14.82 ? 123 LEU B N   1 
ATOM   950  C  CA  . LEU A 1 122 ? 4.024   9.936   14.901  1.00 14.89 ? 123 LEU B CA  1 
ATOM   951  C  C   . LEU A 1 122 ? 4.857   8.673   14.885  1.00 14.80 ? 123 LEU B C   1 
ATOM   952  O  O   . LEU A 1 122 ? 4.300   7.588   14.727  1.00 14.87 ? 123 LEU B O   1 
ATOM   953  C  CB  . LEU A 1 122 ? 3.941   10.462  13.472  1.00 15.91 ? 123 LEU B CB  1 
ATOM   954  C  CG  . LEU A 1 122 ? 2.930   11.587  13.250  1.00 16.71 ? 123 LEU B CG  1 
ATOM   955  C  CD1 . LEU A 1 122 ? 3.088   12.159  11.855  1.00 17.74 ? 123 LEU B CD1 1 
ATOM   956  C  CD2 . LEU A 1 122 ? 1.514   11.088  13.491  1.00 16.59 ? 123 LEU B CD2 1 
ATOM   957  N  N   . THR A 1 123 ? 6.179   8.800   15.016  1.00 14.42 ? 124 THR B N   1 
ATOM   958  C  CA  . THR A 1 123 ? 7.062   7.665   14.708  1.00 14.34 ? 124 THR B CA  1 
ATOM   959  C  C   . THR A 1 123 ? 6.790   6.436   15.584  1.00 14.81 ? 124 THR B C   1 
ATOM   960  O  O   . THR A 1 123 ? 6.737   6.521   16.816  1.00 14.91 ? 124 THR B O   1 
ATOM   961  C  CB  . THR A 1 123 ? 8.565   8.047   14.716  1.00 14.27 ? 124 THR B CB  1 
ATOM   962  O  OG1 . THR A 1 123 ? 9.318   6.967   14.148  1.00 15.22 ? 124 THR B OG1 1 
ATOM   963  C  CG2 . THR A 1 123 ? 9.087   8.339   16.128  1.00 14.46 ? 124 THR B CG2 1 
ATOM   964  N  N   . GLY A 1 124 ? 6.615   5.287   14.931  1.00 14.60 ? 125 GLY B N   1 
ATOM   965  C  CA  . GLY A 1 124 ? 6.314   4.041   15.612  1.00 14.70 ? 125 GLY B CA  1 
ATOM   966  C  C   . GLY A 1 124 ? 4.872   3.927   16.071  1.00 14.94 ? 125 GLY B C   1 
ATOM   967  O  O   . GLY A 1 124 ? 4.476   2.877   16.545  1.00 15.27 ? 125 GLY B O   1 
ATOM   968  N  N   . ASN A 1 125 ? 4.087   4.994   15.907  1.00 14.80 ? 126 ASN B N   1 
ATOM   969  C  CA  . ASN A 1 125 ? 2.667   5.002   16.295  1.00 15.87 ? 126 ASN B CA  1 
ATOM   970  C  C   . ASN A 1 125 ? 1.700   5.021   15.105  1.00 16.01 ? 126 ASN B C   1 
ATOM   971  O  O   . ASN A 1 125 ? 0.481   5.064   15.308  1.00 16.56 ? 126 ASN B O   1 
ATOM   972  C  CB  . ASN A 1 125 ? 2.380   6.216   17.171  1.00 15.63 ? 126 ASN B CB  1 
ATOM   973  C  CG  . ASN A 1 125 ? 3.075   6.134   18.501  1.00 15.98 ? 126 ASN B CG  1 
ATOM   974  O  OD1 . ASN A 1 125 ? 3.040   5.096   19.151  1.00 16.98 ? 126 ASN B OD1 1 
ATOM   975  N  ND2 . ASN A 1 125 ? 3.681   7.224   18.925  1.00 16.94 ? 126 ASN B ND2 1 
ATOM   976  N  N   . VAL A 1 126 ? 2.249   5.021   13.891  1.00 16.28 ? 127 VAL B N   1 
ATOM   977  C  CA  . VAL A 1 126 ? 1.446   5.006   12.670  1.00 16.41 ? 127 VAL B CA  1 
ATOM   978  C  C   . VAL A 1 126 ? 1.454   3.586   12.091  1.00 16.63 ? 127 VAL B C   1 
ATOM   979  O  O   . VAL A 1 126 ? 2.525   3.016   11.841  1.00 15.47 ? 127 VAL B O   1 
ATOM   980  C  CB  . VAL A 1 126 ? 1.962   6.016   11.625  1.00 16.11 ? 127 VAL B CB  1 
ATOM   981  C  CG1 . VAL A 1 126 ? 1.231   5.862   10.309  1.00 16.39 ? 127 VAL B CG1 1 
ATOM   982  C  CG2 . VAL A 1 126 ? 1.798   7.442   12.118  1.00 16.15 ? 127 VAL B CG2 1 
ATOM   983  N  N   . ILE A 1 127 ? 0.259   3.034   11.902  1.00 16.63 ? 128 ILE B N   1 
ATOM   984  C  CA  . ILE A 1 127 ? 0.060   1.776   11.167  1.00 17.31 ? 128 ILE B CA  1 
ATOM   985  C  C   . ILE A 1 127 ? -0.707  2.072   9.882   1.00 17.60 ? 128 ILE B C   1 
ATOM   986  O  O   . ILE A 1 127 ? -1.711  2.787   9.896   1.00 16.93 ? 128 ILE B O   1 
ATOM   987  C  CB  . ILE A 1 127 ? -0.688  0.742   12.026  1.00 18.91 ? 128 ILE B CB  1 
ATOM   988  C  CG1 . ILE A 1 127 ? 0.266   0.192   13.082  1.00 20.75 ? 128 ILE B CG1 1 
ATOM   989  C  CG2 . ILE A 1 127 ? -1.246  -0.411  11.183  1.00 18.56 ? 128 ILE B CG2 1 
ATOM   990  C  CD1 . ILE A 1 127 ? -0.419  -0.448  14.250  1.00 23.36 ? 128 ILE B CD1 1 
ATOM   991  N  N   . ILE A 1 128 ? -0.212  1.551   8.767   1.00 17.43 ? 129 ILE B N   1 
ATOM   992  C  CA  . ILE A 1 128 ? -0.962  1.601   7.515   1.00 18.04 ? 129 ILE B CA  1 
ATOM   993  C  C   . ILE A 1 128 ? -1.574  0.231   7.309   1.00 18.74 ? 129 ILE B C   1 
ATOM   994  O  O   . ILE A 1 128 ? -0.840  -0.764  7.228   1.00 17.65 ? 129 ILE B O   1 
ATOM   995  C  CB  . ILE A 1 128 ? -0.104  1.951   6.300   1.00 17.99 ? 129 ILE B CB  1 
ATOM   996  C  CG1 . ILE A 1 128 ? 0.788   3.159   6.579   1.00 19.18 ? 129 ILE B CG1 1 
ATOM   997  C  CG2 . ILE A 1 128 ? -1.010  2.192   5.085   1.00 18.11 ? 129 ILE B CG2 1 
ATOM   998  C  CD1 . ILE A 1 128 ? 0.031   4.431   6.908   1.00 19.03 ? 129 ILE B CD1 1 
ATOM   999  N  N   . GLU A 1 129 ? -2.907  0.175   7.286   1.00 17.44 ? 130 GLU B N   1 
ATOM   1000 C  CA  . GLU A 1 129 ? -3.628  -1.056  7.015   1.00 18.45 ? 130 GLU B CA  1 
ATOM   1001 C  C   . GLU A 1 129 ? -4.097  -1.015  5.570   1.00 18.66 ? 130 GLU B C   1 
ATOM   1002 O  O   . GLU A 1 129 ? -4.847  -0.123  5.193   1.00 17.97 ? 130 GLU B O   1 
ATOM   1003 C  CB  . GLU A 1 129 ? -4.826  -1.203  7.949   1.00 19.62 ? 130 GLU B CB  1 
ATOM   1004 C  CG  . GLU A 1 129 ? -5.691  -2.427  7.686   1.00 21.78 ? 130 GLU B CG  1 
ATOM   1005 C  CD  . GLU A 1 129 ? -7.079  -2.298  8.289   1.00 23.77 ? 130 GLU B CD  1 
ATOM   1006 O  OE1 . GLU A 1 129 ? -7.888  -1.462  7.816   1.00 26.32 ? 130 GLU B OE1 1 
ATOM   1007 O  OE2 . GLU A 1 129 ? -7.358  -3.027  9.248   1.00 27.93 ? 130 GLU B OE2 1 
ATOM   1008 N  N   . THR A 1 130 ? -3.651  -1.984  4.769   1.00 18.06 ? 131 THR B N   1 
ATOM   1009 C  CA  . THR A 1 130 ? -3.980  -2.050  3.347   1.00 18.73 ? 131 THR B CA  1 
ATOM   1010 C  C   . THR A 1 130 ? -4.825  -3.286  3.074   1.00 19.75 ? 131 THR B C   1 
ATOM   1011 O  O   . THR A 1 130 ? -4.442  -4.384  3.466   1.00 19.26 ? 131 THR B O   1 
ATOM   1012 C  CB  . THR A 1 130 ? -2.710  -2.147  2.486   1.00 18.61 ? 131 THR B CB  1 
ATOM   1013 O  OG1 . THR A 1 130 ? -1.890  -1.008  2.729   1.00 19.16 ? 131 THR B OG1 1 
ATOM   1014 C  CG2 . THR A 1 130 ? -3.051  -2.214  0.994   1.00 19.10 ? 131 THR B CG2 1 
ATOM   1015 N  N   . LYS A 1 131 ? -5.971  -3.093  2.420   1.00 19.82 ? 132 LYS B N   1 
ATOM   1016 C  CA  . LYS A 1 131 ? -6.830  -4.177  1.994   1.00 20.30 ? 132 LYS B CA  1 
ATOM   1017 C  C   . LYS A 1 131 ? -6.753  -4.259  0.481   1.00 19.97 ? 132 LYS B C   1 
ATOM   1018 O  O   . LYS A 1 131 ? -6.865  -3.253  -0.210  1.00 18.36 ? 132 LYS B O   1 
ATOM   1019 C  CB  . LYS A 1 131 ? -8.278  -3.937  2.417   1.00 21.57 ? 132 LYS B CB  1 
ATOM   1020 C  CG  . LYS A 1 131 ? -8.573  -4.120  3.893   1.00 23.71 ? 132 LYS B CG  1 
ATOM   1021 C  CD  . LYS A 1 131 ? -10.026 -3.724  4.161   1.00 26.63 ? 132 LYS B CD  1 
ATOM   1022 C  CE  . LYS A 1 131 ? -10.290 -3.328  5.599   1.00 29.38 ? 132 LYS B CE  1 
ATOM   1023 N  NZ  . LYS A 1 131 ? -10.314 -4.502  6.497   1.00 31.68 ? 132 LYS B NZ  1 
ATOM   1024 N  N   . PHE A 1 132 ? -6.582  -5.215  -0.259  1.00 20.20 ? 133 PHE B N   1 
ATOM   1025 C  CA  . PHE A 1 132 ? -6.394  -5.753  -1.591  1.00 21.44 ? 133 PHE B CA  1 
ATOM   1026 C  C   . PHE A 1 132 ? -7.688  -6.443  -1.950  1.00 19.54 ? 133 PHE B C   1 
ATOM   1027 O  O   . PHE A 1 132 ? -8.180  -7.267  -1.184  1.00 18.94 ? 133 PHE B O   1 
ATOM   1028 C  CB  . PHE A 1 132 ? -5.230  -6.763  -1.610  1.00 23.75 ? 133 PHE B CB  1 
ATOM   1029 C  CG  . PHE A 1 132 ? -3.888  -6.154  -1.285  1.00 28.63 ? 133 PHE B CG  1 
ATOM   1030 C  CD1 . PHE A 1 132 ? -3.142  -5.511  -2.266  1.00 31.24 ? 133 PHE B CD1 1 
ATOM   1031 C  CD2 . PHE A 1 132 ? -3.371  -6.213  0.009   1.00 31.13 ? 133 PHE B CD2 1 
ATOM   1032 C  CE1 . PHE A 1 132 ? -1.907  -4.953  -1.966  1.00 32.34 ? 133 PHE B CE1 1 
ATOM   1033 C  CE2 . PHE A 1 132 ? -2.136  -5.654  0.315   1.00 31.25 ? 133 PHE B CE2 1 
ATOM   1034 C  CZ  . PHE A 1 132 ? -1.405  -5.030  -0.676  1.00 32.30 ? 133 PHE B CZ  1 
ATOM   1035 N  N   . PHE A 1 133 ? -8.343  -5.829  -2.890  1.00 19.91 ? 134 PHE B N   1 
ATOM   1036 C  CA  . PHE A 1 133 ? -9.632  -6.288  -3.382  1.00 20.21 ? 134 PHE B CA  1 
ATOM   1037 C  C   . PHE A 1 133 ? -9.555  -6.623  -4.874  1.00 20.01 ? 134 PHE B C   1 
ATOM   1038 O  O   . PHE A 1 133 ? -8.823  -5.984  -5.622  1.00 18.53 ? 134 PHE B O   1 
ATOM   1039 C  CB  . PHE A 1 133 ? -10.689 -5.180  -3.235  1.00 20.87 ? 134 PHE B CB  1 
ATOM   1040 C  CG  . PHE A 1 133 ? -11.203 -4.984  -1.832  1.00 21.19 ? 134 PHE B CG  1 
ATOM   1041 C  CD1 . PHE A 1 133 ? -12.214 -5.785  -1.333  1.00 21.97 ? 134 PHE B CD1 1 
ATOM   1042 C  CD2 . PHE A 1 133 ? -10.700 -3.968  -1.027  1.00 21.82 ? 134 PHE B CD2 1 
ATOM   1043 C  CE1 . PHE A 1 133 ? -12.709 -5.602  -0.054  1.00 22.07 ? 134 PHE B CE1 1 
ATOM   1044 C  CE2 . PHE A 1 133 ? -11.189 -3.779  0.254   1.00 21.39 ? 134 PHE B CE2 1 
ATOM   1045 C  CZ  . PHE A 1 133 ? -12.188 -4.601  0.743   1.00 21.87 ? 134 PHE B CZ  1 
ATOM   1046 N  N   . ASP A 1 134 ? -10.314 -7.630  -5.296  1.00 20.45 ? 135 ASP B N   1 
ATOM   1047 C  CA  . ASP A 1 134 ? -10.755 -7.685  -6.688  1.00 21.47 ? 135 ASP B CA  1 
ATOM   1048 C  C   . ASP A 1 134 ? -12.238 -7.373  -6.651  1.00 22.30 ? 135 ASP B C   1 
ATOM   1049 O  O   . ASP A 1 134 ? -13.059 -8.209  -6.254  1.00 22.77 ? 135 ASP B O   1 
ATOM   1050 C  CB  . ASP A 1 134 ? -10.509 -9.039  -7.330  1.00 22.16 ? 135 ASP B CB  1 
ATOM   1051 C  CG  . ASP A 1 134 ? -11.045 -9.107  -8.762  1.00 23.12 ? 135 ASP B CG  1 
ATOM   1052 O  OD1 . ASP A 1 134 ? -11.402 -8.050  -9.327  1.00 22.65 ? 135 ASP B OD1 1 
ATOM   1053 O  OD2 . ASP A 1 134 ? -11.104 -10.224 -9.318  1.00 23.91 ? 135 ASP B OD2 1 
ATOM   1054 N  N   . ASP A 1 135 ? -12.568 -6.149  -7.033  1.00 24.94 ? 136 ASP B N   1 
ATOM   1055 C  CA  . ASP A 1 135 ? -13.924 -5.634  -6.915  1.00 27.63 ? 136 ASP B CA  1 
ATOM   1056 C  C   . ASP A 1 135 ? -14.375 -5.599  -5.453  1.00 27.42 ? 136 ASP B C   1 
ATOM   1057 O  O   . ASP A 1 135 ? -13.817 -4.834  -4.680  1.00 26.92 ? 136 ASP B O   1 
ATOM   1058 C  CB  . ASP A 1 135 ? -14.876 -6.416  -7.821  1.00 30.91 ? 136 ASP B CB  1 
ATOM   1059 C  CG  . ASP A 1 135 ? -16.095 -5.611  -8.174  1.00 35.63 ? 136 ASP B CG  1 
ATOM   1060 O  OD1 . ASP A 1 135 ? -15.987 -4.779  -9.102  1.00 40.81 ? 136 ASP B OD1 1 
ATOM   1061 O  OD2 . ASP A 1 135 ? -17.132 -5.790  -7.506  1.00 37.99 ? 136 ASP B OD2 1 
ATOM   1062 N  N   . ASP A 1 136 ? -15.345 -6.425  -5.058  1.00 29.38 ? 137 ASP B N   1 
ATOM   1063 C  CA  . ASP A 1 136 ? -15.776 -6.505  -3.661  1.00 30.29 ? 137 ASP B CA  1 
ATOM   1064 C  C   . ASP A 1 136 ? -15.204 -7.707  -2.922  1.00 27.68 ? 137 ASP B C   1 
ATOM   1065 O  O   . ASP A 1 136 ? -15.505 -7.901  -1.757  1.00 27.26 ? 137 ASP B O   1 
ATOM   1066 C  CB  . ASP A 1 136 ? -17.305 -6.505  -3.559  1.00 34.40 ? 137 ASP B CB  1 
ATOM   1067 C  CG  . ASP A 1 136 ? -17.890 -5.100  -3.573  1.00 37.97 ? 137 ASP B CG  1 
ATOM   1068 O  OD1 . ASP A 1 136 ? -17.558 -4.302  -2.664  1.00 43.34 ? 137 ASP B OD1 1 
ATOM   1069 O  OD2 . ASP A 1 136 ? -18.682 -4.793  -4.491  1.00 40.43 ? 137 ASP B OD2 1 
ATOM   1070 N  N   . LEU A 1 137 ? -14.373 -8.500  -3.593  1.00 26.98 ? 138 LEU B N   1 
ATOM   1071 C  CA  . LEU A 1 137 ? -13.751 -9.665  -2.986  1.00 26.21 ? 138 LEU B CA  1 
ATOM   1072 C  C   . LEU A 1 137 ? -12.453 -9.310  -2.248  1.00 23.79 ? 138 LEU B C   1 
ATOM   1073 O  O   . LEU A 1 137 ? -11.465 -8.938  -2.869  1.00 23.11 ? 138 LEU B O   1 
ATOM   1074 C  CB  . LEU A 1 137 ? -13.438 -10.706 -4.069  1.00 27.01 ? 138 LEU B CB  1 
ATOM   1075 C  CG  . LEU A 1 137 ? -12.807 -12.015 -3.607  1.00 27.45 ? 138 LEU B CG  1 
ATOM   1076 C  CD1 . LEU A 1 137 ? -13.666 -12.694 -2.554  1.00 27.81 ? 138 LEU B CD1 1 
ATOM   1077 C  CD2 . LEU A 1 137 ? -12.610 -12.931 -4.803  1.00 27.21 ? 138 LEU B CD2 1 
ATOM   1078 N  N   . LEU A 1 138 ? -12.449 -9.454  -0.929  1.00 24.29 ? 139 LEU B N   1 
ATOM   1079 C  CA  . LEU A 1 138 ? -11.243 -9.142  -0.129  1.00 23.70 ? 139 LEU B CA  1 
ATOM   1080 C  C   . LEU A 1 138 ? -10.183 -10.226 -0.290  1.00 21.88 ? 139 LEU B C   1 
ATOM   1081 O  O   . LEU A 1 138 ? -10.377 -11.360 0.137   1.00 23.15 ? 139 LEU B O   1 
ATOM   1082 C  CB  . LEU A 1 138 ? -11.590 -8.998  1.347   1.00 24.54 ? 139 LEU B CB  1 
ATOM   1083 C  CG  . LEU A 1 138 ? -10.422 -8.648  2.278   1.00 24.72 ? 139 LEU B CG  1 
ATOM   1084 C  CD1 . LEU A 1 138 ? -9.775  -7.331  1.866   1.00 23.87 ? 139 LEU B CD1 1 
ATOM   1085 C  CD2 . LEU A 1 138 ? -10.957 -8.565  3.702   1.00 25.25 ? 139 LEU B CD2 1 
ATOM   1086 N  N   . VAL A 1 139 ? -9.057  -9.864  -0.881  1.00 20.78 ? 140 VAL B N   1 
ATOM   1087 C  CA  . VAL A 1 139 ? -7.998  -10.830 -1.143  1.00 20.92 ? 140 VAL B CA  1 
ATOM   1088 C  C   . VAL A 1 139 ? -7.091  -10.935 0.079   1.00 21.92 ? 140 VAL B C   1 
ATOM   1089 O  O   . VAL A 1 139 ? -6.741  -12.033 0.505   1.00 22.82 ? 140 VAL B O   1 
ATOM   1090 C  CB  . VAL A 1 139 ? -7.231  -10.431 -2.398  1.00 20.33 ? 140 VAL B CB  1 
ATOM   1091 C  CG1 . VAL A 1 139 ? -5.962  -11.257 -2.568  1.00 19.93 ? 140 VAL B CG1 1 
ATOM   1092 C  CG2 . VAL A 1 139 ? -8.165  -10.561 -3.593  1.00 20.53 ? 140 VAL B CG2 1 
ATOM   1093 N  N   . SER A 1 140 ? -6.717  -9.795  0.649   1.00 21.80 ? 141 SER B N   1 
ATOM   1094 C  CA  . SER A 1 140 ? -5.832  -9.804  1.798   1.00 22.01 ? 141 SER B CA  1 
ATOM   1095 C  C   . SER A 1 140 ? -5.826  -8.489  2.540   1.00 21.56 ? 141 SER B C   1 
ATOM   1096 O  O   . SER A 1 140 ? -6.192  -7.461  1.989   1.00 19.82 ? 141 SER B O   1 
ATOM   1097 C  CB  . SER A 1 140 ? -4.407  -10.129 1.368   1.00 23.38 ? 141 SER B CB  1 
ATOM   1098 O  OG  . SER A 1 140 ? -3.829  -9.052  0.661   1.00 24.83 ? 141 SER B OG  1 
ATOM   1099 N  N   . THR A 1 141 ? -5.400  -8.560  3.802   1.00 21.47 ? 142 THR B N   1 
ATOM   1100 C  CA  . THR A 1 141 ? -5.195  -7.395  4.643   1.00 21.41 ? 142 THR B CA  1 
ATOM   1101 C  C   . THR A 1 141 ? -3.768  -7.474  5.174   1.00 20.86 ? 142 THR B C   1 
ATOM   1102 O  O   . THR A 1 141 ? -3.347  -8.528  5.659   1.00 20.21 ? 142 THR B O   1 
ATOM   1103 C  CB  . THR A 1 141 ? -6.188  -7.369  5.820   1.00 22.06 ? 142 THR B CB  1 
ATOM   1104 O  OG1 . THR A 1 141 ? -7.529  -7.444  5.320   1.00 23.74 ? 142 THR B OG1 1 
ATOM   1105 C  CG2 . THR A 1 141 ? -6.043  -6.089  6.643   1.00 22.23 ? 142 THR B CG2 1 
ATOM   1106 N  N   . SER A 1 142 ? -2.979  -6.409  5.034   1.00 19.13 ? 143 SER B N   1 
ATOM   1107 C  CA  . SER A 1 142 ? -1.609  -6.325  5.523   1.00 19.60 ? 143 SER B CA  1 
ATOM   1108 C  C   . SER A 1 142 ? -1.439  -5.079  6.396   1.00 19.06 ? 143 SER B C   1 
ATOM   1109 O  O   . SER A 1 142 ? -2.215  -4.119  6.282   1.00 17.23 ? 143 SER B O   1 
ATOM   1110 C  CB  . SER A 1 142 ? -0.636  -6.312  4.343   1.00 19.80 ? 143 SER B CB  1 
ATOM   1111 O  OG  . SER A 1 142 ? -0.803  -5.158  3.532   1.00 21.28 ? 143 SER B OG  1 
ATOM   1112 N  N   . ARG A 1 143 ? -0.481  -5.057  7.238   1.00 19.70 ? 144 ARG B N   1 
ATOM   1113 C  CA  . ARG A 1 143 ? -0.179  -3.919  8.118   1.00 20.15 ? 144 ARG B CA  1 
ATOM   1114 C  C   . ARG A 1 143 ? 1.299   -3.567  8.086   1.00 19.06 ? 144 ARG B C   1 
ATOM   1115 O  O   . ARG A 1 143 ? 2.147   -4.451  8.133   1.00 18.36 ? 144 ARG B O   1 
ATOM   1116 C  CB  . ARG A 1 143 ? -0.588  -4.231  9.548   1.00 22.24 ? 144 ARG B CB  1 
ATOM   1117 C  CG  . ARG A 1 143 ? -2.089  -4.124  9.746   1.00 25.39 ? 144 ARG B CG  1 
ATOM   1118 C  CD  . ARG A 1 143 ? -2.563  -4.767  11.032  1.00 28.80 ? 144 ARG B CD  1 
ATOM   1119 N  NE  . ARG A 1 143 ? -4.029  -4.814  11.020  1.00 34.22 ? 144 ARG B NE  1 
ATOM   1120 C  CZ  . ARG A 1 143 ? -4.777  -5.775  10.465  1.00 37.80 ? 144 ARG B CZ  1 
ATOM   1121 N  NH1 . ARG A 1 143 ? -4.234  -6.843  9.873   1.00 39.66 ? 144 ARG B NH1 1 
ATOM   1122 N  NH2 . ARG A 1 143 ? -6.098  -5.673  10.515  1.00 39.81 ? 144 ARG B NH2 1 
ATOM   1123 N  N   . VAL A 1 144 ? 1.590   -2.271  8.003   1.00 18.24 ? 145 VAL B N   1 
ATOM   1124 C  CA  . VAL A 1 144 ? 2.953   -1.758  8.039   1.00 17.63 ? 145 VAL B CA  1 
ATOM   1125 C  C   . VAL A 1 144 ? 3.057   -0.658  9.109   1.00 17.94 ? 145 VAL B C   1 
ATOM   1126 O  O   . VAL A 1 144 ? 2.251   0.285   9.110   1.00 16.46 ? 145 VAL B O   1 
ATOM   1127 C  CB  . VAL A 1 144 ? 3.374   -1.160  6.687   1.00 18.93 ? 145 VAL B CB  1 
ATOM   1128 C  CG1 . VAL A 1 144 ? 4.842   -0.744  6.749   1.00 19.61 ? 145 VAL B CG1 1 
ATOM   1129 C  CG2 . VAL A 1 144 ? 3.136   -2.156  5.545   1.00 19.17 ? 145 VAL B CG2 1 
ATOM   1130 N  N   . ARG A 1 145 ? 4.019   -0.796  10.021  1.00 16.99 ? 146 ARG B N   1 
ATOM   1131 C  CA  . ARG A 1 145 ? 4.261   0.206   11.057  1.00 16.95 ? 146 ARG B CA  1 
ATOM   1132 C  C   . ARG A 1 145 ? 5.307   1.170   10.530  1.00 15.93 ? 146 ARG B C   1 
ATOM   1133 O  O   . ARG A 1 145 ? 6.348   0.753   10.026  1.00 16.13 ? 146 ARG B O   1 
ATOM   1134 C  CB  . ARG A 1 145 ? 4.753   -0.441  12.366  1.00 17.36 ? 146 ARG B CB  1 
ATOM   1135 C  CG  . ARG A 1 145 ? 4.952   0.560   13.502  1.00 18.35 ? 146 ARG B CG  1 
ATOM   1136 C  CD  . ARG A 1 145 ? 5.272   -0.089  14.847  1.00 19.50 ? 146 ARG B CD  1 
ATOM   1137 N  NE  . ARG A 1 145 ? 4.228   -1.011  15.277  1.00 21.84 ? 146 ARG B NE  1 
ATOM   1138 C  CZ  . ARG A 1 145 ? 3.105   -0.681  15.928  1.00 24.10 ? 146 ARG B CZ  1 
ATOM   1139 N  NH1 . ARG A 1 145 ? 2.824   0.581   16.260  1.00 25.34 ? 146 ARG B NH1 1 
ATOM   1140 N  NH2 . ARG A 1 145 ? 2.240   -1.639  16.240  1.00 24.91 ? 146 ARG B NH2 1 
ATOM   1141 N  N   . LEU A 1 146 ? 5.051   2.457   10.658  1.00 15.58 ? 147 LEU B N   1 
ATOM   1142 C  CA  . LEU A 1 146 ? 5.963   3.455   10.100  1.00 16.03 ? 147 LEU B CA  1 
ATOM   1143 C  C   . LEU A 1 146 ? 6.778   4.174   11.169  1.00 16.59 ? 147 LEU B C   1 
ATOM   1144 O  O   . LEU A 1 146 ? 6.243   4.563   12.212  1.00 16.58 ? 147 LEU B O   1 
ATOM   1145 C  CB  . LEU A 1 146 ? 5.181   4.500   9.303   1.00 16.91 ? 147 LEU B CB  1 
ATOM   1146 C  CG  . LEU A 1 146 ? 4.334   3.996   8.134   1.00 17.20 ? 147 LEU B CG  1 
ATOM   1147 C  CD1 . LEU A 1 146 ? 3.766   5.192   7.385   1.00 18.12 ? 147 LEU B CD1 1 
ATOM   1148 C  CD2 . LEU A 1 146 ? 5.166   3.136   7.200   1.00 17.66 ? 147 LEU B CD2 1 
ATOM   1149 N  N   . PHE A 1 147 ? 8.065   4.357   10.868  1.00 17.09 ? 148 PHE B N   1 
ATOM   1150 C  CA  . PHE A 1 147 ? 8.992   5.155   11.658  1.00 17.63 ? 148 PHE B CA  1 
ATOM   1151 C  C   . PHE A 1 147 ? 9.432   6.292   10.766  1.00 17.87 ? 148 PHE B C   1 
ATOM   1152 O  O   . PHE A 1 147 ? 9.687   6.093   9.585   1.00 18.66 ? 148 PHE B O   1 
ATOM   1153 C  CB  . PHE A 1 147 ? 10.199  4.315   12.112  1.00 17.69 ? 148 PHE B CB  1 
ATOM   1154 C  CG  . PHE A 1 147 ? 9.800   3.077   12.864  1.00 18.15 ? 148 PHE B CG  1 
ATOM   1155 C  CD1 . PHE A 1 147 ? 9.466   3.150   14.207  1.00 17.35 ? 148 PHE B CD1 1 
ATOM   1156 C  CD2 . PHE A 1 147 ? 9.688   1.856   12.211  1.00 19.22 ? 148 PHE B CD2 1 
ATOM   1157 C  CE1 . PHE A 1 147 ? 9.058   2.032   14.893  1.00 18.39 ? 148 PHE B CE1 1 
ATOM   1158 C  CE2 . PHE A 1 147 ? 9.274   0.713   12.899  1.00 19.97 ? 148 PHE B CE2 1 
ATOM   1159 C  CZ  . PHE A 1 147 ? 8.962   0.807   14.239  1.00 19.53 ? 148 PHE B CZ  1 
ATOM   1160 N  N   . TYR A 1 148 ? 9.454   7.498   11.314  1.00 18.64 ? 149 TYR B N   1 
ATOM   1161 C  CA  . TYR A 1 148 ? 9.875   8.672   10.582  1.00 19.37 ? 149 TYR B CA  1 
ATOM   1162 C  C   . TYR A 1 148 ? 11.286  9.025   11.034  1.00 21.76 ? 149 TYR B C   1 
ATOM   1163 O  O   . TYR A 1 148 ? 11.513  9.263   12.213  1.00 21.40 ? 149 TYR B O   1 
ATOM   1164 C  CB  . TYR A 1 148 ? 8.882   9.827   10.814  1.00 19.40 ? 149 TYR B CB  1 
ATOM   1165 C  CG  . TYR A 1 148 ? 7.491   9.493   10.331  1.00 18.61 ? 149 TYR B CG  1 
ATOM   1166 C  CD1 . TYR A 1 148 ? 7.106   9.753   9.014   1.00 19.55 ? 149 TYR B CD1 1 
ATOM   1167 C  CD2 . TYR A 1 148 ? 6.574   8.861   11.164  1.00 19.09 ? 149 TYR B CD2 1 
ATOM   1168 C  CE1 . TYR A 1 148 ? 5.829   9.428   8.560   1.00 18.73 ? 149 TYR B CE1 1 
ATOM   1169 C  CE2 . TYR A 1 148 ? 5.303   8.530   10.712  1.00 18.15 ? 149 TYR B CE2 1 
ATOM   1170 C  CZ  . TYR A 1 148 ? 4.946   8.818   9.411   1.00 19.10 ? 149 TYR B CZ  1 
ATOM   1171 O  OH  . TYR A 1 148 ? 3.698   8.499   8.958   1.00 19.38 ? 149 TYR B OH  1 
ATOM   1172 N  N   . VAL A 1 149 ? 12.226  9.039   10.098  1.00 23.03 ? 150 VAL B N   1 
ATOM   1173 C  CA  . VAL A 1 149 ? 13.643  9.130   10.435  1.00 26.07 ? 150 VAL B CA  1 
ATOM   1174 C  C   . VAL A 1 149 ? 14.319  10.363  9.812   1.00 27.59 ? 150 VAL B C   1 
ATOM   1175 O  O   . VAL A 1 149 ? 13.858  10.906  8.803   1.00 27.36 ? 150 VAL B O   1 
ATOM   1176 C  CB  . VAL A 1 149 ? 14.381  7.838   10.035  1.00 27.24 ? 150 VAL B CB  1 
ATOM   1177 C  CG1 . VAL A 1 149 ? 13.721  6.642   10.703  1.00 27.34 ? 150 VAL B CG1 1 
ATOM   1178 C  CG2 . VAL A 1 149 ? 14.377  7.627   8.529   1.00 28.99 ? 150 VAL B CG2 1 
HETATM 1179 C  CAK . 9GD B 2 .   ? 1.402   13.013  4.629   1.00 44.88 ? 201 9GD B CAK 1 
HETATM 1180 C  CAL . 9GD B 2 .   ? 2.090   14.222  4.015   1.00 46.46 ? 201 9GD B CAL 1 
HETATM 1181 N  NAM . 9GD B 2 .   ? 1.181   14.740  2.968   1.00 47.20 ? 201 9GD B NAM 1 
HETATM 1182 C  CAN . 9GD B 2 .   ? 0.973   13.747  1.891   1.00 46.51 ? 201 9GD B CAN 1 
HETATM 1183 C  CAO . 9GD B 2 .   ? 0.322   12.480  2.442   1.00 45.28 ? 201 9GD B CAO 1 
HETATM 1184 C  CAJ . 9GD B 2 .   ? 1.160   11.917  3.588   1.00 43.77 ? 201 9GD B CAJ 1 
HETATM 1185 C  CAI . 9GD B 2 .   ? 0.404   10.734  4.205   1.00 41.13 ? 201 9GD B CAI 1 
HETATM 1186 N  NAH . 9GD B 2 .   ? 1.092   10.290  5.461   1.00 37.18 ? 201 9GD B NAH 1 
HETATM 1187 C  CAA . 9GD B 2 .   ? 0.192   9.557   6.356   1.00 38.30 ? 201 9GD B CAA 1 
HETATM 1188 C  CAB . 9GD B 2 .   ? -0.197  10.440  7.397   1.00 39.61 ? 201 9GD B CAB 1 
HETATM 1189 C  CAC . 9GD B 2 .   ? -1.413  11.137  7.348   1.00 39.43 ? 201 9GD B CAC 1 
HETATM 1190 C  CAD . 9GD B 2 .   ? -1.784  11.999  8.388   1.00 41.66 ? 201 9GD B CAD 1 
HETATM 1191 N  NBP . 9GD B 2 .   ? -2.946  12.664  8.340   1.00 43.34 ? 201 9GD B NBP 1 
HETATM 1192 C  CAE . 9GD B 2 .   ? -0.967  12.213  9.513   1.00 39.36 ? 201 9GD B CAE 1 
HETATM 1193 C  CBQ . 9GD B 2 .   ? -1.346  13.094  10.558  1.00 40.77 ? 201 9GD B CBQ 1 
HETATM 1194 O  OBS . 9GD B 2 .   ? -0.514  13.541  11.398  1.00 36.88 ? 201 9GD B OBS 1 
HETATM 1195 O  OBR . 9GD B 2 .   ? -2.545  13.465  10.661  1.00 40.55 ? 201 9GD B OBR 1 
HETATM 1196 C  CAF . 9GD B 2 .   ? 0.237   11.502  9.549   1.00 40.07 ? 201 9GD B CAF 1 
HETATM 1197 C  CAG . 9GD B 2 .   ? 0.625   10.634  8.513   1.00 39.28 ? 201 9GD B CAG 1 
HETATM 1198 S  SAP . 9GD B 2 .   ? 2.665   9.436   5.175   1.00 31.25 ? 201 9GD B SAP 1 
HETATM 1199 O  OAQ . 9GD B 2 .   ? 3.254   8.982   6.500   1.00 34.63 ? 201 9GD B OAQ 1 
HETATM 1200 O  OAR . 9GD B 2 .   ? 3.646   10.339  4.470   1.00 33.25 ? 201 9GD B OAR 1 
HETATM 1201 C  CAS . 9GD B 2 .   ? 2.482   7.972   4.135   1.00 30.29 ? 201 9GD B CAS 1 
HETATM 1202 C  CAX . 9GD B 2 .   ? 1.849   6.859   4.652   1.00 28.47 ? 201 9GD B CAX 1 
HETATM 1203 C  CAW . 9GD B 2 .   ? 1.710   5.725   3.866   1.00 28.18 ? 201 9GD B CAW 1 
HETATM 1204 C  CAT . 9GD B 2 .   ? 2.996   7.956   2.840   1.00 29.34 ? 201 9GD B CAT 1 
HETATM 1205 C  CAU . 9GD B 2 .   ? 2.857   6.818   2.049   1.00 29.09 ? 201 9GD B CAU 1 
HETATM 1206 C  CAV . 9GD B 2 .   ? 2.223   5.702   2.578   1.00 28.71 ? 201 9GD B CAV 1 
HETATM 1207 S  SAY . 9GD B 2 .   ? 2.022   4.252   1.628   1.00 28.83 ? 201 9GD B SAY 1 
HETATM 1208 O  OAZ . 9GD B 2 .   ? 2.259   4.618   0.182   1.00 28.18 ? 201 9GD B OAZ 1 
HETATM 1209 O  OBA . 9GD B 2 .   ? 0.592   3.819   1.845   1.00 27.25 ? 201 9GD B OBA 1 
HETATM 1210 N  NBB . 9GD B 2 .   ? 3.147   2.825   2.085   1.00 31.04 ? 201 9GD B NBB 1 
HETATM 1211 C  CBE . 9GD B 2 .   ? 4.388   2.929   2.855   1.00 34.02 ? 201 9GD B CBE 1 
HETATM 1212 C  CBF . 9GD B 2 .   ? 4.884   4.277   3.079   1.00 34.15 ? 201 9GD B CBF 1 
HETATM 1213 C  CBG . 9GD B 2 .   ? 6.312   3.898   3.492   1.00 33.96 ? 201 9GD B CBG 1 
HETATM 1214 C  CBH . 9GD B 2 .   ? 6.616   2.504   2.957   1.00 33.72 ? 201 9GD B CBH 1 
HETATM 1215 C  CBI . 9GD B 2 .   ? 5.473   2.290   2.032   1.00 34.83 ? 201 9GD B CBI 1 
HETATM 1216 C  CBC . 9GD B 2 .   ? 2.419   1.739   2.777   1.00 31.39 ? 201 9GD B CBC 1 
HETATM 1217 C  CBD . 9GD B 2 .   ? 2.025   0.743   1.894   1.00 30.93 ? 201 9GD B CBD 1 
HETATM 1218 C  CBJ . 9GD B 2 .   ? 1.630   -0.464  2.440   1.00 30.39 ? 201 9GD B CBJ 1 
HETATM 1219 C  CBK . 9GD B 2 .   ? 1.212   -1.491  1.610   1.00 30.63 ? 201 9GD B CBK 1 
HETATM 1220 C  CBL . 9GD B 2 .   ? 1.186   -1.290  0.240   1.00 32.04 ? 201 9GD B CBL 1 
HETATM 1221 CL CL  . 9GD B 2 .   ? 0.672   -2.515  -0.756  1.00 38.36 ? 201 9GD B CL  1 
HETATM 1222 C  CBM . 9GD B 2 .   ? 1.573   -0.086  -0.324  1.00 30.74 ? 201 9GD B CBM 1 
HETATM 1223 C  CBN . 9GD B 2 .   ? 1.997   0.939   0.506   1.00 31.85 ? 201 9GD B CBN 1 
HETATM 1224 O  O   . HOH C 3 .   ? -18.023 -3.949  -9.940  1.00 36.57 ? 301 HOH B O   1 
HETATM 1225 O  O   . HOH C 3 .   ? 4.888   -12.094 -1.417  1.00 27.04 ? 302 HOH B O   1 
HETATM 1226 O  O   . HOH C 3 .   ? 7.321   -2.636  14.792  1.00 41.49 ? 303 HOH B O   1 
HETATM 1227 O  O   . HOH C 3 .   ? 3.024   -16.061 -13.909 1.00 36.23 ? 304 HOH B O   1 
HETATM 1228 O  O   . HOH C 3 .   ? -6.945  -14.541 0.463   1.00 27.96 ? 305 HOH B O   1 
HETATM 1229 O  O   . HOH C 3 .   ? 0.818   -7.760  7.192   1.00 17.40 ? 306 HOH B O   1 
HETATM 1230 O  O   . HOH C 3 .   ? -4.432  -19.626 -12.681 1.00 23.41 ? 307 HOH B O   1 
HETATM 1231 O  O   . HOH C 3 .   ? -1.848  2.270   -5.860  1.00 30.61 ? 308 HOH B O   1 
HETATM 1232 O  O   . HOH C 3 .   ? 9.475   -10.120 -6.116  1.00 33.61 ? 309 HOH B O   1 
HETATM 1233 O  O   . HOH C 3 .   ? -2.672  -9.319  8.059   1.00 26.94 ? 310 HOH B O   1 
HETATM 1234 O  O   . HOH C 3 .   ? -11.161 -12.815 -9.784  1.00 32.42 ? 311 HOH B O   1 
HETATM 1235 O  O   . HOH C 3 .   ? 11.922  13.975  14.681  1.00 34.96 ? 312 HOH B O   1 
HETATM 1236 O  O   . HOH C 3 .   ? -2.663  15.159  12.693  1.00 28.33 ? 313 HOH B O   1 
HETATM 1237 O  O   . HOH C 3 .   ? 9.272   -8.553  -3.001  1.00 30.22 ? 314 HOH B O   1 
HETATM 1238 O  O   . HOH C 3 .   ? 11.385  -8.237  -5.040  1.00 37.78 ? 315 HOH B O   1 
HETATM 1239 O  O   . HOH C 3 .   ? -0.209  -1.670  4.688   1.00 18.92 ? 316 HOH B O   1 
HETATM 1240 O  O   . HOH C 3 .   ? 8.676   16.568  8.925   1.00 35.55 ? 317 HOH B O   1 
HETATM 1241 O  O   . HOH C 3 .   ? -1.341  -9.382  -0.312  1.00 40.16 ? 318 HOH B O   1 
HETATM 1242 O  O   . HOH C 3 .   ? 1.124   -11.033 -0.681  1.00 32.87 ? 319 HOH B O   1 
HETATM 1243 O  O   . HOH C 3 .   ? 1.089   -14.468 -1.673  1.00 24.50 ? 320 HOH B O   1 
HETATM 1244 O  O   . HOH C 3 .   ? -2.969  -17.962 -14.752 1.00 24.97 ? 321 HOH B O   1 
HETATM 1245 O  O   . HOH C 3 .   ? 7.237   -11.744 -9.159  1.00 29.10 ? 322 HOH B O   1 
HETATM 1246 O  O   . HOH C 3 .   ? -2.652  -13.763 -8.458  1.00 17.25 ? 323 HOH B O   1 
HETATM 1247 O  O   . HOH C 3 .   ? 1.330   2.985   19.261  1.00 29.49 ? 324 HOH B O   1 
HETATM 1248 O  O   . HOH C 3 .   ? 7.433   13.619  20.269  1.00 19.40 ? 325 HOH B O   1 
HETATM 1249 O  O   . HOH C 3 .   ? -7.931  -0.749  5.187   1.00 24.93 ? 326 HOH B O   1 
HETATM 1250 O  O   . HOH C 3 .   ? 10.625  -4.193  -12.609 1.00 33.74 ? 327 HOH B O   1 
HETATM 1251 O  O   . HOH C 3 .   ? 4.088   -9.570  13.330  1.00 39.70 ? 328 HOH B O   1 
HETATM 1252 O  O   . HOH C 3 .   ? -7.930  -10.093 4.730   1.00 31.94 ? 329 HOH B O   1 
HETATM 1253 O  O   . HOH C 3 .   ? 10.148  10.437  19.021  1.00 16.47 ? 330 HOH B O   1 
HETATM 1254 O  O   . HOH C 3 .   ? 15.423  10.888  1.858   1.00 44.68 ? 331 HOH B O   1 
HETATM 1255 O  O   . HOH C 3 .   ? -2.366  -6.427  -16.575 1.00 28.36 ? 332 HOH B O   1 
HETATM 1256 O  O   . HOH C 3 .   ? 8.092   0.105   -14.464 1.00 41.97 ? 333 HOH B O   1 
HETATM 1257 O  O   . HOH C 3 .   ? -10.522 0.878   -3.542  1.00 25.69 ? 334 HOH B O   1 
HETATM 1258 O  O   . HOH C 3 .   ? -10.638 -1.576  8.359   1.00 43.10 ? 335 HOH B O   1 
HETATM 1259 O  O   . HOH C 3 .   ? 3.108   -13.697 -9.304  1.00 32.96 ? 336 HOH B O   1 
HETATM 1260 O  O   . HOH C 3 .   ? 0.493   -12.674 -19.265 1.00 41.64 ? 337 HOH B O   1 
HETATM 1261 O  O   . HOH C 3 .   ? -7.053  -16.309 -13.076 1.00 22.20 ? 338 HOH B O   1 
HETATM 1262 O  O   . HOH C 3 .   ? -10.750 4.788   14.186  1.00 27.13 ? 339 HOH B O   1 
HETATM 1263 O  O   . HOH C 3 .   ? 4.800   17.176  10.619  1.00 28.83 ? 340 HOH B O   1 
HETATM 1264 O  O   . HOH C 3 .   ? 9.518   -5.347  7.871   1.00 27.45 ? 341 HOH B O   1 
HETATM 1265 O  O   . HOH C 3 .   ? 2.336   -19.323 -5.650  1.00 20.36 ? 342 HOH B O   1 
HETATM 1266 O  O   . HOH C 3 .   ? 12.378  1.969   -6.947  1.00 38.88 ? 343 HOH B O   1 
HETATM 1267 O  O   . HOH C 3 .   ? -2.811  -19.204 -7.603  1.00 34.24 ? 344 HOH B O   1 
HETATM 1268 O  O   . HOH C 3 .   ? -5.530  7.612   18.819  1.00 24.32 ? 345 HOH B O   1 
HETATM 1269 O  O   . HOH C 3 .   ? 4.794   -11.994 -15.186 1.00 37.75 ? 346 HOH B O   1 
HETATM 1270 O  O   . HOH C 3 .   ? -10.717 -0.241  4.552   1.00 29.75 ? 347 HOH B O   1 
HETATM 1271 O  O   . HOH C 3 .   ? -2.428  18.160  -0.770  1.00 46.07 ? 348 HOH B O   1 
HETATM 1272 O  O   . HOH C 3 .   ? -2.058  2.678   15.123  1.00 23.54 ? 349 HOH B O   1 
HETATM 1273 O  O   . HOH C 3 .   ? 10.268  16.859  18.466  1.00 46.14 ? 350 HOH B O   1 
HETATM 1274 O  O   . HOH C 3 .   ? -7.164  -20.557 -10.693 1.00 28.39 ? 351 HOH B O   1 
HETATM 1275 O  O   . HOH C 3 .   ? -5.806  -2.009  -15.878 1.00 36.05 ? 352 HOH B O   1 
HETATM 1276 O  O   . HOH C 3 .   ? 3.675   -9.020  -17.860 1.00 28.68 ? 353 HOH B O   1 
HETATM 1277 O  O   . HOH C 3 .   ? -12.680 -12.888 1.066   1.00 44.20 ? 354 HOH B O   1 
HETATM 1278 O  O   . HOH C 3 .   ? 0.762   2.953   -6.300  1.00 26.99 ? 355 HOH B O   1 
HETATM 1279 O  O   . HOH C 3 .   ? -7.263  5.293   -8.324  1.00 23.72 ? 356 HOH B O   1 
HETATM 1280 O  O   . HOH C 3 .   ? -4.416  5.140   -8.557  1.00 24.93 ? 357 HOH B O   1 
HETATM 1281 O  O   . HOH C 3 .   ? 2.850   -1.820  -16.245 1.00 37.65 ? 358 HOH B O   1 
HETATM 1282 O  O   . HOH C 3 .   ? 0.132   -2.729  -16.842 1.00 52.55 ? 359 HOH B O   1 
HETATM 1283 O  O   . HOH C 3 .   ? 0.584   -19.704 -13.652 1.00 22.89 ? 360 HOH B O   1 
HETATM 1284 O  O   . HOH C 3 .   ? -0.272  3.448   -13.311 1.00 29.39 ? 361 HOH B O   1 
HETATM 1285 O  O   . HOH C 3 .   ? 19.280  15.109  -4.593  1.00 50.36 ? 362 HOH B O   1 
HETATM 1286 O  O   . HOH C 3 .   ? -9.122  -1.770  -16.441 1.00 30.73 ? 363 HOH B O   1 
HETATM 1287 O  O   . HOH C 3 .   ? 11.158  11.384  14.247  1.00 27.25 ? 364 HOH B O   1 
HETATM 1288 O  O   . HOH C 3 .   ? 0.118   6.248   24.064  1.00 32.33 ? 365 HOH B O   1 
HETATM 1289 O  O   . HOH C 3 .   ? -3.959  -4.484  -17.701 1.00 35.05 ? 366 HOH B O   1 
HETATM 1290 O  O   . HOH C 3 .   ? 0.340   19.887  7.919   1.00 37.18 ? 367 HOH B O   1 
HETATM 1291 O  O   . HOH C 3 .   ? -8.381  8.319   -1.950  1.00 29.12 ? 368 HOH B O   1 
HETATM 1292 O  O   . HOH C 3 .   ? -14.821 -10.483 0.640   1.00 32.56 ? 369 HOH B O   1 
HETATM 1293 O  O   . HOH C 3 .   ? 6.708   1.483   18.037  1.00 52.65 ? 370 HOH B O   1 
HETATM 1294 O  O   . HOH C 3 .   ? 9.594   15.831  14.798  1.00 21.17 ? 371 HOH B O   1 
HETATM 1295 O  O   . HOH C 3 .   ? -5.594  -11.348 4.976   1.00 21.71 ? 372 HOH B O   1 
HETATM 1296 O  O   . HOH C 3 .   ? -3.829  8.215   -8.222  1.00 34.85 ? 373 HOH B O   1 
HETATM 1297 O  O   . HOH C 3 .   ? 7.592   16.806  11.527  1.00 26.82 ? 374 HOH B O   1 
HETATM 1298 O  O   . HOH C 3 .   ? -10.140 10.264  5.010   1.00 34.32 ? 375 HOH B O   1 
HETATM 1299 O  O   . HOH C 3 .   ? -6.384  -9.033  9.411   1.00 44.40 ? 376 HOH B O   1 
HETATM 1300 O  O   . HOH C 3 .   ? 4.562   -23.170 -5.395  1.00 28.63 ? 377 HOH B O   1 
HETATM 1301 O  O   . HOH C 3 .   ? 14.591  4.088   0.998   1.00 33.28 ? 378 HOH B O   1 
HETATM 1302 O  O   . HOH C 3 .   ? 12.175  0.607   5.144   1.00 12.78 ? 379 HOH B O   1 
HETATM 1303 O  O   . HOH C 3 .   ? 13.972  14.112  6.084   1.00 22.33 ? 380 HOH B O   1 
HETATM 1304 O  O   . HOH C 3 .   ? -0.073  1.935   17.078  1.00 17.67 ? 381 HOH B O   1 
HETATM 1305 O  O   . HOH C 3 .   ? 6.078   -3.949  -15.245 1.00 48.58 ? 382 HOH B O   1 
HETATM 1306 O  O   . HOH C 3 .   ? 2.589   -14.722 -19.447 1.00 41.67 ? 383 HOH B O   1 
HETATM 1307 O  O   . HOH C 3 .   ? 0.279   18.948  15.236  1.00 44.22 ? 384 HOH B O   1 
HETATM 1308 O  O   . HOH C 3 .   ? -9.598  -21.342 -6.823  0.50 20.23 ? 385 HOH B O   1 
HETATM 1309 O  O   . HOH C 3 .   ? -7.676  6.023   19.789  1.00 38.12 ? 386 HOH B O   1 
HETATM 1310 O  O   . HOH C 3 .   ? -9.540  -19.575 -12.189 1.00 24.06 ? 387 HOH B O   1 
HETATM 1311 O  O   . HOH C 3 .   ? -4.542  -1.690  12.828  1.00 40.58 ? 388 HOH B O   1 
HETATM 1312 O  O   . HOH C 3 .   ? 4.741   19.424  12.813  1.00 43.57 ? 389 HOH B O   1 
HETATM 1313 O  O   . HOH C 3 .   ? 2.952   -13.836 -12.838 1.00 36.29 ? 390 HOH B O   1 
HETATM 1314 O  O   . HOH C 3 .   ? -3.645  0.209   14.851  1.00 37.76 ? 391 HOH B O   1 
HETATM 1315 O  O   . HOH C 3 .   ? -11.163 -15.387 -14.214 1.00 21.17 ? 392 HOH B O   1 
HETATM 1316 O  O   . HOH C 3 .   ? -1.431  -13.341 -21.302 1.00 51.21 ? 393 HOH B O   1 
HETATM 1317 O  O   . HOH C 3 .   ? -12.336 -7.874  6.882   1.00 45.86 ? 394 HOH B O   1 
HETATM 1318 O  O   . HOH C 3 .   ? 11.229  17.728  8.134   1.00 42.21 ? 395 HOH B O   1 
HETATM 1319 O  O   . HOH C 3 .   ? 1.478   -10.137 -19.782 1.00 42.35 ? 396 HOH B O   1 
HETATM 1320 O  O   . HOH C 3 .   ? -19.098 -6.621  1.003   1.00 45.73 ? 397 HOH B O   1 
HETATM 1321 O  O   . HOH C 3 .   ? 12.444  -8.400  13.431  1.00 51.40 ? 398 HOH B O   1 
HETATM 1322 O  O   . HOH C 3 .   ? -1.893  -0.423  -20.857 1.00 47.09 ? 399 HOH B O   1 
# 
